data_8URD
#
_entry.id   8URD
#
_cell.length_a   1.00
_cell.length_b   1.00
_cell.length_c   1.00
_cell.angle_alpha   90.00
_cell.angle_beta   90.00
_cell.angle_gamma   90.00
#
_symmetry.space_group_name_H-M   'P 1'
#
loop_
_entity.id
_entity.type
_entity.pdbx_description
1 polymer 'Flavin monooxygenase'
2 non-polymer 'FLAVIN-ADENINE DINUCLEOTIDE'
3 non-polymer pyridine-2,6-diol
4 non-polymer '1-CIS-9-OCTADECANOYL-2-CIS-9-HEXADECANOYL PHOSPHATIDYL GLYCEROL'
#
_entity_poly.entity_id   1
_entity_poly.type   'polypeptide(L)'
_entity_poly.pdbx_seq_one_letter_code
;MGSSHHHHHHSSGENLYFQGHMEELIKEVQSDVCIVGAGPAGMLLGLLLAKQGLEVIVLEQNGDFHREYRGEITQPRFVQ
LMKQLNLLDYIESNSHVKIPEVNVFHNNVKIMQLAFNTLIDEESYCARLTQPTLLSALLDKAKKYPNFKLLFNTKVRDLL
REDGKVTGVYAVAKPGEQINFTEDEVFEGNLNIKSRVTVGVDGRNSTMEKLGNFELELDYYDNDLLWFSFEKPESWDYNI
YHFYFQKNYNYLFLPKLGGYIQCGISLTKGEYQKIKKEGIESFKEKILEDMPILKQHFDTVTDFKSFVQLLCRMRYIKDW
AKEEGCMLIGDAAHCVTPWGAVGSTLAMGTAVIAADVIYKGFKNNDLSLETLKQVQSRRKEEVKMIQNLQLTIEKFLTRE
PIKKEIAPLMFSIATKMPDITNLYKKLFTREFPLDIDESFIFHDELVEAN
;
_entity_poly.pdbx_strand_id   A,B,C
#
loop_
_chem_comp.id
_chem_comp.type
_chem_comp.name
_chem_comp.formula
DR9 non-polymer '1-CIS-9-OCTADECANOYL-2-CIS-9-HEXADECANOYL PHOSPHATIDYL GLYCEROL' 'C40 H75 O10 P'
FAD non-polymer 'FLAVIN-ADENINE DINUCLEOTIDE' 'C27 H33 N9 O15 P2'
WTQ non-polymer pyridine-2,6-diol 'C5 H5 N O2'
#
# COMPACT_ATOMS: atom_id res chain seq x y z
N GLU A 28 -24.82 -63.46 5.86
CA GLU A 28 -25.51 -62.79 4.76
C GLU A 28 -26.82 -62.16 5.23
N VAL A 29 -26.89 -60.82 5.17
CA VAL A 29 -28.09 -60.09 5.53
C VAL A 29 -28.31 -58.99 4.50
N GLN A 30 -29.56 -58.83 4.08
CA GLN A 30 -29.94 -57.84 3.09
C GLN A 30 -30.42 -56.56 3.77
N SER A 31 -30.22 -55.45 3.08
CA SER A 31 -30.71 -54.15 3.54
C SER A 31 -30.84 -53.24 2.34
N ASP A 32 -31.41 -52.06 2.57
CA ASP A 32 -31.61 -51.09 1.50
C ASP A 32 -30.64 -49.93 1.55
N VAL A 33 -30.08 -49.61 2.71
CA VAL A 33 -29.07 -48.57 2.86
C VAL A 33 -27.97 -49.11 3.75
N CYS A 34 -26.72 -48.96 3.31
CA CYS A 34 -25.55 -49.43 4.05
C CYS A 34 -24.63 -48.25 4.31
N ILE A 35 -24.48 -47.88 5.57
CA ILE A 35 -23.59 -46.79 5.98
C ILE A 35 -22.43 -47.40 6.74
N VAL A 36 -21.21 -47.03 6.34
CA VAL A 36 -19.99 -47.57 6.92
C VAL A 36 -19.40 -46.46 7.79
N GLY A 37 -19.73 -46.52 9.08
CA GLY A 37 -19.31 -45.50 10.03
C GLY A 37 -20.50 -44.85 10.70
N ALA A 38 -20.39 -44.61 12.00
CA ALA A 38 -21.48 -44.05 12.80
C ALA A 38 -21.01 -42.81 13.54
N GLY A 39 -20.31 -41.92 12.85
CA GLY A 39 -19.96 -40.64 13.42
C GLY A 39 -21.11 -39.66 13.30
N PRO A 40 -20.85 -38.38 13.54
CA PRO A 40 -21.90 -37.36 13.36
C PRO A 40 -22.59 -37.48 12.02
N ALA A 41 -21.81 -37.42 10.93
CA ALA A 41 -22.41 -37.46 9.60
C ALA A 41 -23.10 -38.79 9.34
N GLY A 42 -22.44 -39.90 9.66
CA GLY A 42 -23.02 -41.20 9.37
C GLY A 42 -24.31 -41.45 10.11
N MET A 43 -24.32 -41.17 11.41
CA MET A 43 -25.50 -41.46 12.22
C MET A 43 -26.68 -40.62 11.75
N LEU A 44 -26.49 -39.32 11.59
CA LEU A 44 -27.59 -38.45 11.18
C LEU A 44 -28.19 -38.91 9.86
N LEU A 45 -27.34 -39.42 8.96
CA LEU A 45 -27.87 -40.02 7.74
C LEU A 45 -28.69 -41.25 8.04
N GLY A 46 -28.20 -42.11 8.94
CA GLY A 46 -28.93 -43.33 9.23
C GLY A 46 -30.28 -43.07 9.86
N LEU A 47 -30.32 -42.26 10.91
CA LEU A 47 -31.60 -41.90 11.54
C LEU A 47 -32.54 -41.30 10.54
N LEU A 48 -32.06 -40.29 9.80
CA LEU A 48 -32.95 -39.59 8.89
C LEU A 48 -33.53 -40.51 7.84
N LEU A 49 -32.91 -41.66 7.60
CA LEU A 49 -33.42 -42.63 6.65
C LEU A 49 -34.29 -43.68 7.30
N ALA A 50 -33.96 -44.11 8.52
CA ALA A 50 -34.80 -45.06 9.23
C ALA A 50 -36.18 -44.48 9.50
N LYS A 51 -36.24 -43.20 9.85
CA LYS A 51 -37.52 -42.55 10.05
C LYS A 51 -38.36 -42.51 8.78
N GLN A 52 -37.70 -42.69 7.63
CA GLN A 52 -38.40 -42.60 6.34
C GLN A 52 -38.94 -43.94 5.87
N GLY A 53 -38.86 -44.96 6.70
CA GLY A 53 -39.41 -46.25 6.36
C GLY A 53 -38.52 -47.10 5.51
N LEU A 54 -37.21 -46.87 5.52
CA LEU A 54 -36.26 -47.66 4.75
C LEU A 54 -35.48 -48.58 5.68
N GLU A 55 -34.92 -49.64 5.11
CA GLU A 55 -34.11 -50.58 5.86
C GLU A 55 -32.69 -50.02 5.95
N VAL A 56 -32.30 -49.56 7.13
CA VAL A 56 -31.06 -48.84 7.34
C VAL A 56 -30.18 -49.64 8.29
N ILE A 57 -28.93 -49.86 7.90
CA ILE A 57 -27.94 -50.55 8.73
C ILE A 57 -26.69 -49.70 8.78
N VAL A 58 -26.13 -49.54 9.98
CA VAL A 58 -24.96 -48.70 10.21
C VAL A 58 -23.86 -49.56 10.83
N LEU A 59 -22.65 -49.43 10.31
CA LEU A 59 -21.50 -50.23 10.73
C LEU A 59 -20.44 -49.35 11.38
N GLU A 60 -19.80 -49.87 12.43
CA GLU A 60 -18.69 -49.17 13.07
C GLU A 60 -17.72 -50.20 13.63
N GLN A 61 -16.49 -49.74 13.86
CA GLN A 61 -15.40 -50.61 14.29
C GLN A 61 -15.10 -50.50 15.78
N ASN A 62 -15.24 -49.31 16.37
CA ASN A 62 -14.91 -49.13 17.77
C ASN A 62 -15.84 -49.96 18.66
N GLY A 63 -15.32 -50.37 19.81
CA GLY A 63 -16.12 -51.08 20.78
C GLY A 63 -17.14 -50.21 21.51
N ASP A 64 -17.06 -48.90 21.33
CA ASP A 64 -18.04 -47.98 21.89
C ASP A 64 -17.73 -46.59 21.35
N PHE A 65 -18.67 -45.67 21.59
CA PHE A 65 -18.49 -44.29 21.14
C PHE A 65 -17.38 -43.56 21.90
N HIS A 66 -16.88 -44.14 22.99
CA HIS A 66 -15.94 -43.45 23.88
C HIS A 66 -14.49 -43.81 23.63
N ARG A 67 -14.19 -44.68 22.66
CA ARG A 67 -12.84 -45.21 22.55
C ARG A 67 -11.84 -44.14 22.17
N GLU A 68 -12.12 -43.36 21.13
CA GLU A 68 -11.18 -42.38 20.59
C GLU A 68 -11.77 -40.98 20.73
N TYR A 69 -10.96 -40.05 21.19
CA TYR A 69 -11.39 -38.67 21.32
C TYR A 69 -11.59 -38.05 19.95
N ARG A 70 -12.71 -37.35 19.76
CA ARG A 70 -13.03 -36.72 18.49
C ARG A 70 -13.67 -35.35 18.68
N GLY A 71 -13.32 -34.64 19.75
CA GLY A 71 -13.70 -33.24 19.91
C GLY A 71 -14.91 -33.05 20.80
N GLU A 72 -15.08 -31.79 21.22
CA GLU A 72 -16.14 -31.40 22.13
C GLU A 72 -16.86 -30.10 21.78
N ILE A 73 -16.40 -29.34 20.79
CA ILE A 73 -16.90 -27.99 20.54
C ILE A 73 -17.71 -27.98 19.24
N THR A 74 -18.63 -27.02 19.15
CA THR A 74 -19.55 -26.92 18.01
C THR A 74 -19.73 -25.46 17.64
N GLN A 75 -20.44 -25.20 16.55
CA GLN A 75 -20.59 -23.82 16.07
C GLN A 75 -22.04 -23.45 15.79
N PRO A 76 -22.35 -22.16 15.70
CA PRO A 76 -23.73 -21.68 15.54
C PRO A 76 -24.46 -22.32 14.37
N ARG A 77 -23.73 -22.78 13.35
CA ARG A 77 -24.37 -23.57 12.30
C ARG A 77 -25.00 -24.84 12.86
N PHE A 78 -24.40 -25.42 13.90
CA PHE A 78 -24.94 -26.64 14.49
C PHE A 78 -26.31 -26.39 15.09
N VAL A 79 -26.49 -25.27 15.79
CA VAL A 79 -27.81 -24.94 16.32
C VAL A 79 -28.79 -24.74 15.16
N GLN A 80 -28.33 -24.13 14.07
CA GLN A 80 -29.20 -23.91 12.93
C GLN A 80 -29.70 -25.22 12.36
N LEU A 81 -28.82 -26.20 12.22
CA LEU A 81 -29.24 -27.47 11.63
C LEU A 81 -30.29 -28.15 12.51
N MET A 82 -30.12 -28.09 13.83
CA MET A 82 -31.10 -28.71 14.73
C MET A 82 -32.45 -28.03 14.62
N LYS A 83 -32.48 -26.70 14.73
CA LYS A 83 -33.77 -26.00 14.73
C LYS A 83 -34.52 -26.24 13.43
N GLN A 84 -33.81 -26.37 12.31
CA GLN A 84 -34.46 -26.77 11.06
C GLN A 84 -35.04 -28.17 11.18
N LEU A 85 -34.31 -29.09 11.81
CA LEU A 85 -34.79 -30.45 12.03
C LEU A 85 -35.67 -30.58 13.26
N ASN A 86 -35.84 -29.49 14.03
CA ASN A 86 -36.72 -29.50 15.19
C ASN A 86 -36.20 -30.43 16.29
N LEU A 87 -34.90 -30.67 16.31
CA LEU A 87 -34.26 -31.47 17.35
C LEU A 87 -33.49 -30.63 18.35
N LEU A 88 -33.57 -29.30 18.26
CA LEU A 88 -32.79 -28.45 19.15
C LEU A 88 -33.16 -28.72 20.61
N ASP A 89 -34.44 -28.77 20.91
CA ASP A 89 -34.88 -28.99 22.28
C ASP A 89 -34.33 -30.31 22.83
N TYR A 90 -34.42 -31.38 22.04
CA TYR A 90 -33.91 -32.67 22.48
C TYR A 90 -32.42 -32.58 22.80
N ILE A 91 -31.65 -31.90 21.94
CA ILE A 91 -30.20 -31.82 22.15
C ILE A 91 -29.89 -31.09 23.45
N GLU A 92 -30.53 -29.95 23.68
CA GLU A 92 -30.23 -29.16 24.86
C GLU A 92 -30.62 -29.91 26.12
N SER A 93 -31.49 -30.90 25.98
CA SER A 93 -31.92 -31.72 27.11
C SER A 93 -30.77 -32.52 27.64
N ASN A 94 -29.83 -32.85 26.76
CA ASN A 94 -28.65 -33.59 27.18
C ASN A 94 -27.69 -32.57 27.72
N SER A 95 -26.51 -33.02 28.13
CA SER A 95 -25.54 -32.11 28.75
C SER A 95 -24.82 -31.22 27.75
N HIS A 96 -24.61 -29.95 28.10
CA HIS A 96 -23.87 -29.04 27.24
C HIS A 96 -23.60 -27.73 27.93
N VAL A 97 -22.61 -26.99 27.47
CA VAL A 97 -22.34 -25.66 28.00
C VAL A 97 -22.38 -24.67 26.84
N LYS A 98 -22.70 -23.42 27.16
CA LYS A 98 -22.80 -22.36 26.16
C LYS A 98 -21.54 -21.51 26.21
N ILE A 99 -20.99 -21.22 25.04
CA ILE A 99 -19.82 -20.35 24.89
C ILE A 99 -20.26 -19.15 24.06
N PRO A 100 -20.64 -18.05 24.69
CA PRO A 100 -21.35 -17.01 23.94
C PRO A 100 -20.50 -16.28 22.91
N GLU A 101 -19.30 -15.79 23.27
CA GLU A 101 -18.45 -15.05 22.35
C GLU A 101 -17.12 -15.78 22.13
N VAL A 102 -16.32 -15.21 21.22
CA VAL A 102 -14.94 -15.61 21.00
C VAL A 102 -14.08 -14.36 21.05
N ASN A 103 -12.93 -14.47 21.72
CA ASN A 103 -12.01 -13.36 21.93
C ASN A 103 -10.62 -13.73 21.44
N VAL A 104 -9.92 -12.75 20.89
CA VAL A 104 -8.54 -12.90 20.43
C VAL A 104 -7.69 -11.85 21.11
N PHE A 105 -6.53 -12.27 21.63
CA PHE A 105 -5.63 -11.41 22.39
C PHE A 105 -4.31 -11.28 21.66
N HIS A 106 -3.50 -10.32 22.12
CA HIS A 106 -2.15 -10.12 21.58
C HIS A 106 -1.27 -9.63 22.72
N ASN A 107 -0.31 -10.44 23.13
CA ASN A 107 0.56 -10.09 24.26
C ASN A 107 -0.28 -9.72 25.48
N ASN A 108 -1.40 -10.44 25.66
CA ASN A 108 -2.28 -10.30 26.81
C ASN A 108 -3.16 -9.06 26.75
N VAL A 109 -3.44 -8.53 25.56
CA VAL A 109 -4.42 -7.47 25.38
C VAL A 109 -5.37 -7.88 24.26
N LYS A 110 -6.67 -7.68 24.49
CA LYS A 110 -7.68 -8.08 23.52
C LYS A 110 -7.61 -7.21 22.27
N ILE A 111 -7.76 -7.83 21.11
CA ILE A 111 -7.71 -7.11 19.84
C ILE A 111 -9.00 -7.31 19.06
N MET A 112 -9.68 -8.43 19.26
CA MET A 112 -10.90 -8.74 18.53
C MET A 112 -11.91 -9.40 19.47
N GLN A 113 -13.17 -9.01 19.34
CA GLN A 113 -14.25 -9.56 20.13
C GLN A 113 -15.46 -9.76 19.23
N LEU A 114 -16.21 -10.82 19.48
CA LEU A 114 -17.37 -11.14 18.67
C LEU A 114 -18.36 -11.94 19.49
N ALA A 115 -19.62 -11.51 19.46
CA ALA A 115 -20.72 -12.26 20.05
C ALA A 115 -21.51 -12.91 18.92
N PHE A 116 -21.76 -14.21 19.03
CA PHE A 116 -22.41 -14.98 17.99
C PHE A 116 -23.91 -14.78 17.94
N ASN A 117 -24.50 -14.11 18.94
CA ASN A 117 -25.93 -13.83 18.93
C ASN A 117 -26.29 -12.61 18.10
N THR A 118 -25.32 -11.77 17.74
CA THR A 118 -25.56 -10.63 16.86
C THR A 118 -25.35 -10.96 15.39
N LEU A 119 -24.92 -12.18 15.08
CA LEU A 119 -24.71 -12.54 13.68
C LEU A 119 -26.03 -12.80 12.97
N ILE A 120 -27.03 -13.32 13.67
CA ILE A 120 -28.33 -13.60 13.10
C ILE A 120 -29.41 -13.19 14.08
N ASP A 121 -30.62 -12.97 13.55
CA ASP A 121 -31.75 -12.65 14.40
C ASP A 121 -32.11 -13.82 15.31
N GLU A 122 -32.07 -15.04 14.77
CA GLU A 122 -32.36 -16.21 15.58
C GLU A 122 -31.28 -16.40 16.63
N GLU A 123 -31.58 -17.25 17.61
CA GLU A 123 -30.65 -17.47 18.71
C GLU A 123 -29.48 -18.34 18.23
N SER A 124 -28.26 -17.89 18.50
CA SER A 124 -27.07 -18.57 18.04
C SER A 124 -25.99 -18.53 19.12
N TYR A 125 -25.27 -19.63 19.28
CA TYR A 125 -24.24 -19.73 20.28
C TYR A 125 -23.32 -20.89 19.93
N CYS A 126 -22.15 -20.91 20.56
CA CYS A 126 -21.34 -22.11 20.56
C CYS A 126 -21.69 -22.99 21.74
N ALA A 127 -21.50 -24.29 21.55
CA ALA A 127 -21.84 -25.28 22.55
C ALA A 127 -20.63 -26.14 22.84
N ARG A 128 -20.40 -26.43 24.11
CA ARG A 128 -19.36 -27.36 24.54
C ARG A 128 -19.82 -28.80 24.52
N LEU A 129 -20.84 -29.11 23.72
CA LEU A 129 -21.48 -30.42 23.72
C LEU A 129 -20.51 -31.49 23.25
N THR A 130 -20.07 -32.34 24.17
CA THR A 130 -19.17 -33.42 23.82
C THR A 130 -19.86 -34.40 22.87
N GLN A 131 -19.07 -35.03 22.00
CA GLN A 131 -19.64 -35.87 20.96
C GLN A 131 -20.41 -37.07 21.50
N PRO A 132 -19.85 -37.91 22.37
CA PRO A 132 -20.58 -39.13 22.78
C PRO A 132 -21.95 -38.84 23.38
N THR A 133 -22.10 -37.77 24.18
CA THR A 133 -23.41 -37.41 24.67
C THR A 133 -24.33 -36.93 23.56
N LEU A 134 -23.79 -36.66 22.37
CA LEU A 134 -24.61 -36.36 21.21
C LEU A 134 -24.88 -37.60 20.38
N LEU A 135 -23.87 -38.42 20.14
CA LEU A 135 -24.08 -39.64 19.37
C LEU A 135 -25.03 -40.59 20.08
N SER A 136 -24.86 -40.77 21.39
CA SER A 136 -25.77 -41.64 22.12
C SER A 136 -27.19 -41.12 22.05
N ALA A 137 -27.38 -39.81 22.22
CA ALA A 137 -28.71 -39.23 22.10
C ALA A 137 -29.32 -39.54 20.75
N LEU A 138 -28.51 -39.51 19.69
CA LEU A 138 -28.99 -39.91 18.38
C LEU A 138 -29.33 -41.39 18.33
N LEU A 139 -28.55 -42.22 19.04
CA LEU A 139 -28.79 -43.66 19.02
C LEU A 139 -30.09 -44.01 19.73
N ASP A 140 -30.29 -43.48 20.94
CA ASP A 140 -31.49 -43.81 21.69
C ASP A 140 -32.74 -43.41 20.92
N LYS A 141 -32.74 -42.20 20.36
CA LYS A 141 -33.86 -41.77 19.53
C LYS A 141 -34.00 -42.66 18.30
N ALA A 142 -32.88 -43.04 17.69
CA ALA A 142 -32.92 -43.76 16.43
C ALA A 142 -33.41 -45.20 16.60
N LYS A 143 -32.98 -45.88 17.66
CA LYS A 143 -33.30 -47.30 17.79
C LYS A 143 -34.79 -47.55 17.95
N LYS A 144 -35.58 -46.53 18.31
CA LYS A 144 -37.02 -46.72 18.40
C LYS A 144 -37.60 -47.25 17.10
N TYR A 145 -37.06 -46.82 15.97
CA TYR A 145 -37.52 -47.31 14.69
C TYR A 145 -37.11 -48.77 14.51
N PRO A 146 -38.00 -49.64 14.01
CA PRO A 146 -37.62 -51.05 13.86
C PRO A 146 -36.77 -51.34 12.64
N ASN A 147 -36.79 -50.47 11.63
CA ASN A 147 -36.00 -50.66 10.42
C ASN A 147 -34.58 -50.11 10.56
N PHE A 148 -34.27 -49.47 11.68
CA PHE A 148 -32.91 -49.06 11.99
C PHE A 148 -32.15 -50.23 12.58
N LYS A 149 -30.89 -50.40 12.19
CA LYS A 149 -30.02 -51.41 12.74
C LYS A 149 -28.61 -50.85 12.87
N LEU A 150 -27.95 -51.19 13.97
CA LEU A 150 -26.59 -50.75 14.25
C LEU A 150 -25.77 -51.93 14.75
N LEU A 151 -24.48 -51.92 14.43
CA LEU A 151 -23.56 -52.97 14.85
C LEU A 151 -22.26 -52.34 15.32
N PHE A 152 -21.53 -53.08 16.15
CA PHE A 152 -20.23 -52.66 16.65
C PHE A 152 -19.23 -53.79 16.42
N ASN A 153 -17.96 -53.40 16.28
CA ASN A 153 -16.85 -54.30 15.95
C ASN A 153 -16.94 -54.85 14.55
N THR A 154 -17.89 -54.38 13.73
CA THR A 154 -18.07 -54.84 12.36
C THR A 154 -17.19 -54.01 11.44
N LYS A 155 -15.94 -54.43 11.30
CA LYS A 155 -14.98 -53.72 10.45
C LYS A 155 -15.14 -54.20 9.01
N VAL A 156 -15.66 -53.32 8.15
CA VAL A 156 -15.74 -53.64 6.73
C VAL A 156 -14.34 -53.69 6.13
N ARG A 157 -14.13 -54.66 5.23
CA ARG A 157 -12.83 -54.87 4.63
C ARG A 157 -12.81 -54.73 3.11
N ASP A 158 -13.84 -55.22 2.43
CA ASP A 158 -13.88 -55.18 0.97
C ASP A 158 -15.26 -54.71 0.53
N LEU A 159 -15.32 -54.18 -0.69
CA LEU A 159 -16.56 -53.72 -1.30
C LEU A 159 -16.96 -54.67 -2.42
N LEU A 160 -18.25 -54.99 -2.50
CA LEU A 160 -18.76 -55.93 -3.49
C LEU A 160 -19.05 -55.23 -4.81
N ARG A 161 -18.01 -54.56 -5.32
CA ARG A 161 -18.12 -53.81 -6.58
C ARG A 161 -18.29 -54.81 -7.72
N GLU A 162 -19.52 -54.96 -8.20
CA GLU A 162 -19.86 -55.93 -9.22
C GLU A 162 -20.62 -55.25 -10.35
N ASP A 163 -20.19 -55.51 -11.58
CA ASP A 163 -20.81 -54.91 -12.77
C ASP A 163 -20.77 -53.38 -12.71
N GLY A 164 -19.68 -52.84 -12.19
CA GLY A 164 -19.52 -51.40 -12.09
C GLY A 164 -20.34 -50.75 -10.99
N LYS A 165 -20.95 -51.53 -10.10
CA LYS A 165 -21.75 -50.99 -9.01
C LYS A 165 -21.51 -51.81 -7.76
N VAL A 166 -21.72 -51.17 -6.61
CA VAL A 166 -21.43 -51.77 -5.32
C VAL A 166 -22.63 -52.63 -4.91
N THR A 167 -22.43 -53.94 -4.84
CA THR A 167 -23.47 -54.85 -4.39
C THR A 167 -23.64 -54.83 -2.87
N GLY A 168 -22.64 -54.35 -2.14
CA GLY A 168 -22.72 -54.28 -0.70
C GLY A 168 -21.38 -54.04 -0.05
N VAL A 169 -21.11 -54.73 1.05
CA VAL A 169 -19.82 -54.65 1.72
C VAL A 169 -19.53 -56.00 2.38
N TYR A 170 -18.26 -56.38 2.40
CA TYR A 170 -17.81 -57.56 3.11
C TYR A 170 -17.11 -57.11 4.38
N ALA A 171 -17.50 -57.69 5.51
CA ALA A 171 -17.02 -57.25 6.81
C ALA A 171 -16.68 -58.46 7.68
N VAL A 172 -16.04 -58.18 8.81
CA VAL A 172 -15.72 -59.17 9.83
C VAL A 172 -16.20 -58.66 11.17
N ALA A 173 -17.02 -59.46 11.85
CA ALA A 173 -17.58 -59.09 13.14
C ALA A 173 -16.80 -59.73 14.27
N LYS A 174 -16.90 -59.14 15.45
CA LYS A 174 -16.19 -59.63 16.63
C LYS A 174 -17.08 -59.56 17.86
N LEU A 191 -19.57 -60.89 7.21
CA LEU A 191 -20.91 -60.52 6.77
C LEU A 191 -20.87 -59.83 5.41
N ASN A 192 -21.69 -60.33 4.49
CA ASN A 192 -21.82 -59.75 3.15
C ASN A 192 -23.16 -59.01 3.12
N ILE A 193 -23.13 -57.74 3.54
CA ILE A 193 -24.34 -56.93 3.68
C ILE A 193 -24.61 -56.22 2.37
N LYS A 194 -25.68 -56.60 1.70
CA LYS A 194 -26.02 -56.10 0.37
C LYS A 194 -27.02 -54.97 0.49
N SER A 195 -26.79 -53.89 -0.25
CA SER A 195 -27.65 -52.72 -0.18
C SER A 195 -27.62 -51.98 -1.51
N ARG A 196 -28.65 -51.17 -1.73
CA ARG A 196 -28.72 -50.35 -2.94
C ARG A 196 -27.66 -49.25 -2.91
N VAL A 197 -27.50 -48.59 -1.77
CA VAL A 197 -26.55 -47.49 -1.62
C VAL A 197 -25.55 -47.88 -0.53
N THR A 198 -24.27 -47.63 -0.77
CA THR A 198 -23.20 -47.92 0.17
C THR A 198 -22.41 -46.63 0.40
N VAL A 199 -22.79 -45.87 1.42
CA VAL A 199 -22.23 -44.54 1.68
C VAL A 199 -21.19 -44.66 2.78
N GLY A 200 -20.01 -44.09 2.54
CA GLY A 200 -18.90 -44.21 3.47
C GLY A 200 -18.66 -42.92 4.25
N VAL A 201 -18.64 -43.06 5.58
CA VAL A 201 -18.42 -41.95 6.48
C VAL A 201 -17.24 -42.29 7.40
N ASP A 202 -16.24 -42.98 6.86
CA ASP A 202 -15.14 -43.46 7.69
C ASP A 202 -14.42 -42.33 8.42
N GLY A 203 -14.13 -41.24 7.72
CA GLY A 203 -13.41 -40.12 8.29
C GLY A 203 -12.16 -39.80 7.50
N ARG A 204 -11.39 -38.84 8.01
CA ARG A 204 -10.21 -38.40 7.28
C ARG A 204 -9.25 -39.55 7.04
N ASN A 205 -9.07 -40.42 8.04
CA ASN A 205 -8.27 -41.62 7.86
C ASN A 205 -9.12 -42.69 7.20
N SER A 206 -9.71 -42.37 6.05
CA SER A 206 -10.71 -43.24 5.46
C SER A 206 -10.08 -44.51 4.92
N THR A 207 -10.70 -45.65 5.23
CA THR A 207 -10.33 -46.91 4.61
C THR A 207 -11.03 -47.14 3.28
N MET A 208 -12.15 -46.48 3.05
CA MET A 208 -12.90 -46.60 1.79
C MET A 208 -12.50 -45.54 0.77
N GLU A 209 -11.52 -44.69 1.07
CA GLU A 209 -10.98 -43.82 0.04
C GLU A 209 -10.10 -44.59 -0.93
N LYS A 210 -9.58 -45.75 -0.53
CA LYS A 210 -8.79 -46.60 -1.40
C LYS A 210 -9.60 -47.73 -2.03
N LEU A 211 -10.48 -48.36 -1.26
CA LEU A 211 -11.38 -49.34 -1.86
C LEU A 211 -12.14 -48.72 -3.02
N GLY A 212 -12.70 -47.54 -2.81
CA GLY A 212 -13.13 -46.72 -3.92
C GLY A 212 -11.92 -46.06 -4.56
N ASN A 213 -12.02 -45.83 -5.87
CA ASN A 213 -10.90 -45.30 -6.64
C ASN A 213 -10.95 -43.77 -6.68
N PHE A 214 -10.97 -43.19 -5.49
CA PHE A 214 -11.08 -41.74 -5.34
C PHE A 214 -9.71 -41.09 -5.42
N GLU A 215 -9.69 -39.87 -5.95
CA GLU A 215 -8.46 -39.11 -6.14
C GLU A 215 -8.49 -37.88 -5.25
N LEU A 216 -7.39 -37.63 -4.54
CA LEU A 216 -7.30 -36.50 -3.63
C LEU A 216 -7.06 -35.22 -4.43
N GLU A 217 -8.07 -34.35 -4.49
CA GLU A 217 -7.92 -33.07 -5.17
C GLU A 217 -7.07 -32.09 -4.39
N LEU A 218 -6.80 -32.37 -3.12
CA LEU A 218 -6.03 -31.47 -2.27
C LEU A 218 -5.52 -32.25 -1.07
N ASP A 219 -4.37 -31.84 -0.55
CA ASP A 219 -3.85 -32.43 0.69
C ASP A 219 -2.92 -31.39 1.32
N TYR A 220 -3.41 -30.72 2.34
CA TYR A 220 -2.71 -29.61 2.98
C TYR A 220 -2.35 -30.02 4.41
N TYR A 221 -1.07 -29.88 4.76
CA TYR A 221 -0.60 -30.21 6.10
C TYR A 221 0.66 -29.39 6.37
N ASP A 222 0.51 -28.31 7.13
CA ASP A 222 1.65 -27.45 7.43
C ASP A 222 1.64 -26.92 8.86
N ASN A 223 0.96 -27.59 9.79
CA ASN A 223 0.90 -27.11 11.18
C ASN A 223 0.50 -28.26 12.09
N ASP A 224 0.72 -28.07 13.38
CA ASP A 224 0.36 -29.05 14.40
C ASP A 224 -0.27 -28.32 15.57
N LEU A 225 -0.79 -29.10 16.51
CA LEU A 225 -1.25 -28.58 17.80
C LEU A 225 -0.80 -29.52 18.91
N LEU A 226 -0.50 -28.95 20.07
CA LEU A 226 -0.05 -29.70 21.24
C LEU A 226 -1.02 -29.44 22.39
N TRP A 227 -1.85 -30.45 22.70
CA TRP A 227 -2.95 -30.28 23.63
C TRP A 227 -2.56 -30.75 25.03
N PHE A 228 -3.08 -30.03 26.03
CA PHE A 228 -2.94 -30.44 27.42
C PHE A 228 -4.03 -29.76 28.21
N SER A 229 -4.49 -30.43 29.27
CA SER A 229 -5.57 -29.93 30.10
C SER A 229 -5.06 -29.64 31.51
N PHE A 230 -5.49 -28.51 32.06
CA PHE A 230 -5.09 -28.10 33.40
C PHE A 230 -6.30 -27.52 34.12
N GLU A 231 -6.13 -27.21 35.39
CA GLU A 231 -7.23 -26.74 36.21
C GLU A 231 -7.55 -25.28 35.93
N LYS A 232 -8.83 -24.96 35.99
CA LYS A 232 -9.28 -23.61 35.69
C LYS A 232 -8.70 -22.62 36.69
N PRO A 233 -8.04 -21.55 36.24
CA PRO A 233 -7.63 -20.51 37.19
C PRO A 233 -8.83 -19.79 37.77
N GLU A 234 -8.65 -19.31 39.01
CA GLU A 234 -9.77 -18.65 39.69
C GLU A 234 -10.24 -17.41 38.94
N SER A 235 -9.31 -16.63 38.40
CA SER A 235 -9.68 -15.40 37.70
C SER A 235 -10.40 -15.68 36.39
N TRP A 236 -10.22 -16.86 35.81
CA TRP A 236 -10.82 -17.19 34.52
C TRP A 236 -12.25 -17.69 34.71
N ASP A 237 -12.98 -17.73 33.60
CA ASP A 237 -14.28 -18.38 33.53
C ASP A 237 -14.11 -19.77 32.93
N TYR A 238 -15.24 -20.48 32.78
CA TYR A 238 -15.22 -21.82 32.20
C TYR A 238 -15.56 -21.79 30.72
N ASN A 239 -16.65 -21.14 30.34
CA ASN A 239 -17.10 -21.11 28.95
C ASN A 239 -16.32 -20.02 28.21
N ILE A 240 -15.10 -20.35 27.83
CA ILE A 240 -14.21 -19.40 27.16
C ILE A 240 -13.75 -19.99 25.83
N TYR A 241 -13.55 -19.10 24.86
CA TYR A 241 -13.02 -19.44 23.54
C TYR A 241 -11.96 -18.37 23.27
N HIS A 242 -10.73 -18.61 23.73
CA HIS A 242 -9.70 -17.59 23.78
C HIS A 242 -8.49 -18.02 22.96
N PHE A 243 -8.04 -17.15 22.06
CA PHE A 243 -6.85 -17.38 21.25
C PHE A 243 -5.85 -16.28 21.53
N TYR A 244 -4.59 -16.66 21.76
CA TYR A 244 -3.54 -15.74 22.17
C TYR A 244 -2.45 -15.67 21.11
N PHE A 245 -2.03 -14.45 20.78
CA PHE A 245 -0.80 -14.22 20.04
C PHE A 245 0.27 -13.80 21.03
N GLN A 246 1.31 -14.63 21.18
CA GLN A 246 2.34 -14.40 22.19
C GLN A 246 3.71 -14.42 21.54
N LYS A 247 4.74 -14.25 22.37
CA LYS A 247 6.11 -14.08 21.87
C LYS A 247 6.66 -15.36 21.28
N ASN A 248 6.53 -16.48 21.99
CA ASN A 248 7.11 -17.74 21.52
C ASN A 248 6.10 -18.56 20.74
N TYR A 249 4.92 -18.79 21.30
CA TYR A 249 3.92 -19.66 20.71
C TYR A 249 2.55 -19.02 20.81
N ASN A 250 1.62 -19.50 19.99
CA ASN A 250 0.24 -19.07 20.01
C ASN A 250 -0.62 -20.14 20.66
N TYR A 251 -1.54 -19.73 21.53
CA TYR A 251 -2.30 -20.65 22.37
C TYR A 251 -3.79 -20.51 22.12
N LEU A 252 -4.51 -21.60 22.39
CA LEU A 252 -5.96 -21.68 22.24
C LEU A 252 -6.52 -22.30 23.50
N PHE A 253 -7.40 -21.59 24.19
CA PHE A 253 -7.98 -22.03 25.45
C PHE A 253 -9.46 -22.36 25.25
N LEU A 254 -9.87 -23.53 25.69
CA LEU A 254 -11.23 -24.02 25.56
C LEU A 254 -11.61 -24.73 26.85
N PRO A 255 -12.91 -24.91 27.11
CA PRO A 255 -13.32 -25.66 28.31
C PRO A 255 -13.29 -27.16 28.07
N LYS A 256 -13.20 -27.89 29.18
CA LYS A 256 -13.14 -29.35 29.14
C LYS A 256 -13.37 -29.90 30.53
N LEU A 257 -14.04 -31.05 30.60
CA LEU A 257 -14.13 -31.93 31.76
C LEU A 257 -14.89 -31.33 32.93
N GLY A 258 -15.29 -30.06 32.85
CA GLY A 258 -15.97 -29.42 33.97
C GLY A 258 -14.96 -28.80 34.91
N GLY A 259 -14.98 -27.48 35.03
CA GLY A 259 -13.98 -26.81 35.83
C GLY A 259 -12.56 -27.06 35.38
N TYR A 260 -12.38 -27.50 34.13
CA TYR A 260 -11.06 -27.78 33.58
C TYR A 260 -10.91 -27.09 32.23
N ILE A 261 -9.67 -26.75 31.88
CA ILE A 261 -9.35 -26.00 30.69
C ILE A 261 -8.32 -26.78 29.90
N GLN A 262 -8.43 -26.69 28.57
CA GLN A 262 -7.47 -27.30 27.69
C GLN A 262 -6.77 -26.21 26.90
N CYS A 263 -5.49 -26.42 26.57
CA CYS A 263 -4.73 -25.46 25.80
C CYS A 263 -4.00 -26.18 24.68
N GLY A 264 -4.10 -25.63 23.47
CA GLY A 264 -3.39 -26.16 22.32
C GLY A 264 -2.31 -25.19 21.89
N ILE A 265 -1.07 -25.70 21.81
CA ILE A 265 0.09 -24.91 21.45
C ILE A 265 0.40 -25.17 19.98
N SER A 266 0.36 -24.11 19.17
CA SER A 266 0.51 -24.24 17.73
C SER A 266 1.98 -24.32 17.37
N LEU A 267 2.35 -25.37 16.64
CA LEU A 267 3.73 -25.61 16.26
C LEU A 267 3.79 -25.93 14.77
N THR A 268 4.93 -25.63 14.16
CA THR A 268 5.14 -25.93 12.76
C THR A 268 5.29 -27.43 12.55
N LYS A 269 4.97 -27.88 11.34
CA LYS A 269 5.15 -29.27 11.00
C LYS A 269 6.63 -29.65 11.12
N GLY A 270 6.90 -30.74 11.83
CA GLY A 270 8.26 -31.19 12.03
C GLY A 270 9.04 -30.41 13.06
N GLU A 271 8.40 -29.54 13.85
CA GLU A 271 9.08 -28.75 14.85
C GLU A 271 8.99 -29.34 16.25
N TYR A 272 8.02 -30.20 16.52
CA TYR A 272 7.94 -30.82 17.83
C TYR A 272 9.13 -31.75 18.08
N GLN A 273 9.59 -32.44 17.04
CA GLN A 273 10.71 -33.36 17.21
C GLN A 273 11.97 -32.64 17.66
N LYS A 274 12.01 -31.31 17.53
CA LYS A 274 13.14 -30.53 18.02
C LYS A 274 13.00 -30.15 19.49
N ILE A 275 11.80 -29.77 19.92
CA ILE A 275 11.60 -29.45 21.34
C ILE A 275 11.90 -30.67 22.20
N LYS A 276 11.70 -31.87 21.66
CA LYS A 276 12.03 -33.08 22.38
C LYS A 276 13.53 -33.33 22.42
N LYS A 277 14.25 -32.92 21.37
CA LYS A 277 15.70 -33.09 21.35
C LYS A 277 16.42 -32.05 22.19
N GLU A 278 15.82 -30.88 22.40
CA GLU A 278 16.42 -29.82 23.18
C GLU A 278 15.96 -29.82 24.64
N GLY A 279 15.25 -30.85 25.06
CA GLY A 279 14.90 -31.01 26.46
C GLY A 279 13.60 -30.31 26.83
N ILE A 280 12.97 -30.83 27.88
CA ILE A 280 11.71 -30.25 28.36
C ILE A 280 11.94 -29.00 29.19
N GLU A 281 13.11 -28.85 29.81
CA GLU A 281 13.36 -27.67 30.63
C GLU A 281 13.29 -26.41 29.78
N SER A 282 13.84 -26.46 28.56
CA SER A 282 13.74 -25.30 27.68
C SER A 282 12.29 -24.99 27.34
N PHE A 283 11.50 -26.02 27.04
CA PHE A 283 10.11 -25.78 26.66
C PHE A 283 9.33 -25.15 27.80
N LYS A 284 9.49 -25.66 29.03
CA LYS A 284 8.74 -25.14 30.15
C LYS A 284 9.02 -23.67 30.38
N GLU A 285 10.28 -23.28 30.30
CA GLU A 285 10.64 -21.88 30.55
C GLU A 285 10.05 -20.97 29.49
N LYS A 286 10.10 -21.39 28.23
CA LYS A 286 9.56 -20.57 27.15
C LYS A 286 8.05 -20.40 27.28
N ILE A 287 7.34 -21.48 27.63
CA ILE A 287 5.90 -21.39 27.83
C ILE A 287 5.59 -20.48 29.02
N LEU A 288 6.32 -20.67 30.13
CA LEU A 288 6.02 -19.94 31.34
C LEU A 288 6.28 -18.45 31.20
N GLU A 289 7.26 -18.07 30.38
CA GLU A 289 7.45 -16.66 30.08
C GLU A 289 6.28 -16.11 29.27
N ASP A 290 5.78 -16.89 28.32
CA ASP A 290 4.70 -16.43 27.46
C ASP A 290 3.38 -16.34 28.22
N MET A 291 3.06 -17.37 28.99
CA MET A 291 1.77 -17.50 29.67
C MET A 291 2.03 -17.70 31.15
N PRO A 292 2.19 -16.63 31.92
CA PRO A 292 2.61 -16.78 33.32
C PRO A 292 1.60 -17.49 34.21
N ILE A 293 0.33 -17.61 33.81
CA ILE A 293 -0.67 -18.23 34.68
C ILE A 293 -0.64 -19.74 34.62
N LEU A 294 0.30 -20.33 33.89
CA LEU A 294 0.48 -21.78 33.85
C LEU A 294 1.54 -22.26 34.84
N LYS A 295 2.02 -21.37 35.71
CA LYS A 295 3.10 -21.72 36.62
C LYS A 295 2.73 -22.89 37.51
N GLN A 296 1.48 -22.94 37.96
CA GLN A 296 1.07 -24.00 38.88
C GLN A 296 1.04 -25.36 38.18
N HIS A 297 0.44 -25.42 37.00
CA HIS A 297 0.28 -26.70 36.31
C HIS A 297 1.63 -27.31 35.95
N PHE A 298 2.59 -26.48 35.54
CA PHE A 298 3.87 -26.98 35.05
C PHE A 298 4.85 -27.31 36.17
N ASP A 299 4.52 -27.02 37.42
CA ASP A 299 5.39 -27.38 38.53
C ASP A 299 5.50 -28.88 38.69
N THR A 300 4.52 -29.64 38.23
CA THR A 300 4.51 -31.10 38.36
C THR A 300 4.73 -31.80 37.03
N VAL A 301 5.11 -31.07 35.99
CA VAL A 301 5.36 -31.65 34.67
C VAL A 301 6.84 -31.94 34.55
N THR A 302 7.18 -33.17 34.17
CA THR A 302 8.57 -33.59 34.02
C THR A 302 8.83 -34.35 32.73
N ASP A 303 7.84 -34.45 31.84
CA ASP A 303 8.02 -35.13 30.57
C ASP A 303 6.91 -34.69 29.63
N PHE A 304 6.97 -35.19 28.39
CA PHE A 304 6.01 -34.85 27.34
C PHE A 304 4.91 -35.88 27.20
N LYS A 305 4.82 -36.87 28.09
CA LYS A 305 3.82 -37.92 27.96
C LYS A 305 2.40 -37.40 28.13
N SER A 306 2.22 -36.19 28.64
CA SER A 306 0.89 -35.60 28.80
C SER A 306 0.48 -34.73 27.62
N PHE A 307 1.34 -34.57 26.62
CA PHE A 307 1.07 -33.70 25.49
C PHE A 307 0.62 -34.53 24.31
N VAL A 308 -0.52 -34.16 23.73
CA VAL A 308 -1.10 -34.85 22.58
C VAL A 308 -0.84 -34.01 21.34
N GLN A 309 -0.33 -34.63 20.29
CA GLN A 309 0.00 -33.95 19.04
C GLN A 309 -1.12 -34.19 18.04
N LEU A 310 -1.85 -33.13 17.72
CA LEU A 310 -2.92 -33.19 16.73
C LEU A 310 -2.38 -32.64 15.41
N LEU A 311 -2.48 -33.43 14.35
CA LEU A 311 -2.00 -33.03 13.03
C LEU A 311 -3.16 -32.40 12.26
N CYS A 312 -3.04 -31.11 11.97
CA CYS A 312 -4.12 -30.35 11.33
C CYS A 312 -4.04 -30.57 9.82
N ARG A 313 -4.84 -31.53 9.34
CA ARG A 313 -4.86 -31.92 7.94
C ARG A 313 -6.12 -31.38 7.26
N MET A 314 -6.03 -31.18 5.96
CA MET A 314 -7.15 -30.75 5.14
C MET A 314 -7.10 -31.49 3.81
N ARG A 315 -8.26 -31.87 3.31
CA ARG A 315 -8.33 -32.71 2.12
C ARG A 315 -9.62 -32.43 1.37
N TYR A 316 -9.65 -32.86 0.11
CA TYR A 316 -10.82 -32.72 -0.74
C TYR A 316 -10.76 -33.77 -1.85
N ILE A 317 -11.87 -34.48 -2.03
CA ILE A 317 -11.95 -35.57 -3.00
C ILE A 317 -12.38 -34.99 -4.33
N LYS A 318 -11.80 -35.53 -5.42
CA LYS A 318 -12.06 -34.98 -6.75
C LYS A 318 -13.53 -35.12 -7.14
N ASP A 319 -14.10 -36.29 -6.94
CA ASP A 319 -15.49 -36.57 -7.26
C ASP A 319 -16.03 -37.50 -6.19
N TRP A 320 -16.97 -37.01 -5.39
CA TRP A 320 -17.39 -37.74 -4.20
C TRP A 320 -18.07 -39.05 -4.56
N ALA A 321 -18.85 -39.07 -5.64
CA ALA A 321 -19.54 -40.27 -6.10
C ALA A 321 -19.08 -40.53 -7.53
N LYS A 322 -18.19 -41.50 -7.71
CA LYS A 322 -17.62 -41.79 -9.02
C LYS A 322 -18.21 -43.02 -9.68
N GLU A 323 -18.69 -43.98 -8.90
CA GLU A 323 -19.33 -45.18 -9.42
C GLU A 323 -20.78 -45.23 -8.93
N GLU A 324 -21.59 -45.99 -9.63
CA GLU A 324 -22.99 -46.15 -9.22
C GLU A 324 -23.06 -47.06 -7.99
N GLY A 325 -23.83 -46.65 -6.99
CA GLY A 325 -24.09 -47.46 -5.82
C GLY A 325 -23.30 -47.08 -4.58
N CYS A 326 -22.32 -46.18 -4.68
CA CYS A 326 -21.57 -45.76 -3.51
C CYS A 326 -21.25 -44.27 -3.61
N MET A 327 -21.03 -43.66 -2.45
CA MET A 327 -20.77 -42.24 -2.34
C MET A 327 -19.91 -41.99 -1.11
N LEU A 328 -19.19 -40.86 -1.12
CA LEU A 328 -18.39 -40.43 0.01
C LEU A 328 -18.94 -39.12 0.53
N ILE A 329 -19.20 -39.06 1.84
CA ILE A 329 -19.67 -37.85 2.49
C ILE A 329 -18.94 -37.67 3.82
N GLY A 330 -19.01 -36.46 4.35
CA GLY A 330 -18.43 -36.18 5.64
C GLY A 330 -16.95 -35.83 5.54
N ASP A 331 -16.25 -36.06 6.65
CA ASP A 331 -14.83 -35.76 6.70
C ASP A 331 -14.00 -36.73 5.87
N ALA A 332 -14.57 -37.87 5.47
CA ALA A 332 -13.87 -38.74 4.54
C ALA A 332 -13.60 -38.04 3.21
N ALA A 333 -14.35 -36.99 2.90
CA ALA A 333 -14.30 -36.33 1.61
C ALA A 333 -13.83 -34.88 1.69
N HIS A 334 -14.28 -34.12 2.68
CA HIS A 334 -14.05 -32.69 2.71
C HIS A 334 -13.61 -32.22 4.09
N CYS A 335 -12.66 -32.91 4.70
CA CYS A 335 -12.17 -32.49 6.01
C CYS A 335 -11.60 -31.07 5.93
N VAL A 336 -11.45 -30.44 7.09
CA VAL A 336 -11.00 -29.07 7.22
C VAL A 336 -10.10 -28.95 8.44
N THR A 337 -9.60 -27.74 8.68
CA THR A 337 -8.73 -27.45 9.81
C THR A 337 -9.57 -27.20 11.06
N PRO A 338 -8.88 -27.16 12.23
CA PRO A 338 -9.56 -26.96 13.52
C PRO A 338 -10.04 -25.56 13.82
N TRP A 339 -9.91 -24.62 12.90
CA TRP A 339 -10.22 -23.24 13.20
C TRP A 339 -11.67 -22.91 12.92
N GLY A 340 -12.37 -22.36 13.90
CA GLY A 340 -13.77 -22.01 13.73
C GLY A 340 -14.72 -23.14 14.12
N ALA A 341 -14.16 -24.29 14.47
CA ALA A 341 -14.98 -25.44 14.85
C ALA A 341 -16.07 -25.65 13.81
N VAL A 342 -15.67 -25.83 12.56
CA VAL A 342 -16.64 -25.98 11.48
C VAL A 342 -16.69 -27.39 10.91
N GLY A 343 -15.94 -28.32 11.49
CA GLY A 343 -15.89 -29.65 10.94
C GLY A 343 -17.07 -30.55 11.18
N SER A 344 -17.51 -30.64 12.42
CA SER A 344 -18.63 -31.50 12.77
C SER A 344 -19.90 -31.07 12.06
N THR A 345 -20.14 -29.75 11.97
CA THR A 345 -21.33 -29.26 11.29
C THR A 345 -21.27 -29.51 9.80
N LEU A 346 -20.07 -29.33 9.21
CA LEU A 346 -19.93 -29.53 7.76
C LEU A 346 -20.27 -30.96 7.38
N ALA A 347 -19.74 -31.94 8.11
CA ALA A 347 -20.03 -33.33 7.81
C ALA A 347 -21.48 -33.67 8.10
N MET A 348 -22.08 -33.09 9.14
CA MET A 348 -23.46 -33.40 9.45
C MET A 348 -24.42 -32.76 8.48
N GLY A 349 -24.13 -31.54 8.04
CA GLY A 349 -25.00 -30.92 7.04
C GLY A 349 -24.98 -31.65 5.72
N THR A 350 -23.82 -32.18 5.33
CA THR A 350 -23.73 -32.92 4.08
C THR A 350 -24.47 -34.25 4.18
N ALA A 351 -24.49 -34.86 5.37
CA ALA A 351 -25.27 -36.08 5.55
C ALA A 351 -26.76 -35.79 5.38
N VAL A 352 -27.19 -34.60 5.81
CA VAL A 352 -28.58 -34.21 5.59
C VAL A 352 -28.86 -34.04 4.10
N ILE A 353 -27.95 -33.39 3.37
CA ILE A 353 -28.11 -33.26 1.92
C ILE A 353 -28.16 -34.65 1.30
N ALA A 354 -27.32 -35.57 1.76
CA ALA A 354 -27.32 -36.91 1.21
C ALA A 354 -28.65 -37.61 1.49
N ALA A 355 -29.20 -37.46 2.70
CA ALA A 355 -30.46 -38.10 3.02
C ALA A 355 -31.59 -37.57 2.15
N ASP A 356 -31.62 -36.25 1.96
CA ASP A 356 -32.66 -35.65 1.12
C ASP A 356 -32.58 -36.18 -0.31
N VAL A 357 -31.37 -36.20 -0.87
CA VAL A 357 -31.20 -36.73 -2.22
C VAL A 357 -31.52 -38.22 -2.25
N ILE A 358 -31.04 -38.96 -1.25
CA ILE A 358 -31.28 -40.40 -1.23
C ILE A 358 -32.77 -40.72 -1.18
N TYR A 359 -33.50 -40.02 -0.31
CA TYR A 359 -34.94 -40.22 -0.26
C TYR A 359 -35.60 -39.82 -1.57
N LYS A 360 -35.17 -38.69 -2.14
CA LYS A 360 -35.72 -38.26 -3.43
C LYS A 360 -35.50 -39.33 -4.49
N GLY A 361 -34.27 -39.86 -4.57
CA GLY A 361 -34.00 -40.90 -5.55
C GLY A 361 -34.83 -42.14 -5.30
N PHE A 362 -35.00 -42.52 -4.03
CA PHE A 362 -35.81 -43.69 -3.70
C PHE A 362 -37.27 -43.48 -4.08
N LYS A 363 -37.79 -42.28 -3.82
CA LYS A 363 -39.17 -41.99 -4.21
C LYS A 363 -39.34 -42.06 -5.73
N ASN A 364 -38.34 -41.56 -6.47
CA ASN A 364 -38.38 -41.61 -7.92
C ASN A 364 -38.02 -42.97 -8.47
N ASN A 365 -37.36 -43.82 -7.68
CA ASN A 365 -36.85 -45.11 -8.16
C ASN A 365 -35.74 -44.93 -9.20
N ASP A 366 -35.15 -43.74 -9.26
CA ASP A 366 -34.08 -43.42 -10.21
C ASP A 366 -32.81 -43.17 -9.41
N LEU A 367 -32.08 -44.25 -9.11
CA LEU A 367 -30.84 -44.18 -8.33
C LEU A 367 -29.70 -44.53 -9.27
N SER A 368 -29.13 -43.50 -9.90
CA SER A 368 -28.09 -43.66 -10.90
C SER A 368 -26.88 -42.81 -10.51
N LEU A 369 -25.85 -42.86 -11.35
CA LEU A 369 -24.63 -42.11 -11.08
C LEU A 369 -24.90 -40.62 -11.04
N GLU A 370 -25.69 -40.11 -11.98
CA GLU A 370 -25.98 -38.68 -11.99
C GLU A 370 -26.80 -38.24 -10.79
N THR A 371 -27.54 -39.16 -10.16
CA THR A 371 -28.26 -38.82 -8.94
C THR A 371 -27.29 -38.51 -7.80
N LEU A 372 -26.33 -39.41 -7.57
CA LEU A 372 -25.38 -39.19 -6.48
C LEU A 372 -24.56 -37.92 -6.69
N LYS A 373 -24.33 -37.55 -7.94
CA LYS A 373 -23.59 -36.32 -8.22
C LYS A 373 -24.35 -35.08 -7.76
N GLN A 374 -25.65 -35.20 -7.50
CA GLN A 374 -26.41 -34.04 -7.03
C GLN A 374 -25.95 -33.59 -5.66
N VAL A 375 -25.35 -34.50 -4.87
CA VAL A 375 -24.87 -34.14 -3.55
C VAL A 375 -23.67 -33.21 -3.64
N GLN A 376 -22.69 -33.56 -4.48
CA GLN A 376 -21.53 -32.71 -4.63
C GLN A 376 -21.89 -31.41 -5.33
N SER A 377 -22.87 -31.45 -6.23
CA SER A 377 -23.28 -30.25 -6.94
C SER A 377 -23.84 -29.20 -5.99
N ARG A 378 -24.58 -29.64 -4.96
CA ARG A 378 -25.24 -28.72 -4.05
C ARG A 378 -24.37 -28.30 -2.88
N ARG A 379 -23.43 -29.14 -2.45
CA ARG A 379 -22.53 -28.79 -1.37
C ARG A 379 -21.23 -28.18 -1.86
N LYS A 380 -21.05 -28.06 -3.18
CA LYS A 380 -19.80 -27.54 -3.73
C LYS A 380 -19.54 -26.12 -3.23
N GLU A 381 -20.55 -25.27 -3.26
CA GLU A 381 -20.33 -23.86 -2.96
C GLU A 381 -19.86 -23.67 -1.52
N GLU A 382 -20.55 -24.30 -0.56
CA GLU A 382 -20.18 -24.12 0.84
C GLU A 382 -18.86 -24.80 1.17
N VAL A 383 -18.66 -26.02 0.66
CA VAL A 383 -17.46 -26.77 1.02
C VAL A 383 -16.22 -26.09 0.46
N LYS A 384 -16.34 -25.50 -0.72
CA LYS A 384 -15.18 -24.86 -1.32
C LYS A 384 -14.91 -23.49 -0.71
N MET A 385 -15.95 -22.77 -0.32
CA MET A 385 -15.72 -21.47 0.30
C MET A 385 -15.20 -21.62 1.72
N ILE A 386 -15.67 -22.64 2.43
CA ILE A 386 -15.21 -22.87 3.80
C ILE A 386 -13.74 -23.23 3.81
N GLN A 387 -13.32 -24.12 2.90
CA GLN A 387 -11.92 -24.52 2.84
C GLN A 387 -11.02 -23.35 2.47
N ASN A 388 -11.44 -22.54 1.49
CA ASN A 388 -10.63 -21.39 1.09
C ASN A 388 -10.44 -20.44 2.26
N LEU A 389 -11.44 -20.31 3.12
CA LEU A 389 -11.28 -19.50 4.32
C LEU A 389 -10.29 -20.14 5.28
N GLN A 390 -10.35 -21.46 5.43
CA GLN A 390 -9.44 -22.14 6.34
C GLN A 390 -7.99 -21.99 5.89
N LEU A 391 -7.77 -21.79 4.59
CA LEU A 391 -6.42 -21.57 4.10
C LEU A 391 -5.93 -20.16 4.42
N THR A 392 -6.85 -19.20 4.48
CA THR A 392 -6.46 -17.83 4.78
C THR A 392 -6.12 -17.65 6.25
N ILE A 393 -6.87 -18.33 7.13
CA ILE A 393 -6.60 -18.24 8.56
C ILE A 393 -5.31 -18.96 8.91
N GLU A 394 -5.07 -20.10 8.28
CA GLU A 394 -3.85 -20.86 8.55
C GLU A 394 -2.61 -20.04 8.19
N LYS A 395 -2.73 -19.06 7.31
CA LYS A 395 -1.60 -18.22 6.95
C LYS A 395 -1.20 -17.29 8.09
N PHE A 396 -2.05 -17.13 9.11
CA PHE A 396 -1.73 -16.27 10.25
C PHE A 396 -0.87 -16.98 11.28
N LEU A 397 -0.72 -18.30 11.19
CA LEU A 397 0.05 -19.07 12.14
C LEU A 397 1.50 -19.25 11.71
N THR A 398 2.00 -18.34 10.88
CA THR A 398 3.39 -18.41 10.44
C THR A 398 4.33 -18.26 11.63
N ARG A 399 5.43 -19.00 11.60
CA ARG A 399 6.44 -18.97 12.65
C ARG A 399 7.81 -18.57 12.11
N GLU A 400 7.85 -17.88 10.98
CA GLU A 400 9.12 -17.48 10.38
C GLU A 400 9.75 -16.35 11.19
N PRO A 401 11.06 -16.12 11.02
CA PRO A 401 11.76 -15.15 11.87
C PRO A 401 11.14 -13.76 11.91
N ILE A 402 10.74 -13.20 10.76
CA ILE A 402 10.17 -11.87 10.72
C ILE A 402 8.65 -11.89 10.51
N LYS A 403 8.12 -12.90 9.83
CA LYS A 403 6.68 -12.96 9.61
C LYS A 403 5.93 -13.24 10.92
N LYS A 404 6.55 -13.99 11.83
CA LYS A 404 5.88 -14.31 13.08
C LYS A 404 5.45 -13.06 13.84
N GLU A 405 6.18 -11.96 13.68
CA GLU A 405 5.92 -10.73 14.41
C GLU A 405 4.98 -9.79 13.67
N ILE A 406 4.63 -10.10 12.42
CA ILE A 406 3.71 -9.27 11.65
C ILE A 406 2.32 -9.90 11.63
N ALA A 407 2.27 -11.23 11.77
CA ALA A 407 0.98 -11.91 11.71
C ALA A 407 -0.01 -11.41 12.74
N PRO A 408 0.36 -11.17 14.00
CA PRO A 408 -0.61 -10.56 14.92
C PRO A 408 -1.11 -9.20 14.46
N LEU A 409 -0.28 -8.43 13.77
CA LEU A 409 -0.69 -7.10 13.33
C LEU A 409 -1.64 -7.19 12.15
N MET A 410 -1.39 -8.10 11.21
CA MET A 410 -2.29 -8.27 10.08
C MET A 410 -3.68 -8.66 10.56
N PHE A 411 -3.76 -9.62 11.47
CA PHE A 411 -5.05 -10.03 12.02
C PHE A 411 -5.77 -8.86 12.68
N SER A 412 -5.02 -7.99 13.35
CA SER A 412 -5.62 -6.82 13.98
C SER A 412 -6.23 -5.89 12.93
N ILE A 413 -5.54 -5.69 11.81
CA ILE A 413 -6.06 -4.84 10.77
C ILE A 413 -7.27 -5.48 10.11
N ALA A 414 -7.18 -6.76 9.76
CA ALA A 414 -8.25 -7.41 9.02
C ALA A 414 -9.58 -7.32 9.75
N THR A 415 -9.56 -7.34 11.08
CA THR A 415 -10.79 -7.29 11.86
C THR A 415 -11.43 -5.91 11.90
N LYS A 416 -10.72 -4.88 11.47
CA LYS A 416 -11.23 -3.52 11.48
C LYS A 416 -11.72 -3.07 10.11
N MET A 417 -11.80 -3.98 9.14
CA MET A 417 -12.28 -3.63 7.83
C MET A 417 -13.78 -3.37 7.88
N PRO A 418 -14.26 -2.53 6.94
CA PRO A 418 -15.68 -2.16 6.93
C PRO A 418 -16.60 -3.36 6.76
N ASP A 419 -16.09 -4.46 6.22
CA ASP A 419 -16.90 -5.65 6.07
C ASP A 419 -16.24 -6.91 6.62
N ILE A 420 -16.16 -7.02 7.94
CA ILE A 420 -15.63 -8.23 8.53
C ILE A 420 -16.83 -9.06 8.94
N THR A 421 -17.94 -8.40 9.25
CA THR A 421 -19.14 -9.11 9.71
C THR A 421 -19.71 -10.05 8.65
N ASN A 422 -19.56 -9.73 7.38
CA ASN A 422 -19.98 -10.69 6.37
C ASN A 422 -19.10 -11.93 6.39
N LEU A 423 -17.82 -11.76 6.71
CA LEU A 423 -16.94 -12.91 6.83
C LEU A 423 -17.24 -13.71 8.08
N TYR A 424 -17.60 -13.04 9.17
CA TYR A 424 -18.02 -13.76 10.36
C TYR A 424 -19.19 -14.67 10.05
N LYS A 425 -20.18 -14.15 9.31
CA LYS A 425 -21.34 -14.97 8.94
C LYS A 425 -20.92 -16.14 8.06
N LYS A 426 -20.04 -15.90 7.09
CA LYS A 426 -19.60 -16.97 6.21
C LYS A 426 -18.97 -18.12 6.99
N LEU A 427 -18.28 -17.78 8.08
CA LEU A 427 -17.53 -18.79 8.84
C LEU A 427 -18.41 -19.51 9.85
N PHE A 428 -19.49 -18.88 10.31
CA PHE A 428 -20.27 -19.41 11.42
C PHE A 428 -21.70 -19.74 11.06
N THR A 429 -22.44 -18.81 10.48
CA THR A 429 -23.87 -18.99 10.24
C THR A 429 -24.14 -19.31 8.79
N ARG A 430 -25.23 -20.05 8.55
CA ARG A 430 -25.68 -20.38 7.22
C ARG A 430 -26.78 -19.41 6.82
N GLU A 431 -26.63 -18.79 5.65
CA GLU A 431 -27.53 -17.72 5.27
C GLU A 431 -28.97 -18.22 5.13
N PHE A 432 -29.16 -19.37 4.48
CA PHE A 432 -30.48 -19.94 4.31
C PHE A 432 -30.53 -21.35 4.88
N PRO A 433 -31.71 -21.81 5.32
CA PRO A 433 -31.83 -23.20 5.76
C PRO A 433 -31.60 -24.17 4.61
N LEU A 434 -31.05 -25.34 4.95
CA LEU A 434 -30.86 -26.37 3.94
C LEU A 434 -32.20 -26.77 3.35
N ASP A 435 -32.27 -26.79 2.03
CA ASP A 435 -33.54 -27.01 1.33
C ASP A 435 -33.86 -28.49 1.32
N ILE A 436 -34.72 -28.93 2.23
CA ILE A 436 -35.16 -30.31 2.30
C ILE A 436 -36.67 -30.33 2.53
N ASP A 437 -37.31 -31.37 1.99
CA ASP A 437 -38.76 -31.50 2.16
C ASP A 437 -39.13 -31.47 3.63
N GLU A 438 -40.41 -31.17 3.89
CA GLU A 438 -40.89 -31.08 5.26
C GLU A 438 -40.97 -32.43 5.95
N SER A 439 -40.88 -33.53 5.21
CA SER A 439 -41.03 -34.86 5.81
C SER A 439 -39.87 -35.20 6.75
N PHE A 440 -38.74 -34.52 6.65
CA PHE A 440 -37.56 -34.85 7.43
C PHE A 440 -37.57 -34.21 8.82
N ILE A 441 -38.57 -33.42 9.15
CA ILE A 441 -38.63 -32.77 10.46
C ILE A 441 -39.26 -33.73 11.47
N PHE A 442 -38.90 -33.55 12.74
CA PHE A 442 -39.42 -34.36 13.83
C PHE A 442 -40.40 -33.53 14.65
N HIS A 443 -41.59 -34.07 14.89
CA HIS A 443 -42.59 -33.37 15.68
C HIS A 443 -42.52 -33.83 17.11
N LYS B 27 19.55 57.01 5.31
CA LYS B 27 20.71 57.75 4.80
C LYS B 27 21.40 56.97 3.69
N GLU B 28 22.47 56.25 4.02
CA GLU B 28 23.23 55.49 3.03
C GLU B 28 24.22 54.56 3.73
N VAL B 29 24.25 53.29 3.33
CA VAL B 29 25.12 52.31 3.94
C VAL B 29 25.77 51.48 2.84
N GLN B 30 26.94 50.91 3.15
CA GLN B 30 27.71 50.10 2.22
C GLN B 30 28.13 48.81 2.89
N SER B 31 28.02 47.71 2.15
CA SER B 31 28.39 46.40 2.66
C SER B 31 28.64 45.47 1.48
N ASP B 32 29.25 44.33 1.75
CA ASP B 32 29.50 43.33 0.72
C ASP B 32 28.37 42.33 0.59
N VAL B 33 27.86 41.84 1.73
CA VAL B 33 26.80 40.85 1.76
C VAL B 33 25.69 41.37 2.66
N CYS B 34 24.45 41.28 2.19
CA CYS B 34 23.27 41.67 2.96
C CYS B 34 22.40 40.45 3.19
N ILE B 35 22.00 40.24 4.44
CA ILE B 35 21.25 39.08 4.87
C ILE B 35 20.06 39.55 5.69
N VAL B 36 18.89 38.95 5.45
CA VAL B 36 17.65 39.37 6.09
C VAL B 36 17.28 38.31 7.12
N GLY B 37 17.53 38.61 8.38
CA GLY B 37 17.16 37.75 9.49
C GLY B 37 18.39 37.14 10.14
N ALA B 38 18.39 37.08 11.47
CA ALA B 38 19.53 36.55 12.22
C ALA B 38 19.14 35.25 12.90
N GLY B 39 18.31 34.45 12.23
CA GLY B 39 17.90 33.17 12.79
C GLY B 39 19.01 32.16 12.58
N PRO B 40 18.76 30.90 12.96
CA PRO B 40 19.83 29.90 12.86
C PRO B 40 20.57 29.98 11.53
N ALA B 41 19.85 29.98 10.42
CA ALA B 41 20.49 29.97 9.11
C ALA B 41 21.16 31.31 8.81
N GLY B 42 20.50 32.41 9.16
CA GLY B 42 21.07 33.72 8.86
C GLY B 42 22.36 33.98 9.59
N MET B 43 22.42 33.68 10.89
CA MET B 43 23.59 33.98 11.69
C MET B 43 24.71 33.01 11.42
N LEU B 44 24.42 31.76 11.16
CA LEU B 44 25.46 30.83 10.77
C LEU B 44 26.14 31.28 9.48
N LEU B 45 25.35 31.74 8.50
CA LEU B 45 25.93 32.30 7.28
C LEU B 45 26.72 33.56 7.59
N GLY B 46 26.17 34.43 8.45
CA GLY B 46 26.87 35.66 8.80
C GLY B 46 28.14 35.40 9.59
N LEU B 47 28.09 34.42 10.49
CA LEU B 47 29.28 34.08 11.29
C LEU B 47 30.41 33.58 10.40
N LEU B 48 30.08 32.73 9.42
CA LEU B 48 31.11 32.15 8.57
C LEU B 48 31.64 33.18 7.58
N LEU B 49 30.76 33.95 6.96
CA LEU B 49 31.20 34.90 5.94
C LEU B 49 32.18 35.92 6.52
N ALA B 50 31.90 36.42 7.72
CA ALA B 50 32.83 37.33 8.36
C ALA B 50 34.18 36.65 8.60
N LYS B 51 34.16 35.36 8.93
CA LYS B 51 35.38 34.64 9.22
C LYS B 51 36.26 34.59 7.99
N GLN B 52 35.66 34.74 6.82
CA GLN B 52 36.38 34.75 5.57
C GLN B 52 36.83 36.16 5.17
N GLY B 53 36.77 37.12 6.09
CA GLY B 53 37.22 38.46 5.82
C GLY B 53 36.40 39.23 4.81
N LEU B 54 35.07 39.16 4.91
CA LEU B 54 34.17 39.97 4.10
C LEU B 54 33.26 40.74 5.04
N GLU B 55 33.02 42.01 4.73
CA GLU B 55 32.15 42.82 5.57
C GLU B 55 30.71 42.33 5.40
N VAL B 56 30.12 41.88 6.49
CA VAL B 56 28.76 41.32 6.48
C VAL B 56 27.84 42.25 7.25
N ILE B 57 26.57 42.28 6.87
CA ILE B 57 25.53 42.88 7.67
C ILE B 57 24.39 41.87 7.80
N VAL B 58 23.96 41.64 9.03
CA VAL B 58 22.80 40.79 9.33
C VAL B 58 21.81 41.65 10.10
N LEU B 59 20.56 41.68 9.65
CA LEU B 59 19.53 42.50 10.27
C LEU B 59 18.31 41.66 10.60
N GLU B 60 17.62 42.05 11.67
CA GLU B 60 16.40 41.40 12.10
C GLU B 60 15.46 42.44 12.68
N GLN B 61 14.17 42.13 12.65
CA GLN B 61 13.15 43.07 13.09
C GLN B 61 12.90 42.98 14.59
N ASN B 62 12.99 41.80 15.17
CA ASN B 62 12.73 41.64 16.59
C ASN B 62 13.81 42.35 17.40
N GLY B 63 13.45 42.75 18.61
CA GLY B 63 14.38 43.45 19.46
C GLY B 63 15.42 42.59 20.14
N ASP B 64 15.27 41.27 20.08
CA ASP B 64 16.19 40.35 20.73
C ASP B 64 15.96 38.96 20.12
N PHE B 65 16.63 37.96 20.69
CA PHE B 65 16.42 36.58 20.26
C PHE B 65 15.25 35.91 20.97
N HIS B 66 14.64 36.56 21.96
CA HIS B 66 13.58 35.96 22.77
C HIS B 66 12.18 36.39 22.34
N ARG B 67 12.05 37.11 21.21
CA ARG B 67 10.77 37.69 20.86
C ARG B 67 9.74 36.62 20.54
N GLU B 68 10.10 35.66 19.69
CA GLU B 68 9.18 34.62 19.25
C GLU B 68 9.73 33.25 19.63
N TYR B 69 8.84 32.37 20.07
CA TYR B 69 9.25 31.01 20.43
C TYR B 69 9.40 30.18 19.16
N ARG B 70 10.55 29.53 19.02
CA ARG B 70 10.88 28.82 17.78
C ARG B 70 11.58 27.50 18.04
N GLY B 71 11.25 26.81 19.13
CA GLY B 71 11.66 25.43 19.30
C GLY B 71 12.90 25.26 20.16
N GLU B 72 13.11 24.00 20.56
CA GLU B 72 14.26 23.64 21.41
C GLU B 72 14.97 22.35 21.02
N ILE B 73 14.41 21.50 20.16
CA ILE B 73 14.95 20.17 19.94
C ILE B 73 15.83 20.16 18.70
N THR B 74 16.87 19.32 18.73
CA THR B 74 17.81 19.18 17.63
C THR B 74 17.92 17.74 17.18
N GLN B 75 18.89 17.43 16.35
CA GLN B 75 18.99 16.13 15.67
C GLN B 75 20.43 15.66 15.69
N PRO B 76 20.65 14.36 15.49
CA PRO B 76 22.03 13.90 15.24
C PRO B 76 22.72 14.64 14.11
N ARG B 77 21.99 14.97 13.05
CA ARG B 77 22.59 15.71 11.95
C ARG B 77 23.17 17.04 12.41
N PHE B 78 22.62 17.62 13.49
CA PHE B 78 23.17 18.86 14.02
C PHE B 78 24.50 18.63 14.72
N VAL B 79 24.61 17.51 15.46
CA VAL B 79 25.88 17.18 16.10
C VAL B 79 26.95 16.98 15.03
N GLN B 80 26.62 16.28 13.96
CA GLN B 80 27.57 16.05 12.88
C GLN B 80 28.07 17.37 12.31
N LEU B 81 27.17 18.32 12.10
CA LEU B 81 27.58 19.57 11.47
C LEU B 81 28.55 20.34 12.35
N MET B 82 28.30 20.39 13.65
CA MET B 82 29.17 21.15 14.54
C MET B 82 30.55 20.51 14.64
N LYS B 83 30.61 19.19 14.74
CA LYS B 83 31.91 18.52 14.77
C LYS B 83 32.63 18.63 13.44
N GLN B 84 31.90 18.84 12.35
CA GLN B 84 32.54 19.04 11.06
C GLN B 84 33.35 20.33 11.04
N LEU B 85 32.87 21.37 11.72
CA LEU B 85 33.55 22.65 11.79
C LEU B 85 34.31 22.86 13.09
N ASN B 86 34.42 21.83 13.93
CA ASN B 86 35.11 21.94 15.22
C ASN B 86 34.41 22.94 16.13
N LEU B 87 33.10 22.74 16.30
CA LEU B 87 32.26 23.65 17.07
C LEU B 87 31.46 22.94 18.14
N LEU B 88 31.52 21.61 18.22
CA LEU B 88 30.71 20.90 19.19
C LEU B 88 31.10 21.25 20.62
N ASP B 89 32.40 21.34 20.89
CA ASP B 89 32.85 21.64 22.25
C ASP B 89 32.34 23.00 22.72
N TYR B 90 32.43 24.01 21.86
CA TYR B 90 31.93 25.33 22.24
C TYR B 90 30.43 25.30 22.51
N ILE B 91 29.68 24.65 21.63
CA ILE B 91 28.23 24.59 21.80
C ILE B 91 27.87 23.69 22.98
N GLU B 92 28.56 22.56 23.12
CA GLU B 92 28.24 21.61 24.18
C GLU B 92 28.45 22.18 25.58
N SER B 93 29.17 23.30 25.70
CA SER B 93 29.38 23.95 26.98
C SER B 93 28.18 24.79 27.42
N ASN B 94 27.09 24.78 26.67
CA ASN B 94 25.89 25.53 27.01
C ASN B 94 24.95 24.65 27.82
N SER B 95 23.75 25.17 28.09
CA SER B 95 22.73 24.42 28.81
C SER B 95 22.00 23.53 27.83
N HIS B 96 22.26 22.22 27.89
CA HIS B 96 21.63 21.26 26.99
C HIS B 96 21.42 19.96 27.74
N VAL B 97 20.51 19.14 27.21
CA VAL B 97 20.21 17.83 27.75
C VAL B 97 20.21 16.84 26.60
N LYS B 98 21.07 15.83 26.67
CA LYS B 98 21.21 14.87 25.59
C LYS B 98 20.05 13.87 25.63
N ILE B 99 19.33 13.76 24.52
CA ILE B 99 18.23 12.82 24.38
C ILE B 99 18.78 11.58 23.65
N PRO B 100 18.80 10.41 24.28
CA PRO B 100 19.55 9.29 23.70
C PRO B 100 18.75 8.42 22.74
N GLU B 101 17.42 8.48 22.74
CA GLU B 101 16.63 7.56 21.93
C GLU B 101 15.22 8.09 21.78
N VAL B 102 14.46 7.43 20.90
CA VAL B 102 13.07 7.77 20.63
C VAL B 102 12.23 6.51 20.73
N ASN B 103 11.09 6.61 21.40
CA ASN B 103 10.17 5.50 21.58
C ASN B 103 8.79 5.88 21.06
N VAL B 104 8.07 4.89 20.54
CA VAL B 104 6.72 5.08 20.04
C VAL B 104 5.82 4.05 20.71
N PHE B 105 4.68 4.50 21.23
CA PHE B 105 3.74 3.66 21.95
C PHE B 105 2.45 3.52 21.17
N HIS B 106 1.67 2.51 21.54
CA HIS B 106 0.33 2.32 20.98
C HIS B 106 -0.54 1.77 22.10
N ASN B 107 -1.44 2.61 22.62
CA ASN B 107 -2.27 2.26 23.76
C ASN B 107 -1.41 1.92 24.98
N ASN B 108 -0.42 2.77 25.24
CA ASN B 108 0.44 2.68 26.42
C ASN B 108 1.40 1.51 26.37
N VAL B 109 1.60 0.89 25.21
CA VAL B 109 2.51 -0.22 25.04
C VAL B 109 3.53 0.16 23.97
N LYS B 110 4.81 -0.01 24.28
CA LYS B 110 5.86 0.39 23.36
C LYS B 110 5.85 -0.52 22.13
N ILE B 111 6.01 0.09 20.96
CA ILE B 111 6.02 -0.66 19.70
C ILE B 111 7.28 -0.43 18.88
N MET B 112 8.04 0.63 19.15
CA MET B 112 9.25 0.91 18.39
C MET B 112 10.23 1.66 19.28
N GLN B 113 11.51 1.30 19.19
CA GLN B 113 12.57 1.95 19.94
C GLN B 113 13.78 2.12 19.04
N LEU B 114 14.46 3.26 19.17
CA LEU B 114 15.60 3.56 18.32
C LEU B 114 16.61 4.38 19.11
N ALA B 115 17.82 3.86 19.24
CA ALA B 115 18.91 4.57 19.89
C ALA B 115 19.77 5.25 18.83
N PHE B 116 20.02 6.55 19.01
CA PHE B 116 20.70 7.33 18.00
C PHE B 116 22.17 6.98 17.85
N ASN B 117 22.74 6.26 18.82
CA ASN B 117 24.17 5.94 18.75
C ASN B 117 24.46 4.72 17.89
N THR B 118 23.45 4.01 17.40
CA THR B 118 23.64 2.88 16.52
C THR B 118 23.49 3.25 15.04
N LEU B 119 23.46 4.54 14.72
CA LEU B 119 23.31 4.99 13.34
C LEU B 119 24.65 5.35 12.71
N ILE B 120 25.54 6.01 13.44
CA ILE B 120 26.84 6.41 12.94
C ILE B 120 27.88 6.18 14.03
N ASP B 121 29.10 5.83 13.61
CA ASP B 121 30.14 5.48 14.56
C ASP B 121 30.47 6.63 15.49
N GLU B 122 30.55 7.85 14.95
CA GLU B 122 30.92 9.01 15.74
C GLU B 122 29.80 9.37 16.71
N GLU B 123 30.00 10.48 17.42
CA GLU B 123 28.98 10.95 18.36
C GLU B 123 27.68 11.23 17.62
N SER B 124 26.56 10.83 18.23
CA SER B 124 25.26 10.97 17.61
C SER B 124 24.20 11.02 18.70
N TYR B 125 23.40 12.08 18.71
CA TYR B 125 22.33 12.19 19.70
C TYR B 125 21.48 13.41 19.39
N CYS B 126 20.22 13.34 19.80
CA CYS B 126 19.38 14.53 19.88
C CYS B 126 19.75 15.32 21.11
N ALA B 127 19.20 16.53 21.22
CA ALA B 127 19.48 17.37 22.37
C ALA B 127 18.34 18.36 22.57
N ARG B 128 18.27 18.90 23.78
CA ARG B 128 17.38 20.02 24.08
C ARG B 128 18.27 21.24 24.22
N LEU B 129 18.32 22.03 23.16
CA LEU B 129 19.13 23.25 23.11
C LEU B 129 18.25 24.35 22.52
N THR B 130 17.75 25.23 23.38
CA THR B 130 16.87 26.29 22.91
C THR B 130 17.60 27.17 21.92
N GLN B 131 16.88 27.64 20.90
CA GLN B 131 17.50 28.47 19.87
C GLN B 131 18.19 29.71 20.43
N PRO B 132 17.55 30.53 21.29
CA PRO B 132 18.26 31.71 21.80
C PRO B 132 19.54 31.39 22.54
N THR B 133 19.62 30.22 23.18
CA THR B 133 20.89 29.77 23.72
C THR B 133 21.89 29.53 22.58
N LEU B 134 21.45 28.86 21.52
CA LEU B 134 22.35 28.57 20.41
C LEU B 134 22.73 29.83 19.66
N LEU B 135 21.77 30.73 19.45
CA LEU B 135 22.05 31.92 18.67
C LEU B 135 22.96 32.89 19.42
N SER B 136 22.82 32.96 20.74
CA SER B 136 23.73 33.80 21.51
C SER B 136 25.16 33.25 21.46
N ALA B 137 25.29 31.92 21.43
CA ALA B 137 26.60 31.31 21.27
C ALA B 137 27.22 31.68 19.93
N LEU B 138 26.40 31.74 18.87
CA LEU B 138 26.90 32.14 17.56
C LEU B 138 27.21 33.63 17.52
N LEU B 139 26.34 34.46 18.09
CA LEU B 139 26.61 35.90 18.11
C LEU B 139 27.86 36.22 18.91
N ASP B 140 28.04 35.57 20.06
CA ASP B 140 29.21 35.86 20.88
C ASP B 140 30.51 35.55 20.13
N LYS B 141 30.55 34.40 19.45
CA LYS B 141 31.72 34.08 18.64
C LYS B 141 31.87 35.06 17.48
N ALA B 142 30.76 35.50 16.90
CA ALA B 142 30.83 36.37 15.74
C ALA B 142 31.21 37.80 16.09
N LYS B 143 30.85 38.26 17.28
CA LYS B 143 31.20 39.63 17.67
C LYS B 143 32.70 39.80 17.89
N LYS B 144 33.47 38.72 17.89
CA LYS B 144 34.91 38.85 18.00
C LYS B 144 35.51 39.41 16.72
N TYR B 145 34.89 39.14 15.58
CA TYR B 145 35.36 39.69 14.32
C TYR B 145 34.89 41.15 14.17
N PRO B 146 35.72 42.04 13.62
CA PRO B 146 35.28 43.42 13.42
C PRO B 146 34.59 43.68 12.10
N ASN B 147 34.69 42.74 11.15
CA ASN B 147 33.99 42.85 9.87
C ASN B 147 32.60 42.25 9.92
N PHE B 148 32.17 41.72 11.06
CA PHE B 148 30.80 41.25 11.26
C PHE B 148 30.01 42.35 11.96
N LYS B 149 28.88 42.71 11.37
CA LYS B 149 27.98 43.72 11.92
C LYS B 149 26.58 43.14 11.99
N LEU B 150 25.93 43.31 13.14
CA LEU B 150 24.55 42.92 13.33
C LEU B 150 23.75 44.12 13.82
N LEU B 151 22.57 44.33 13.25
CA LEU B 151 21.71 45.38 13.72
C LEU B 151 20.37 44.76 14.11
N PHE B 152 19.61 45.46 14.94
CA PHE B 152 18.33 44.93 15.39
C PHE B 152 17.23 45.98 15.32
N ASN B 153 15.99 45.53 15.22
CA ASN B 153 14.83 46.45 15.07
C ASN B 153 14.98 47.01 13.67
N THR B 154 15.76 46.35 12.81
CA THR B 154 15.93 46.78 11.44
C THR B 154 14.97 46.02 10.56
N LYS B 155 14.00 46.71 9.97
CA LYS B 155 12.98 46.04 9.17
C LYS B 155 13.25 46.34 7.70
N VAL B 156 13.58 45.31 6.93
CA VAL B 156 13.69 45.45 5.48
C VAL B 156 12.29 45.64 4.92
N ARG B 157 12.14 46.62 4.03
CA ARG B 157 10.84 46.93 3.45
C ARG B 157 10.82 46.99 1.93
N ASP B 158 11.97 46.98 1.27
CA ASP B 158 12.00 47.05 -0.19
C ASP B 158 13.35 46.57 -0.67
N LEU B 159 13.44 46.37 -1.98
CA LEU B 159 14.67 45.95 -2.64
C LEU B 159 15.11 47.03 -3.61
N LEU B 160 16.42 47.34 -3.59
CA LEU B 160 16.98 48.36 -4.46
C LEU B 160 17.50 47.71 -5.74
N ARG B 161 16.54 47.19 -6.51
CA ARG B 161 16.85 46.55 -7.78
C ARG B 161 17.03 47.63 -8.84
N GLU B 162 18.25 47.75 -9.37
CA GLU B 162 18.55 48.74 -10.39
C GLU B 162 19.41 48.10 -11.47
N ASP B 163 19.27 48.61 -12.70
CA ASP B 163 20.02 48.12 -13.85
C ASP B 163 19.73 46.63 -14.09
N GLY B 164 18.52 46.20 -13.77
CA GLY B 164 18.17 44.78 -13.88
C GLY B 164 18.63 43.96 -12.70
N LYS B 165 19.89 44.11 -12.30
CA LYS B 165 20.42 43.38 -11.16
C LYS B 165 19.83 43.94 -9.87
N VAL B 166 20.13 43.25 -8.77
CA VAL B 166 19.71 43.65 -7.43
C VAL B 166 20.89 44.32 -6.75
N THR B 167 20.65 45.51 -6.18
CA THR B 167 21.71 46.28 -5.54
C THR B 167 21.70 46.17 -4.02
N GLY B 168 20.54 45.99 -3.42
CA GLY B 168 20.44 45.97 -1.97
C GLY B 168 18.99 46.10 -1.54
N VAL B 169 18.82 46.55 -0.30
CA VAL B 169 17.51 46.64 0.31
C VAL B 169 17.34 48.02 0.97
N TYR B 170 16.09 48.37 1.23
CA TYR B 170 15.73 49.57 1.96
C TYR B 170 15.11 49.15 3.29
N ALA B 171 15.66 49.66 4.40
CA ALA B 171 15.23 49.27 5.73
C ALA B 171 15.01 50.49 6.60
N VAL B 172 14.04 50.38 7.51
CA VAL B 172 13.75 51.41 8.50
C VAL B 172 14.24 50.92 9.85
N ALA B 173 15.02 51.74 10.54
CA ALA B 173 15.64 51.37 11.80
C ALA B 173 14.89 52.02 12.96
N LYS B 174 14.97 51.37 14.12
CA LYS B 174 14.31 51.79 15.33
C LYS B 174 15.31 51.74 16.48
N PRO B 175 15.00 52.42 17.60
CA PRO B 175 15.88 52.37 18.78
C PRO B 175 16.15 50.95 19.25
N ASN B 190 15.41 55.37 8.60
CA ASN B 190 15.37 55.13 7.16
C ASN B 190 16.78 55.08 6.59
N LEU B 191 17.15 53.94 6.03
CA LEU B 191 18.49 53.75 5.50
C LEU B 191 18.46 52.75 4.36
N ASN B 192 19.38 52.92 3.43
CA ASN B 192 19.51 52.05 2.26
C ASN B 192 20.78 51.23 2.41
N ILE B 193 20.66 49.92 2.29
CA ILE B 193 21.78 49.00 2.40
C ILE B 193 22.05 48.45 1.02
N LYS B 194 23.23 48.77 0.48
CA LYS B 194 23.64 48.33 -0.85
C LYS B 194 24.77 47.31 -0.72
N SER B 195 24.66 46.21 -1.47
CA SER B 195 25.63 45.13 -1.37
C SER B 195 25.73 44.43 -2.71
N ARG B 196 26.73 43.57 -2.84
CA ARG B 196 26.87 42.77 -4.04
C ARG B 196 25.88 41.60 -4.05
N VAL B 197 25.64 40.99 -2.89
CA VAL B 197 24.78 39.82 -2.76
C VAL B 197 23.71 40.12 -1.71
N THR B 198 22.47 39.74 -2.00
CA THR B 198 21.37 39.81 -1.06
C THR B 198 20.84 38.40 -0.84
N VAL B 199 20.70 38.00 0.43
CA VAL B 199 20.26 36.66 0.80
C VAL B 199 19.06 36.79 1.72
N GLY B 200 18.00 36.04 1.42
CA GLY B 200 16.78 36.12 2.20
C GLY B 200 16.57 34.91 3.10
N VAL B 201 16.76 35.12 4.40
CA VAL B 201 16.72 34.01 5.36
C VAL B 201 15.68 34.29 6.43
N ASP B 202 14.57 34.90 6.04
CA ASP B 202 13.41 34.97 6.92
C ASP B 202 12.80 33.57 7.08
N GLY B 203 11.71 33.50 7.84
CA GLY B 203 11.08 32.24 8.17
C GLY B 203 10.03 31.83 7.17
N ARG B 204 9.04 31.07 7.65
CA ARG B 204 7.90 30.70 6.82
C ARG B 204 7.23 31.92 6.24
N ASN B 205 6.90 32.86 7.13
CA ASN B 205 6.27 34.10 6.73
C ASN B 205 7.38 34.96 6.21
N SER B 206 7.55 35.04 4.90
CA SER B 206 8.69 35.73 4.30
C SER B 206 8.21 36.94 3.51
N THR B 207 8.68 38.12 3.90
CA THR B 207 8.45 39.32 3.10
C THR B 207 9.35 39.35 1.87
N MET B 208 10.58 38.86 2.01
CA MET B 208 11.54 38.81 0.92
C MET B 208 11.18 37.78 -0.15
N GLU B 209 10.20 36.91 0.11
CA GLU B 209 9.74 35.99 -0.92
C GLU B 209 8.88 36.70 -1.96
N LYS B 210 8.22 37.78 -1.57
CA LYS B 210 7.29 38.49 -2.44
C LYS B 210 7.94 39.68 -3.14
N LEU B 211 8.83 40.41 -2.46
CA LEU B 211 9.53 41.51 -3.10
C LEU B 211 10.37 41.02 -4.28
N GLY B 212 11.11 39.94 -4.08
CA GLY B 212 11.69 39.22 -5.19
C GLY B 212 10.67 38.18 -5.64
N ASN B 213 10.24 38.25 -6.89
CA ASN B 213 9.06 37.50 -7.31
C ASN B 213 9.35 36.01 -7.37
N PHE B 214 9.44 35.38 -6.22
CA PHE B 214 9.66 33.94 -6.13
C PHE B 214 8.32 33.21 -6.17
N GLU B 215 8.34 31.98 -6.68
CA GLU B 215 7.13 31.19 -6.86
C GLU B 215 7.26 29.85 -6.15
N LEU B 216 6.19 29.42 -5.51
CA LEU B 216 6.16 28.19 -4.73
C LEU B 216 5.80 27.00 -5.60
N GLU B 217 6.59 25.93 -5.49
CA GLU B 217 6.29 24.67 -6.17
C GLU B 217 5.50 23.70 -5.31
N LEU B 218 5.25 24.04 -4.05
CA LEU B 218 4.54 23.15 -3.14
C LEU B 218 3.96 24.00 -2.02
N ASP B 219 2.75 23.65 -1.59
CA ASP B 219 2.08 24.38 -0.52
C ASP B 219 1.20 23.36 0.21
N TYR B 220 1.75 22.78 1.27
CA TYR B 220 1.13 21.68 1.99
C TYR B 220 0.75 22.15 3.38
N TYR B 221 -0.50 21.91 3.78
CA TYR B 221 -0.94 22.19 5.12
C TYR B 221 -2.17 21.31 5.37
N ASP B 222 -2.00 20.29 6.20
CA ASP B 222 -3.08 19.34 6.46
C ASP B 222 -3.27 19.01 7.93
N ASN B 223 -2.52 19.62 8.84
CA ASN B 223 -2.53 19.20 10.24
C ASN B 223 -2.15 20.36 11.13
N ASP B 224 -2.49 20.23 12.41
CA ASP B 224 -2.14 21.19 13.44
C ASP B 224 -1.51 20.46 14.61
N LEU B 225 -0.87 21.23 15.49
CA LEU B 225 -0.43 20.74 16.79
C LEU B 225 -0.93 21.72 17.84
N LEU B 226 -1.24 21.19 19.02
CA LEU B 226 -1.75 22.00 20.12
C LEU B 226 -0.86 21.75 21.33
N TRP B 227 0.00 22.72 21.65
CA TRP B 227 1.08 22.53 22.61
C TRP B 227 0.70 23.08 23.97
N PHE B 228 1.09 22.34 25.01
CA PHE B 228 0.97 22.79 26.39
C PHE B 228 2.05 22.10 27.20
N SER B 229 2.39 22.68 28.34
CA SER B 229 3.44 22.17 29.21
C SER B 229 2.88 21.87 30.58
N PHE B 230 3.40 20.81 31.20
CA PHE B 230 2.91 20.38 32.50
C PHE B 230 4.06 19.79 33.31
N GLU B 231 3.86 19.75 34.62
CA GLU B 231 4.90 19.32 35.54
C GLU B 231 5.24 17.85 35.36
N LYS B 232 6.51 17.53 35.39
CA LYS B 232 6.97 16.17 35.11
C LYS B 232 6.46 15.21 36.17
N PRO B 233 5.75 14.14 35.81
CA PRO B 233 5.36 13.15 36.82
C PRO B 233 6.55 12.41 37.39
N GLU B 234 6.40 11.95 38.63
CA GLU B 234 7.51 11.33 39.34
C GLU B 234 7.97 10.03 38.69
N SER B 235 7.15 9.41 37.86
CA SER B 235 7.47 8.13 37.26
C SER B 235 8.12 8.26 35.88
N TRP B 236 8.41 9.49 35.44
CA TRP B 236 8.87 9.75 34.09
C TRP B 236 10.29 10.31 34.12
N ASP B 237 11.11 9.87 33.16
CA ASP B 237 12.39 10.51 32.93
C ASP B 237 12.16 11.92 32.41
N TYR B 238 13.26 12.64 32.19
CA TYR B 238 13.19 14.01 31.69
C TYR B 238 13.63 14.15 30.25
N ASN B 239 14.64 13.41 29.81
CA ASN B 239 15.17 13.52 28.46
C ASN B 239 14.52 12.49 27.52
N ILE B 240 13.21 12.59 27.42
CA ILE B 240 12.40 11.62 26.71
C ILE B 240 12.06 12.16 25.33
N TYR B 241 11.69 11.25 24.43
CA TYR B 241 11.15 11.57 23.11
C TYR B 241 10.10 10.50 22.83
N HIS B 242 8.86 10.78 23.22
CA HIS B 242 7.80 9.79 23.23
C HIS B 242 6.66 10.22 22.32
N PHE B 243 6.18 9.28 21.51
CA PHE B 243 4.98 9.49 20.70
C PHE B 243 3.98 8.39 21.01
N TYR B 244 2.73 8.77 21.24
CA TYR B 244 1.68 7.86 21.66
C TYR B 244 0.60 7.77 20.58
N PHE B 245 0.18 6.55 20.27
CA PHE B 245 -0.98 6.31 19.40
C PHE B 245 -2.14 5.90 20.31
N GLN B 246 -2.97 6.86 20.71
CA GLN B 246 -4.04 6.59 21.65
C GLN B 246 -5.38 6.45 20.99
N LYS B 247 -6.45 6.31 21.77
CA LYS B 247 -7.78 6.09 21.21
C LYS B 247 -8.42 7.31 20.60
N ASN B 248 -8.34 8.45 21.28
CA ASN B 248 -8.91 9.67 20.74
C ASN B 248 -7.90 10.47 19.92
N TYR B 249 -6.85 11.01 20.57
CA TYR B 249 -5.85 11.83 19.89
C TYR B 249 -4.46 11.20 19.86
N ASN B 250 -3.48 11.88 19.24
CA ASN B 250 -2.09 11.39 19.21
C ASN B 250 -1.24 12.39 19.97
N TYR B 251 -0.31 11.93 20.82
CA TYR B 251 0.43 12.80 21.72
C TYR B 251 1.93 12.68 21.47
N LEU B 252 2.61 13.82 21.58
CA LEU B 252 4.06 13.89 21.47
C LEU B 252 4.59 14.57 22.72
N PHE B 253 5.48 13.89 23.45
CA PHE B 253 6.05 14.41 24.68
C PHE B 253 7.54 14.65 24.48
N LEU B 254 7.97 15.86 24.78
CA LEU B 254 9.37 16.27 24.69
C LEU B 254 9.74 17.02 25.96
N PRO B 255 11.03 17.07 26.29
CA PRO B 255 11.45 17.87 27.45
C PRO B 255 11.23 19.35 27.21
N LYS B 256 11.07 20.08 28.30
CA LYS B 256 10.97 21.53 28.27
C LYS B 256 11.99 22.13 29.24
N LEU B 257 12.43 23.33 28.91
CA LEU B 257 13.41 24.03 29.74
C LEU B 257 12.85 24.30 31.14
N GLY B 258 13.43 23.65 32.15
CA GLY B 258 13.09 23.96 33.52
C GLY B 258 12.46 22.80 34.28
N GLY B 259 12.69 21.58 33.82
CA GLY B 259 12.14 20.42 34.49
C GLY B 259 10.70 20.11 34.14
N TYR B 260 10.14 20.76 33.13
CA TYR B 260 8.78 20.52 32.68
C TYR B 260 8.78 19.58 31.47
N ILE B 261 7.58 19.19 31.06
CA ILE B 261 7.37 18.39 29.87
C ILE B 261 6.34 19.10 29.01
N GLN B 262 6.66 19.18 27.71
CA GLN B 262 5.76 19.79 26.76
C GLN B 262 5.06 18.74 25.92
N CYS B 263 3.73 18.78 25.87
CA CYS B 263 2.97 17.82 25.11
C CYS B 263 2.36 18.50 23.88
N GLY B 264 2.06 17.70 22.87
CA GLY B 264 1.40 18.20 21.68
C GLY B 264 0.30 17.27 21.22
N ILE B 265 -0.91 17.80 21.03
CA ILE B 265 -2.06 17.01 20.58
C ILE B 265 -2.25 17.25 19.10
N SER B 266 -2.29 16.17 18.33
CA SER B 266 -2.37 16.26 16.88
C SER B 266 -3.82 16.38 16.45
N LEU B 267 -4.12 17.42 15.67
CA LEU B 267 -5.47 17.68 15.20
C LEU B 267 -5.42 17.98 13.71
N THR B 268 -6.59 17.89 13.07
CA THR B 268 -6.71 18.16 11.65
C THR B 268 -6.84 19.65 11.40
N LYS B 269 -6.72 20.04 10.14
CA LYS B 269 -6.88 21.43 9.74
C LYS B 269 -8.33 21.85 9.91
N GLY B 270 -8.61 22.69 10.89
CA GLY B 270 -9.94 23.20 11.11
C GLY B 270 -10.75 22.50 12.17
N GLU B 271 -10.20 21.46 12.81
CA GLU B 271 -10.93 20.74 13.84
C GLU B 271 -10.88 21.42 15.20
N TYR B 272 -9.95 22.38 15.40
CA TYR B 272 -9.87 23.03 16.70
C TYR B 272 -11.06 23.95 16.94
N GLN B 273 -11.58 24.59 15.90
CA GLN B 273 -12.75 25.44 16.07
C GLN B 273 -13.94 24.62 16.57
N LYS B 274 -14.10 23.40 16.05
CA LYS B 274 -15.18 22.54 16.52
C LYS B 274 -14.95 22.12 17.96
N ILE B 275 -13.70 21.83 18.34
CA ILE B 275 -13.41 21.41 19.70
C ILE B 275 -13.82 22.48 20.70
N LYS B 276 -13.53 23.74 20.38
CA LYS B 276 -13.87 24.82 21.30
C LYS B 276 -15.38 24.96 21.46
N LYS B 277 -16.15 24.67 20.40
CA LYS B 277 -17.60 24.76 20.49
C LYS B 277 -18.14 23.81 21.55
N GLU B 278 -17.69 22.55 21.53
CA GLU B 278 -18.23 21.55 22.44
C GLU B 278 -17.91 21.85 23.89
N GLY B 279 -16.90 22.66 24.15
CA GLY B 279 -16.56 23.08 25.50
C GLY B 279 -15.26 22.47 25.99
N ILE B 280 -14.66 23.16 26.96
CA ILE B 280 -13.41 22.67 27.54
C ILE B 280 -13.63 21.34 28.25
N GLU B 281 -14.78 21.16 28.91
CA GLU B 281 -15.00 19.97 29.69
C GLU B 281 -14.86 18.72 28.84
N SER B 282 -15.59 18.66 27.72
CA SER B 282 -15.55 17.46 26.89
C SER B 282 -14.14 17.18 26.40
N PHE B 283 -13.35 18.22 26.17
CA PHE B 283 -11.96 18.02 25.79
C PHE B 283 -11.18 17.33 26.91
N LYS B 284 -11.42 17.74 28.15
CA LYS B 284 -10.70 17.14 29.28
C LYS B 284 -11.09 15.67 29.47
N GLU B 285 -12.37 15.36 29.36
CA GLU B 285 -12.79 13.97 29.52
C GLU B 285 -12.12 13.06 28.49
N LYS B 286 -11.96 13.53 27.26
CA LYS B 286 -11.36 12.69 26.24
C LYS B 286 -9.85 12.60 26.40
N ILE B 287 -9.21 13.67 26.84
CA ILE B 287 -7.77 13.65 27.06
C ILE B 287 -7.42 12.80 28.28
N LEU B 288 -8.16 12.96 29.38
CA LEU B 288 -7.87 12.20 30.58
C LEU B 288 -8.15 10.71 30.39
N GLU B 289 -9.12 10.37 29.54
CA GLU B 289 -9.31 8.97 29.18
C GLU B 289 -8.10 8.44 28.43
N ASP B 290 -7.49 9.26 27.59
CA ASP B 290 -6.32 8.84 26.83
C ASP B 290 -5.11 8.69 27.74
N MET B 291 -4.70 9.78 28.39
CA MET B 291 -3.48 9.84 29.20
C MET B 291 -3.89 10.16 30.63
N PRO B 292 -4.24 9.14 31.43
CA PRO B 292 -4.69 9.43 32.80
C PRO B 292 -3.63 10.04 33.70
N ILE B 293 -2.34 9.96 33.32
CA ILE B 293 -1.31 10.57 34.12
C ILE B 293 -1.44 12.09 34.15
N LEU B 294 -2.14 12.67 33.17
CA LEU B 294 -2.36 14.10 33.11
C LEU B 294 -3.51 14.55 34.00
N LYS B 295 -3.98 13.71 34.92
CA LYS B 295 -5.14 14.06 35.73
C LYS B 295 -4.86 15.29 36.59
N GLN B 296 -3.66 15.37 37.17
CA GLN B 296 -3.37 16.44 38.11
C GLN B 296 -3.26 17.79 37.41
N HIS B 297 -2.70 17.81 36.20
CA HIS B 297 -2.58 19.08 35.48
C HIS B 297 -3.96 19.63 35.12
N PHE B 298 -4.85 18.78 34.63
CA PHE B 298 -6.14 19.22 34.11
C PHE B 298 -7.16 19.51 35.21
N ASP B 299 -6.77 19.43 36.48
CA ASP B 299 -7.65 19.84 37.56
C ASP B 299 -7.77 21.34 37.67
N THR B 300 -6.78 22.08 37.16
CA THR B 300 -6.74 23.54 37.26
C THR B 300 -6.83 24.20 35.89
N VAL B 301 -7.55 23.58 34.95
CA VAL B 301 -7.74 24.12 33.61
C VAL B 301 -9.22 24.41 33.44
N THR B 302 -9.55 25.66 33.09
CA THR B 302 -10.93 26.07 32.91
C THR B 302 -11.17 26.77 31.58
N ASP B 303 -10.18 26.83 30.69
CA ASP B 303 -10.35 27.50 29.41
C ASP B 303 -9.26 26.99 28.47
N PHE B 304 -9.38 27.40 27.20
CA PHE B 304 -8.43 27.02 26.16
C PHE B 304 -7.27 27.99 26.04
N LYS B 305 -6.93 28.70 27.10
CA LYS B 305 -5.85 29.68 27.06
C LYS B 305 -4.48 29.08 27.38
N SER B 306 -4.42 27.84 27.86
CA SER B 306 -3.15 27.19 28.15
C SER B 306 -2.56 26.48 26.95
N PHE B 307 -3.31 26.39 25.84
CA PHE B 307 -2.89 25.68 24.65
C PHE B 307 -2.46 26.67 23.58
N VAL B 308 -1.47 26.27 22.78
CA VAL B 308 -0.96 27.09 21.70
C VAL B 308 -1.08 26.30 20.41
N GLN B 309 -1.62 26.94 19.38
CA GLN B 309 -1.84 26.28 18.10
C GLN B 309 -0.74 26.47 17.12
N LEU B 310 -0.25 25.39 16.56
CA LEU B 310 0.81 25.42 15.57
C LEU B 310 0.32 24.75 14.29
N LEU B 311 0.64 25.36 13.15
CA LEU B 311 0.22 24.88 11.85
C LEU B 311 1.40 24.22 11.16
N CYS B 312 1.21 22.98 10.71
CA CYS B 312 2.29 22.19 10.11
C CYS B 312 2.27 22.39 8.60
N ARG B 313 3.05 23.36 8.13
CA ARG B 313 3.11 23.72 6.72
C ARG B 313 4.46 23.34 6.14
N MET B 314 4.45 22.87 4.89
CA MET B 314 5.64 22.54 4.14
C MET B 314 5.64 23.35 2.85
N ARG B 315 6.82 23.81 2.44
CA ARG B 315 6.93 24.71 1.29
C ARG B 315 8.17 24.36 0.48
N TYR B 316 8.20 24.86 -0.75
CA TYR B 316 9.40 24.73 -1.59
C TYR B 316 9.29 25.74 -2.72
N ILE B 317 10.24 26.69 -2.75
CA ILE B 317 10.28 27.66 -3.83
C ILE B 317 10.77 26.99 -5.10
N LYS B 318 10.29 27.47 -6.25
CA LYS B 318 10.61 26.84 -7.52
C LYS B 318 12.09 26.98 -7.85
N ASP B 319 12.59 28.21 -7.89
CA ASP B 319 13.99 28.50 -8.21
C ASP B 319 14.49 29.50 -7.18
N TRP B 320 15.36 29.04 -6.28
CA TRP B 320 15.73 29.86 -5.13
C TRP B 320 16.47 31.12 -5.55
N ALA B 321 17.40 31.00 -6.51
CA ALA B 321 18.12 32.15 -7.06
C ALA B 321 17.54 32.47 -8.42
N LYS B 322 16.82 33.58 -8.51
CA LYS B 322 16.08 33.95 -9.71
C LYS B 322 16.60 35.20 -10.40
N GLU B 323 17.10 36.18 -9.65
CA GLU B 323 17.58 37.43 -10.18
C GLU B 323 19.03 37.65 -9.77
N GLU B 324 19.71 38.51 -10.52
CA GLU B 324 21.11 38.81 -10.22
C GLU B 324 21.22 39.51 -8.87
N GLY B 325 22.22 39.10 -8.09
CA GLY B 325 22.39 39.66 -6.75
C GLY B 325 21.26 39.25 -5.83
N CYS B 326 20.70 38.05 -6.01
CA CYS B 326 19.55 37.64 -5.21
C CYS B 326 19.52 36.16 -4.96
N MET B 327 19.24 35.76 -3.73
CA MET B 327 19.16 34.37 -3.40
C MET B 327 18.21 34.18 -2.27
N LEU B 328 17.69 32.99 -2.11
CA LEU B 328 16.81 32.62 -1.01
C LEU B 328 17.25 31.29 -0.43
N ILE B 329 17.25 31.21 0.90
CA ILE B 329 17.71 30.02 1.60
C ILE B 329 17.04 29.97 2.96
N GLY B 330 17.05 28.80 3.60
CA GLY B 330 16.49 28.66 4.92
C GLY B 330 15.09 28.10 4.93
N ASP B 331 14.26 28.56 5.87
CA ASP B 331 12.86 28.15 5.95
C ASP B 331 11.93 29.04 5.15
N ALA B 332 12.44 30.15 4.61
CA ALA B 332 11.75 30.89 3.56
C ALA B 332 11.93 30.24 2.20
N ALA B 333 12.69 29.19 2.11
CA ALA B 333 12.98 28.54 0.85
C ALA B 333 12.50 27.08 0.84
N HIS B 334 12.52 26.40 1.98
CA HIS B 334 12.17 25.01 2.02
C HIS B 334 11.80 24.48 3.36
N CYS B 335 10.69 24.94 3.90
CA CYS B 335 10.25 24.48 5.20
C CYS B 335 9.85 23.01 5.18
N VAL B 336 9.68 22.39 6.33
CA VAL B 336 9.28 21.00 6.44
C VAL B 336 8.38 20.86 7.65
N THR B 337 7.84 19.68 7.90
CA THR B 337 6.92 19.48 9.02
C THR B 337 7.67 19.27 10.33
N PRO B 338 6.96 19.26 11.46
CA PRO B 338 7.64 19.16 12.75
C PRO B 338 8.19 17.80 13.10
N TRP B 339 8.14 16.85 12.19
CA TRP B 339 8.53 15.49 12.53
C TRP B 339 10.00 15.19 12.31
N GLY B 340 10.63 14.61 13.32
CA GLY B 340 12.03 14.28 13.24
C GLY B 340 12.97 15.37 13.74
N ALA B 341 12.48 16.59 13.94
CA ALA B 341 13.30 17.71 14.37
C ALA B 341 14.40 18.00 13.36
N VAL B 342 13.97 18.29 12.13
CA VAL B 342 14.89 18.53 11.03
C VAL B 342 14.93 19.99 10.59
N GLY B 343 14.02 20.82 11.07
CA GLY B 343 13.86 22.14 10.48
C GLY B 343 15.08 23.02 10.64
N SER B 344 15.64 23.08 11.85
CA SER B 344 16.75 23.98 12.09
C SER B 344 18.04 23.47 11.46
N THR B 345 18.31 22.17 11.60
CA THR B 345 19.53 21.60 11.04
C THR B 345 19.54 21.71 9.52
N LEU B 346 18.38 21.45 8.89
CA LEU B 346 18.29 21.55 7.44
C LEU B 346 18.55 22.98 6.97
N ALA B 347 18.04 23.96 7.71
CA ALA B 347 18.28 25.36 7.36
C ALA B 347 19.74 25.73 7.54
N MET B 348 20.37 25.26 8.62
CA MET B 348 21.77 25.56 8.86
C MET B 348 22.66 24.95 7.78
N GLY B 349 22.34 23.75 7.33
CA GLY B 349 23.16 23.12 6.30
C GLY B 349 23.09 23.85 4.98
N THR B 350 21.93 24.44 4.67
CA THR B 350 21.82 25.22 3.44
C THR B 350 22.70 26.46 3.50
N ALA B 351 22.75 27.11 4.66
CA ALA B 351 23.62 28.28 4.80
C ALA B 351 25.08 27.92 4.58
N VAL B 352 25.53 26.82 5.18
CA VAL B 352 26.94 26.43 5.07
C VAL B 352 27.31 26.22 3.60
N ILE B 353 26.41 25.63 2.82
CA ILE B 353 26.65 25.48 1.38
C ILE B 353 26.63 26.83 0.70
N ALA B 354 25.77 27.74 1.16
CA ALA B 354 25.71 29.08 0.59
C ALA B 354 27.00 29.83 0.86
N ALA B 355 27.59 29.65 2.03
CA ALA B 355 28.84 30.35 2.32
C ALA B 355 29.97 29.88 1.41
N ASP B 356 30.06 28.57 1.17
CA ASP B 356 31.10 28.06 0.28
C ASP B 356 30.91 28.58 -1.14
N VAL B 357 29.68 28.58 -1.63
CA VAL B 357 29.42 29.07 -2.99
C VAL B 357 29.78 30.54 -3.09
N ILE B 358 29.34 31.35 -2.12
CA ILE B 358 29.65 32.78 -2.14
C ILE B 358 31.15 32.99 -2.03
N TYR B 359 31.82 32.20 -1.19
CA TYR B 359 33.26 32.34 -1.03
C TYR B 359 33.97 32.11 -2.36
N LYS B 360 33.54 31.11 -3.10
CA LYS B 360 34.15 30.83 -4.40
C LYS B 360 33.95 32.01 -5.35
N GLY B 361 32.76 32.61 -5.34
CA GLY B 361 32.49 33.71 -6.24
C GLY B 361 33.34 34.93 -5.95
N PHE B 362 33.44 35.31 -4.68
CA PHE B 362 34.18 36.53 -4.32
C PHE B 362 35.65 36.40 -4.68
N LYS B 363 36.26 35.25 -4.40
CA LYS B 363 37.65 35.04 -4.77
C LYS B 363 37.81 35.09 -6.29
N ASN B 364 36.89 34.50 -7.02
CA ASN B 364 36.90 34.49 -8.48
C ASN B 364 36.28 35.74 -9.08
N ASN B 365 35.76 36.65 -8.26
CA ASN B 365 35.07 37.84 -8.74
C ASN B 365 34.01 37.48 -9.76
N ASP B 366 33.17 36.50 -9.40
CA ASP B 366 32.12 36.00 -10.30
C ASP B 366 30.87 35.82 -9.46
N LEU B 367 30.03 36.86 -9.40
CA LEU B 367 28.78 36.83 -8.64
C LEU B 367 27.56 36.80 -9.54
N SER B 368 27.72 36.40 -10.80
CA SER B 368 26.61 36.38 -11.73
C SER B 368 25.51 35.44 -11.22
N LEU B 369 24.34 35.53 -11.87
CA LEU B 369 23.23 34.67 -11.50
C LEU B 369 23.61 33.20 -11.67
N GLU B 370 24.60 32.92 -12.51
CA GLU B 370 24.99 31.53 -12.77
C GLU B 370 25.61 30.89 -11.52
N THR B 371 26.44 31.62 -10.79
CA THR B 371 27.09 31.05 -9.62
C THR B 371 26.12 30.90 -8.44
N LEU B 372 25.05 31.68 -8.41
CA LEU B 372 24.12 31.61 -7.28
C LEU B 372 23.30 30.33 -7.33
N LYS B 373 23.00 29.82 -8.52
CA LYS B 373 22.14 28.64 -8.61
C LYS B 373 22.83 27.38 -8.11
N GLN B 374 24.07 27.46 -7.65
CA GLN B 374 24.75 26.27 -7.15
C GLN B 374 24.20 25.84 -5.80
N VAL B 375 23.61 26.77 -5.04
CA VAL B 375 23.02 26.42 -3.74
C VAL B 375 21.86 25.44 -3.94
N GLN B 376 20.95 25.76 -4.85
CA GLN B 376 19.85 24.84 -5.15
C GLN B 376 20.38 23.58 -5.83
N SER B 377 21.39 23.73 -6.69
CA SER B 377 21.89 22.58 -7.42
C SER B 377 22.60 21.58 -6.53
N ARG B 378 22.98 21.98 -5.31
CA ARG B 378 23.66 21.09 -4.38
C ARG B 378 22.77 20.70 -3.20
N ARG B 379 21.90 21.59 -2.75
CA ARG B 379 20.99 21.29 -1.64
C ARG B 379 19.74 20.55 -2.09
N LYS B 380 19.35 20.69 -3.35
CA LYS B 380 18.07 20.18 -3.81
C LYS B 380 17.90 18.69 -3.51
N GLU B 381 18.94 17.90 -3.71
CA GLU B 381 18.79 16.44 -3.62
C GLU B 381 18.43 16.02 -2.21
N GLU B 382 19.00 16.69 -1.20
CA GLU B 382 18.79 16.28 0.18
C GLU B 382 17.57 16.94 0.77
N VAL B 383 17.23 18.14 0.30
CA VAL B 383 16.01 18.81 0.79
C VAL B 383 14.78 18.07 0.30
N LYS B 384 14.77 17.64 -0.97
CA LYS B 384 13.61 16.94 -1.51
C LYS B 384 13.50 15.53 -0.95
N MET B 385 14.63 14.91 -0.64
CA MET B 385 14.59 13.62 0.03
C MET B 385 13.90 13.73 1.38
N ILE B 386 14.21 14.80 2.13
CA ILE B 386 13.60 15.01 3.44
C ILE B 386 12.10 15.26 3.30
N GLN B 387 11.71 16.13 2.37
CA GLN B 387 10.32 16.52 2.26
C GLN B 387 9.42 15.35 1.87
N ASN B 388 9.92 14.46 1.01
CA ASN B 388 9.13 13.28 0.63
C ASN B 388 8.93 12.36 1.82
N LEU B 389 9.90 12.28 2.73
CA LEU B 389 9.72 11.52 3.95
C LEU B 389 8.66 12.14 4.84
N GLN B 390 8.64 13.47 4.93
CA GLN B 390 7.66 14.13 5.78
C GLN B 390 6.24 13.93 5.25
N LEU B 391 6.10 13.80 3.93
CA LEU B 391 4.79 13.53 3.35
C LEU B 391 4.34 12.11 3.66
N THR B 392 5.28 11.15 3.65
CA THR B 392 4.95 9.78 4.01
C THR B 392 4.56 9.68 5.47
N ILE B 393 5.30 10.34 6.36
CA ILE B 393 5.05 10.23 7.79
C ILE B 393 3.72 10.88 8.16
N GLU B 394 3.40 12.00 7.51
CA GLU B 394 2.16 12.70 7.81
C GLU B 394 0.93 11.91 7.44
N LYS B 395 1.07 10.84 6.67
CA LYS B 395 -0.05 9.97 6.34
C LYS B 395 -0.42 9.03 7.47
N PHE B 396 0.39 8.95 8.52
CA PHE B 396 0.09 8.12 9.68
C PHE B 396 -0.74 8.85 10.72
N LEU B 397 -0.96 10.16 10.55
CA LEU B 397 -1.73 10.96 11.49
C LEU B 397 -3.18 11.13 11.05
N THR B 398 -3.64 10.34 10.09
CA THR B 398 -5.01 10.48 9.60
C THR B 398 -6.00 10.29 10.74
N ARG B 399 -7.06 11.09 10.73
CA ARG B 399 -8.13 11.02 11.71
C ARG B 399 -9.44 10.63 11.05
N GLU B 400 -9.38 9.86 9.96
CA GLU B 400 -10.56 9.47 9.21
C GLU B 400 -11.24 8.28 9.88
N PRO B 401 -12.53 8.06 9.58
CA PRO B 401 -13.29 7.07 10.37
C PRO B 401 -12.70 5.68 10.37
N ILE B 402 -12.17 5.20 9.24
CA ILE B 402 -11.63 3.85 9.17
C ILE B 402 -10.10 3.84 9.17
N LYS B 403 -9.46 4.93 8.73
CA LYS B 403 -8.01 4.98 8.71
C LYS B 403 -7.41 5.33 10.07
N LYS B 404 -8.17 5.96 10.95
CA LYS B 404 -7.62 6.34 12.25
C LYS B 404 -7.28 5.11 13.09
N GLU B 405 -7.99 4.00 12.89
CA GLU B 405 -7.83 2.82 13.72
C GLU B 405 -6.81 1.84 13.19
N ILE B 406 -6.25 2.07 12.00
CA ILE B 406 -5.23 1.19 11.44
C ILE B 406 -3.89 1.88 11.26
N ALA B 407 -3.81 3.20 11.43
CA ALA B 407 -2.52 3.87 11.32
C ALA B 407 -1.52 3.35 12.33
N PRO B 408 -1.87 3.15 13.61
CA PRO B 408 -0.88 2.58 14.55
C PRO B 408 -0.37 1.22 14.11
N LEU B 409 -1.22 0.40 13.50
CA LEU B 409 -0.80 -0.95 13.12
C LEU B 409 0.03 -0.95 11.84
N MET B 410 -0.23 0.00 10.95
CA MET B 410 0.64 0.16 9.77
C MET B 410 2.03 0.62 10.18
N PHE B 411 2.10 1.53 11.16
CA PHE B 411 3.38 1.99 11.65
C PHE B 411 4.17 0.85 12.29
N SER B 412 3.49 0.02 13.09
CA SER B 412 4.16 -1.10 13.74
C SER B 412 4.69 -2.10 12.72
N ILE B 413 3.97 -2.31 11.63
CA ILE B 413 4.42 -3.24 10.61
C ILE B 413 5.61 -2.67 9.84
N ALA B 414 5.54 -1.39 9.48
CA ALA B 414 6.60 -0.81 8.65
C ALA B 414 7.94 -0.84 9.36
N THR B 415 7.96 -0.53 10.66
CA THR B 415 9.21 -0.45 11.41
C THR B 415 9.87 -1.80 11.59
N LYS B 416 9.18 -2.90 11.28
CA LYS B 416 9.76 -4.23 11.38
C LYS B 416 10.36 -4.70 10.05
N MET B 417 10.43 -3.83 9.05
CA MET B 417 10.98 -4.21 7.77
C MET B 417 12.50 -4.39 7.88
N PRO B 418 13.07 -5.34 7.15
CA PRO B 418 14.51 -5.61 7.33
C PRO B 418 15.41 -4.44 6.96
N ASP B 419 14.95 -3.52 6.13
CA ASP B 419 15.75 -2.39 5.67
C ASP B 419 15.18 -1.08 6.16
N ILE B 420 14.77 -1.04 7.43
CA ILE B 420 14.24 0.20 8.00
C ILE B 420 15.36 1.09 8.50
N THR B 421 16.52 0.54 8.83
CA THR B 421 17.61 1.36 9.36
C THR B 421 18.15 2.33 8.32
N ASN B 422 17.95 2.03 7.03
CA ASN B 422 18.33 2.99 5.99
C ASN B 422 17.46 4.24 6.06
N LEU B 423 16.17 4.07 6.35
CA LEU B 423 15.30 5.23 6.52
C LEU B 423 15.68 6.02 7.77
N TYR B 424 16.07 5.31 8.83
CA TYR B 424 16.53 6.00 10.03
C TYR B 424 17.76 6.84 9.73
N LYS B 425 18.71 6.29 8.97
CA LYS B 425 19.92 7.02 8.65
C LYS B 425 19.60 8.25 7.81
N LYS B 426 18.69 8.13 6.85
CA LYS B 426 18.33 9.27 6.01
C LYS B 426 17.67 10.37 6.82
N LEU B 427 16.81 10.00 7.77
CA LEU B 427 16.02 10.98 8.49
C LEU B 427 16.85 11.70 9.55
N PHE B 428 17.79 11.02 10.19
CA PHE B 428 18.52 11.58 11.32
C PHE B 428 19.96 11.92 11.02
N THR B 429 20.68 11.05 10.30
CA THR B 429 22.10 11.23 10.06
C THR B 429 22.36 11.65 8.62
N ARG B 430 23.56 12.19 8.41
CA ARG B 430 24.02 12.62 7.10
C ARG B 430 25.22 11.78 6.72
N GLU B 431 25.18 11.18 5.53
CA GLU B 431 26.18 10.18 5.18
C GLU B 431 27.58 10.76 5.15
N PHE B 432 27.74 11.92 4.50
CA PHE B 432 29.05 12.55 4.35
C PHE B 432 28.99 14.00 4.80
N PRO B 433 30.10 14.53 5.29
CA PRO B 433 30.12 15.95 5.65
C PRO B 433 29.97 16.85 4.42
N LEU B 434 29.43 18.04 4.65
CA LEU B 434 29.32 19.01 3.56
C LEU B 434 30.70 19.34 3.03
N ASP B 435 30.89 19.16 1.73
CA ASP B 435 32.20 19.36 1.10
C ASP B 435 32.43 20.85 0.91
N ILE B 436 33.14 21.47 1.86
CA ILE B 436 33.48 22.88 1.79
C ILE B 436 34.96 23.03 2.11
N ASP B 437 35.53 24.15 1.67
CA ASP B 437 36.96 24.36 1.80
C ASP B 437 37.36 24.45 3.28
N GLU B 438 38.58 24.00 3.58
CA GLU B 438 39.02 23.91 4.95
C GLU B 438 39.00 25.26 5.65
N SER B 439 39.05 26.36 4.89
CA SER B 439 39.11 27.68 5.51
C SER B 439 38.02 27.90 6.54
N PHE B 440 36.93 27.13 6.48
CA PHE B 440 35.80 27.32 7.37
C PHE B 440 35.93 26.59 8.70
N ILE B 441 36.98 25.79 8.88
CA ILE B 441 37.14 25.00 10.10
C ILE B 441 37.72 25.89 11.19
N PHE B 442 36.97 26.08 12.27
CA PHE B 442 37.41 26.91 13.38
C PHE B 442 38.49 26.19 14.18
N HIS B 443 39.45 26.95 14.68
CA HIS B 443 40.54 26.38 15.46
C HIS B 443 40.49 26.86 16.91
N ILE C 26 21.30 24.10 -50.02
CA ILE C 26 20.16 23.66 -49.24
C ILE C 26 18.94 24.48 -49.64
N LYS C 27 17.84 23.80 -49.95
CA LYS C 27 16.60 24.46 -50.35
C LYS C 27 15.83 24.91 -49.11
N GLU C 28 15.03 25.96 -49.29
CA GLU C 28 14.33 26.61 -48.20
C GLU C 28 12.86 26.22 -48.17
N VAL C 29 12.26 26.33 -46.99
CA VAL C 29 10.83 26.17 -46.79
C VAL C 29 10.39 27.16 -45.73
N GLN C 30 9.23 27.78 -45.95
CA GLN C 30 8.69 28.78 -45.04
C GLN C 30 7.31 28.33 -44.56
N SER C 31 7.13 28.30 -43.25
CA SER C 31 5.86 27.91 -42.63
C SER C 31 5.61 28.81 -41.43
N ASP C 32 4.49 28.57 -40.75
CA ASP C 32 4.12 29.34 -39.57
C ASP C 32 4.31 28.58 -38.27
N VAL C 33 4.08 27.27 -38.26
CA VAL C 33 4.25 26.43 -37.08
C VAL C 33 5.03 25.19 -37.50
N CYS C 34 6.04 24.83 -36.71
CA CYS C 34 6.88 23.67 -36.97
C CYS C 34 6.78 22.71 -35.80
N ILE C 35 6.48 21.45 -36.09
CA ILE C 35 6.40 20.38 -35.10
C ILE C 35 7.29 19.24 -35.57
N VAL C 36 7.97 18.59 -34.64
CA VAL C 36 8.88 17.50 -34.94
C VAL C 36 8.31 16.21 -34.37
N GLY C 37 8.02 15.26 -35.24
CA GLY C 37 7.51 13.96 -34.85
C GLY C 37 6.05 13.84 -35.21
N ALA C 38 5.66 12.68 -35.74
CA ALA C 38 4.30 12.41 -36.16
C ALA C 38 3.64 11.32 -35.31
N GLY C 39 3.90 11.34 -34.00
CA GLY C 39 3.22 10.45 -33.09
C GLY C 39 1.85 11.00 -32.75
N PRO C 40 1.22 10.46 -31.71
CA PRO C 40 -0.10 10.97 -31.31
C PRO C 40 -0.11 12.46 -31.04
N ALA C 41 0.75 12.91 -30.12
CA ALA C 41 0.72 14.31 -29.73
C ALA C 41 1.07 15.24 -30.88
N GLY C 42 2.07 14.88 -31.68
CA GLY C 42 2.44 15.73 -32.80
C GLY C 42 1.33 15.85 -33.83
N MET C 43 0.75 14.72 -34.23
CA MET C 43 -0.30 14.73 -35.24
C MET C 43 -1.54 15.45 -34.73
N LEU C 44 -1.96 15.16 -33.50
CA LEU C 44 -3.15 15.80 -32.95
C LEU C 44 -3.01 17.31 -33.00
N LEU C 45 -1.88 17.85 -32.54
CA LEU C 45 -1.70 19.29 -32.52
C LEU C 45 -1.76 19.86 -33.93
N GLY C 46 -1.16 19.17 -34.90
CA GLY C 46 -1.18 19.65 -36.26
C GLY C 46 -2.59 19.75 -36.81
N LEU C 47 -3.41 18.72 -36.58
CA LEU C 47 -4.79 18.74 -37.07
C LEU C 47 -5.55 19.93 -36.50
N LEU C 48 -5.42 20.16 -35.20
CA LEU C 48 -6.13 21.26 -34.57
C LEU C 48 -5.63 22.61 -35.04
N LEU C 49 -4.33 22.73 -35.35
CA LEU C 49 -3.82 23.98 -35.87
C LEU C 49 -4.17 24.17 -37.34
N ALA C 50 -4.16 23.08 -38.12
CA ALA C 50 -4.52 23.19 -39.52
C ALA C 50 -5.96 23.66 -39.70
N LYS C 51 -6.86 23.16 -38.85
CA LYS C 51 -8.26 23.54 -38.96
C LYS C 51 -8.47 25.03 -38.74
N GLN C 52 -7.53 25.71 -38.08
CA GLN C 52 -7.70 27.12 -37.78
C GLN C 52 -7.16 28.04 -38.88
N GLY C 53 -6.51 27.49 -39.89
CA GLY C 53 -5.94 28.30 -40.95
C GLY C 53 -4.48 28.66 -40.79
N LEU C 54 -3.78 28.05 -39.84
CA LEU C 54 -2.37 28.28 -39.65
C LEU C 54 -1.58 27.22 -40.39
N GLU C 55 -0.64 27.64 -41.23
CA GLU C 55 0.16 26.69 -41.99
C GLU C 55 0.99 25.84 -41.05
N VAL C 56 0.84 24.53 -41.15
CA VAL C 56 1.43 23.58 -40.22
C VAL C 56 2.30 22.60 -40.98
N ILE C 57 3.49 22.33 -40.45
CA ILE C 57 4.40 21.32 -40.98
C ILE C 57 4.70 20.33 -39.88
N VAL C 58 4.50 19.04 -40.15
CA VAL C 58 4.81 17.96 -39.22
C VAL C 58 5.88 17.08 -39.86
N LEU C 59 6.94 16.80 -39.11
CA LEU C 59 8.10 16.06 -39.60
C LEU C 59 8.24 14.76 -38.81
N GLU C 60 8.45 13.66 -39.54
CA GLU C 60 8.80 12.38 -38.93
C GLU C 60 9.97 11.76 -39.67
N GLN C 61 10.82 11.07 -38.92
CA GLN C 61 12.00 10.43 -39.47
C GLN C 61 11.71 9.09 -40.12
N ASN C 62 10.53 8.52 -39.86
CA ASN C 62 10.25 7.14 -40.22
C ASN C 62 9.52 7.05 -41.55
N GLY C 63 9.49 5.84 -42.11
CA GLY C 63 8.80 5.62 -43.36
C GLY C 63 7.29 5.79 -43.24
N ASP C 64 6.70 5.24 -42.19
CA ASP C 64 5.26 5.35 -41.96
C ASP C 64 4.97 5.09 -40.50
N PHE C 65 3.69 5.15 -40.14
CA PHE C 65 3.27 5.02 -38.74
C PHE C 65 3.40 3.61 -38.20
N HIS C 66 3.71 2.62 -39.03
CA HIS C 66 3.82 1.23 -38.59
C HIS C 66 5.25 0.82 -38.24
N ARG C 67 6.20 1.76 -38.28
CA ARG C 67 7.60 1.39 -38.13
C ARG C 67 7.93 0.96 -36.70
N GLU C 68 7.52 1.74 -35.71
CA GLU C 68 7.82 1.45 -34.32
C GLU C 68 6.56 0.99 -33.59
N TYR C 69 6.75 0.07 -32.64
CA TYR C 69 5.65 -0.48 -31.87
C TYR C 69 5.49 0.32 -30.58
N ARG C 70 4.30 0.87 -30.36
CA ARG C 70 4.03 1.74 -29.22
C ARG C 70 2.66 1.45 -28.61
N GLY C 71 2.36 0.17 -28.41
CA GLY C 71 1.22 -0.24 -27.61
C GLY C 71 -0.11 -0.11 -28.32
N GLU C 72 -1.14 -0.69 -27.70
CA GLU C 72 -2.46 -0.80 -28.31
C GLU C 72 -3.61 -0.60 -27.33
N ILE C 73 -3.44 0.22 -26.29
CA ILE C 73 -4.47 0.37 -25.26
C ILE C 73 -4.69 1.85 -24.97
N THR C 74 -5.89 2.16 -24.47
CA THR C 74 -6.32 3.53 -24.22
C THR C 74 -7.10 3.55 -22.90
N GLN C 75 -7.70 4.70 -22.60
CA GLN C 75 -8.21 5.00 -21.28
C GLN C 75 -9.54 5.71 -21.40
N PRO C 76 -10.35 5.73 -20.33
CA PRO C 76 -11.56 6.57 -20.36
C PRO C 76 -11.26 8.04 -20.59
N ARG C 77 -10.15 8.53 -20.09
CA ARG C 77 -9.76 9.92 -20.36
C ARG C 77 -9.69 10.18 -21.85
N PHE C 78 -9.23 9.19 -22.63
CA PHE C 78 -9.14 9.36 -24.08
C PHE C 78 -10.53 9.50 -24.70
N VAL C 79 -11.50 8.73 -24.22
CA VAL C 79 -12.87 8.87 -24.71
C VAL C 79 -13.39 10.26 -24.40
N GLN C 80 -13.14 10.74 -23.19
CA GLN C 80 -13.63 12.06 -22.79
C GLN C 80 -13.03 13.14 -23.67
N LEU C 81 -11.73 13.04 -23.98
CA LEU C 81 -11.09 14.06 -24.80
C LEU C 81 -11.63 14.03 -26.23
N MET C 82 -11.85 12.84 -26.77
CA MET C 82 -12.33 12.74 -28.15
C MET C 82 -13.73 13.33 -28.29
N LYS C 83 -14.67 12.89 -27.45
CA LYS C 83 -16.05 13.34 -27.60
C LYS C 83 -16.20 14.80 -27.23
N GLN C 84 -15.26 15.36 -26.48
CA GLN C 84 -15.30 16.80 -26.20
C GLN C 84 -15.18 17.61 -27.48
N LEU C 85 -14.51 17.06 -28.49
CA LEU C 85 -14.31 17.73 -29.77
C LEU C 85 -15.12 17.09 -30.88
N ASN C 86 -16.15 16.32 -30.55
CA ASN C 86 -17.03 15.71 -31.53
C ASN C 86 -16.25 14.76 -32.45
N LEU C 87 -15.59 13.78 -31.82
CA LEU C 87 -14.71 12.85 -32.52
C LEU C 87 -14.92 11.39 -32.15
N LEU C 88 -15.70 11.09 -31.12
CA LEU C 88 -15.86 9.70 -30.72
C LEU C 88 -16.44 8.87 -31.84
N ASP C 89 -17.45 9.40 -32.54
CA ASP C 89 -18.08 8.66 -33.62
C ASP C 89 -17.10 8.36 -34.74
N TYR C 90 -16.31 9.35 -35.15
CA TYR C 90 -15.35 9.15 -36.23
C TYR C 90 -14.31 8.11 -35.85
N ILE C 91 -13.84 8.15 -34.60
CA ILE C 91 -12.88 7.16 -34.13
C ILE C 91 -13.55 5.79 -34.01
N GLU C 92 -14.81 5.75 -33.56
CA GLU C 92 -15.51 4.49 -33.42
C GLU C 92 -15.70 3.80 -34.77
N SER C 93 -15.58 4.53 -35.87
CA SER C 93 -15.62 3.91 -37.18
C SER C 93 -14.49 2.90 -37.34
N ASN C 94 -13.30 3.25 -36.86
CA ASN C 94 -12.14 2.36 -36.95
C ASN C 94 -12.39 1.10 -36.15
N SER C 95 -11.47 0.15 -36.20
CA SER C 95 -11.62 -1.12 -35.50
C SER C 95 -11.09 -0.98 -34.08
N HIS C 96 -11.96 -1.23 -33.10
CA HIS C 96 -11.59 -1.12 -31.70
C HIS C 96 -12.50 -2.01 -30.88
N VAL C 97 -11.94 -2.63 -29.85
CA VAL C 97 -12.68 -3.50 -28.94
C VAL C 97 -12.68 -2.82 -27.57
N LYS C 98 -13.87 -2.54 -27.05
CA LYS C 98 -14.00 -1.91 -25.76
C LYS C 98 -13.67 -2.90 -24.65
N ILE C 99 -12.99 -2.40 -23.63
CA ILE C 99 -12.64 -3.19 -22.44
C ILE C 99 -13.49 -2.68 -21.28
N PRO C 100 -14.34 -3.52 -20.67
CA PRO C 100 -15.32 -3.00 -19.71
C PRO C 100 -14.77 -2.78 -18.30
N GLU C 101 -13.77 -3.54 -17.87
CA GLU C 101 -13.34 -3.48 -16.48
C GLU C 101 -11.93 -4.03 -16.35
N VAL C 102 -11.34 -3.78 -15.18
CA VAL C 102 -10.01 -4.26 -14.83
C VAL C 102 -10.12 -5.07 -13.55
N ASN C 103 -9.43 -6.21 -13.52
CA ASN C 103 -9.43 -7.09 -12.35
C ASN C 103 -8.01 -7.32 -11.89
N VAL C 104 -7.85 -7.57 -10.59
CA VAL C 104 -6.56 -7.86 -10.00
C VAL C 104 -6.71 -9.14 -9.18
N PHE C 105 -5.81 -10.10 -9.41
CA PHE C 105 -5.87 -11.40 -8.78
C PHE C 105 -4.71 -11.57 -7.81
N HIS C 106 -4.86 -12.53 -6.90
CA HIS C 106 -3.81 -12.88 -5.95
C HIS C 106 -3.82 -14.39 -5.80
N ASN C 107 -2.92 -15.07 -6.51
CA ASN C 107 -2.87 -16.53 -6.55
C ASN C 107 -4.16 -17.10 -7.14
N ASN C 108 -4.44 -16.69 -8.38
CA ASN C 108 -5.62 -17.14 -9.13
C ASN C 108 -6.91 -16.82 -8.40
N VAL C 109 -6.90 -15.86 -7.49
CA VAL C 109 -8.09 -15.46 -6.75
C VAL C 109 -8.26 -13.95 -6.89
N LYS C 110 -9.45 -13.52 -7.28
CA LYS C 110 -9.69 -12.10 -7.54
C LYS C 110 -9.77 -11.33 -6.24
N ILE C 111 -9.04 -10.21 -6.17
CA ILE C 111 -9.03 -9.37 -4.98
C ILE C 111 -9.57 -7.96 -5.25
N MET C 112 -9.77 -7.57 -6.51
CA MET C 112 -10.28 -6.25 -6.82
C MET C 112 -10.94 -6.28 -8.19
N GLN C 113 -12.02 -5.52 -8.34
CA GLN C 113 -12.71 -5.38 -9.62
C GLN C 113 -13.16 -3.94 -9.78
N LEU C 114 -13.15 -3.45 -11.01
CA LEU C 114 -13.48 -2.06 -11.28
C LEU C 114 -14.05 -1.92 -12.68
N ALA C 115 -15.30 -1.50 -12.78
CA ALA C 115 -15.95 -1.24 -14.06
C ALA C 115 -15.92 0.26 -14.33
N PHE C 116 -15.41 0.64 -15.49
CA PHE C 116 -15.18 2.04 -15.80
C PHE C 116 -16.46 2.83 -16.02
N ASN C 117 -17.63 2.17 -16.09
CA ASN C 117 -18.87 2.89 -16.33
C ASN C 117 -19.36 3.64 -15.10
N THR C 118 -18.92 3.27 -13.91
CA THR C 118 -19.35 3.94 -12.69
C THR C 118 -18.50 5.16 -12.34
N LEU C 119 -17.44 5.43 -13.11
CA LEU C 119 -16.55 6.54 -12.75
C LEU C 119 -17.19 7.89 -13.05
N ILE C 120 -17.86 8.02 -14.21
CA ILE C 120 -18.50 9.26 -14.60
C ILE C 120 -19.91 8.95 -15.10
N ASP C 121 -20.76 9.97 -15.05
CA ASP C 121 -22.13 9.83 -15.52
C ASP C 121 -22.21 9.54 -17.02
N GLU C 122 -21.20 9.97 -17.78
CA GLU C 122 -21.18 9.76 -19.21
C GLU C 122 -20.76 8.32 -19.51
N GLU C 123 -20.44 8.03 -20.77
CA GLU C 123 -19.95 6.72 -21.16
C GLU C 123 -18.43 6.71 -21.06
N SER C 124 -17.90 5.71 -20.37
CA SER C 124 -16.45 5.58 -20.16
C SER C 124 -16.05 4.13 -20.36
N TYR C 125 -14.85 3.94 -20.89
CA TYR C 125 -14.36 2.59 -21.14
C TYR C 125 -12.93 2.66 -21.67
N CYS C 126 -12.23 1.54 -21.59
CA CYS C 126 -10.93 1.36 -22.22
C CYS C 126 -11.12 0.62 -23.53
N ALA C 127 -10.55 1.14 -24.61
CA ALA C 127 -10.52 0.46 -25.89
C ALA C 127 -9.19 -0.26 -26.06
N ARG C 128 -8.97 -0.82 -27.25
CA ARG C 128 -7.67 -1.39 -27.59
C ARG C 128 -7.25 -0.98 -29.00
N LEU C 129 -7.67 0.21 -29.42
CA LEU C 129 -7.25 0.75 -30.71
C LEU C 129 -5.75 0.91 -30.78
N THR C 130 -5.15 0.42 -31.87
CA THR C 130 -3.71 0.46 -32.05
C THR C 130 -3.29 1.86 -32.46
N GLN C 131 -2.01 2.17 -32.37
CA GLN C 131 -1.60 3.54 -32.69
C GLN C 131 -1.56 3.84 -34.19
N PRO C 132 -1.01 2.93 -35.04
CA PRO C 132 -0.95 3.27 -36.46
C PRO C 132 -2.35 3.40 -37.04
N THR C 133 -3.32 2.72 -36.47
CA THR C 133 -4.72 2.88 -36.87
C THR C 133 -5.22 4.28 -36.52
N LEU C 134 -4.98 4.72 -35.28
CA LEU C 134 -5.45 6.03 -34.87
C LEU C 134 -4.70 7.14 -35.60
N LEU C 135 -3.42 6.95 -35.85
CA LEU C 135 -2.63 7.98 -36.50
C LEU C 135 -3.06 8.18 -37.95
N SER C 136 -3.38 7.09 -38.64
CA SER C 136 -3.90 7.23 -40.00
C SER C 136 -5.25 7.93 -40.00
N ALA C 137 -6.09 7.65 -39.00
CA ALA C 137 -7.38 8.32 -38.91
C ALA C 137 -7.21 9.82 -38.81
N LEU C 138 -6.26 10.28 -37.98
CA LEU C 138 -5.99 11.70 -37.87
C LEU C 138 -5.34 12.25 -39.13
N LEU C 139 -4.41 11.49 -39.72
CA LEU C 139 -3.70 11.95 -40.91
C LEU C 139 -4.66 12.22 -42.05
N ASP C 140 -5.50 11.25 -42.39
CA ASP C 140 -6.41 11.43 -43.51
C ASP C 140 -7.32 12.62 -43.30
N LYS C 141 -7.82 12.79 -42.07
CA LYS C 141 -8.70 13.92 -41.78
C LYS C 141 -7.96 15.23 -41.95
N ALA C 142 -6.71 15.30 -41.51
CA ALA C 142 -5.98 16.57 -41.54
C ALA C 142 -5.60 16.98 -42.95
N LYS C 143 -5.08 16.04 -43.75
CA LYS C 143 -4.56 16.39 -45.07
C LYS C 143 -5.61 16.97 -45.99
N LYS C 144 -6.88 17.00 -45.58
CA LYS C 144 -7.90 17.69 -46.36
C LYS C 144 -7.65 19.19 -46.37
N TYR C 145 -7.09 19.72 -45.29
CA TYR C 145 -6.77 21.14 -45.24
C TYR C 145 -5.53 21.42 -46.07
N PRO C 146 -5.59 22.34 -47.04
CA PRO C 146 -4.37 22.64 -47.82
C PRO C 146 -3.22 23.15 -46.97
N ASN C 147 -3.50 23.83 -45.86
CA ASN C 147 -2.47 24.40 -45.02
C ASN C 147 -1.71 23.35 -44.21
N PHE C 148 -2.16 22.11 -44.18
CA PHE C 148 -1.48 21.04 -43.46
C PHE C 148 -0.52 20.31 -44.40
N LYS C 149 0.71 20.11 -43.94
CA LYS C 149 1.73 19.40 -44.70
C LYS C 149 2.44 18.43 -43.78
N LEU C 150 2.61 17.19 -44.24
CA LEU C 150 3.29 16.14 -43.47
C LEU C 150 4.33 15.46 -44.35
N LEU C 151 5.53 15.28 -43.82
CA LEU C 151 6.66 14.71 -44.55
C LEU C 151 7.16 13.46 -43.85
N PHE C 152 7.49 12.44 -44.63
CA PHE C 152 8.08 11.21 -44.13
C PHE C 152 9.56 11.17 -44.49
N ASN C 153 10.34 10.50 -43.64
CA ASN C 153 11.79 10.33 -43.77
C ASN C 153 12.55 11.64 -43.55
N THR C 154 11.86 12.72 -43.17
CA THR C 154 12.51 13.99 -42.90
C THR C 154 12.95 14.01 -41.45
N LYS C 155 14.25 14.03 -41.23
CA LYS C 155 14.84 14.00 -39.90
C LYS C 155 15.40 15.37 -39.55
N VAL C 156 15.05 15.87 -38.37
CA VAL C 156 15.60 17.15 -37.92
C VAL C 156 17.03 16.95 -37.46
N ARG C 157 17.87 17.96 -37.72
CA ARG C 157 19.28 17.88 -37.38
C ARG C 157 19.73 18.95 -36.39
N ASP C 158 19.24 20.18 -36.51
CA ASP C 158 19.70 21.26 -35.65
C ASP C 158 18.60 22.31 -35.53
N LEU C 159 18.87 23.30 -34.70
CA LEU C 159 17.94 24.42 -34.46
C LEU C 159 18.56 25.71 -35.00
N LEU C 160 17.81 26.41 -35.84
CA LEU C 160 18.27 27.67 -36.40
C LEU C 160 17.88 28.79 -35.45
N ARG C 161 18.86 29.27 -34.70
CA ARG C 161 18.60 30.33 -33.73
C ARG C 161 19.28 31.59 -34.18
N GLU C 162 18.52 32.67 -34.22
CA GLU C 162 19.02 33.96 -34.69
C GLU C 162 18.40 35.07 -33.88
N ASP C 163 19.19 36.09 -33.56
CA ASP C 163 18.71 37.27 -32.84
C ASP C 163 18.08 36.89 -31.51
N GLY C 164 18.73 35.98 -30.78
CA GLY C 164 18.21 35.55 -29.50
C GLY C 164 16.85 34.89 -29.60
N LYS C 165 16.63 34.09 -30.64
CA LYS C 165 15.38 33.39 -30.83
C LYS C 165 15.66 32.12 -31.61
N VAL C 166 14.69 31.19 -31.56
CA VAL C 166 14.80 29.94 -32.30
C VAL C 166 13.80 29.93 -33.45
N THR C 167 14.26 30.33 -34.64
CA THR C 167 13.41 30.44 -35.82
C THR C 167 13.78 29.32 -36.79
N GLY C 168 12.97 28.26 -36.80
CA GLY C 168 13.15 27.19 -37.76
C GLY C 168 14.16 26.14 -37.32
N VAL C 169 14.32 25.13 -38.17
CA VAL C 169 15.25 24.04 -37.93
C VAL C 169 15.91 23.67 -39.26
N TYR C 170 16.93 22.81 -39.17
CA TYR C 170 17.61 22.28 -40.34
C TYR C 170 17.32 20.79 -40.42
N ALA C 171 16.69 20.35 -41.51
CA ALA C 171 16.30 18.97 -41.69
C ALA C 171 16.83 18.44 -43.02
N VAL C 172 17.16 17.15 -43.03
CA VAL C 172 17.67 16.47 -44.23
C VAL C 172 16.62 15.45 -44.64
N ALA C 173 16.12 15.57 -45.86
CA ALA C 173 15.03 14.74 -46.34
C ALA C 173 15.58 13.61 -47.19
N LYS C 174 14.86 12.50 -47.19
CA LYS C 174 15.18 11.32 -47.99
C LYS C 174 13.97 10.93 -48.82
N PRO C 175 14.17 10.19 -49.92
CA PRO C 175 13.06 9.72 -50.75
C PRO C 175 11.90 9.16 -49.93
N GLU C 188 13.90 16.08 -50.87
CA GLU C 188 15.17 15.40 -51.02
C GLU C 188 16.34 16.35 -50.76
N GLY C 189 17.46 15.79 -50.32
CA GLY C 189 18.65 16.59 -50.07
C GLY C 189 18.64 17.16 -48.66
N ASN C 190 18.83 18.47 -48.56
CA ASN C 190 18.83 19.18 -47.30
C ASN C 190 17.74 20.25 -47.34
N LEU C 191 17.02 20.41 -46.23
CA LEU C 191 15.95 21.39 -46.10
C LEU C 191 16.28 22.38 -45.00
N ASN C 192 15.69 23.56 -45.07
CA ASN C 192 15.84 24.60 -44.06
C ASN C 192 14.45 25.17 -43.79
N ILE C 193 13.81 24.70 -42.73
CA ILE C 193 12.45 25.10 -42.40
C ILE C 193 12.50 26.34 -41.52
N LYS C 194 11.52 27.23 -41.71
CA LYS C 194 11.40 28.43 -40.90
C LYS C 194 9.98 28.54 -40.39
N SER C 195 9.84 28.99 -39.14
CA SER C 195 8.52 29.18 -38.54
C SER C 195 8.64 30.17 -37.40
N ARG C 196 7.49 30.70 -36.98
CA ARG C 196 7.46 31.53 -35.78
C ARG C 196 7.57 30.68 -34.52
N VAL C 197 7.12 29.43 -34.58
CA VAL C 197 7.12 28.53 -33.44
C VAL C 197 7.78 27.23 -33.83
N THR C 198 8.62 26.69 -32.95
CA THR C 198 9.14 25.34 -33.05
C THR C 198 8.70 24.57 -31.81
N VAL C 199 8.13 23.39 -32.02
CA VAL C 199 7.58 22.57 -30.94
C VAL C 199 8.31 21.23 -30.95
N GLY C 200 8.62 20.73 -29.78
CA GLY C 200 9.29 19.44 -29.65
C GLY C 200 8.33 18.36 -29.21
N VAL C 201 8.00 17.45 -30.12
CA VAL C 201 7.02 16.42 -29.84
C VAL C 201 7.57 15.05 -30.22
N ASP C 202 8.87 14.85 -30.06
CA ASP C 202 9.43 13.51 -30.16
C ASP C 202 9.11 12.73 -28.88
N GLY C 203 9.64 11.51 -28.80
CA GLY C 203 9.33 10.62 -27.70
C GLY C 203 10.26 10.82 -26.52
N ARG C 204 10.32 9.79 -25.67
CA ARG C 204 11.24 9.85 -24.53
C ARG C 204 12.68 9.92 -25.01
N ASN C 205 13.03 9.16 -26.04
CA ASN C 205 14.36 9.23 -26.65
C ASN C 205 14.37 10.41 -27.61
N SER C 206 14.48 11.61 -27.04
CA SER C 206 14.28 12.85 -27.78
C SER C 206 15.60 13.45 -28.23
N THR C 207 15.59 14.02 -29.44
CA THR C 207 16.70 14.82 -29.94
C THR C 207 16.52 16.30 -29.65
N MET C 208 15.27 16.78 -29.75
CA MET C 208 14.95 18.17 -29.38
C MET C 208 15.24 18.44 -27.92
N GLU C 209 15.31 17.40 -27.09
CA GLU C 209 15.58 17.61 -25.67
C GLU C 209 16.96 18.22 -25.46
N LYS C 210 17.97 17.74 -26.18
CA LYS C 210 19.33 18.20 -26.01
C LYS C 210 19.77 19.23 -27.04
N LEU C 211 19.11 19.27 -28.21
CA LEU C 211 19.44 20.28 -29.21
C LEU C 211 19.15 21.67 -28.68
N GLY C 212 17.94 21.88 -28.16
CA GLY C 212 17.67 23.00 -27.29
C GLY C 212 17.91 22.52 -25.88
N ASN C 213 18.88 23.09 -25.19
CA ASN C 213 19.39 22.52 -23.94
C ASN C 213 18.28 22.56 -22.89
N PHE C 214 17.69 21.41 -22.61
CA PHE C 214 16.63 21.27 -21.62
C PHE C 214 17.14 20.47 -20.43
N GLU C 215 16.54 20.70 -19.27
CA GLU C 215 16.98 20.12 -18.02
C GLU C 215 15.91 19.20 -17.47
N LEU C 216 16.29 17.96 -17.16
CA LEU C 216 15.38 16.96 -16.61
C LEU C 216 15.34 17.10 -15.10
N GLU C 217 14.22 17.57 -14.57
CA GLU C 217 14.08 17.70 -13.13
C GLU C 217 14.14 16.34 -12.45
N LEU C 218 13.47 15.37 -13.06
CA LEU C 218 13.41 14.03 -12.51
C LEU C 218 13.52 12.96 -13.53
N ASP C 219 14.16 11.89 -13.17
CA ASP C 219 14.20 10.71 -14.03
C ASP C 219 14.18 9.49 -13.11
N TYR C 220 13.43 8.47 -13.51
CA TYR C 220 13.15 7.34 -12.66
C TYR C 220 13.16 6.07 -13.49
N TYR C 221 13.78 5.02 -12.96
CA TYR C 221 13.88 3.75 -13.67
C TYR C 221 14.15 2.67 -12.62
N ASP C 222 13.16 1.81 -12.39
CA ASP C 222 13.27 0.81 -11.34
C ASP C 222 12.76 -0.56 -11.72
N ASN C 223 12.23 -0.75 -12.93
CA ASN C 223 11.57 -2.02 -13.27
C ASN C 223 11.64 -2.24 -14.76
N ASP C 224 11.35 -3.48 -15.16
CA ASP C 224 11.30 -3.89 -16.56
C ASP C 224 10.06 -4.74 -16.77
N LEU C 225 9.59 -4.78 -18.02
CA LEU C 225 8.52 -5.66 -18.44
C LEU C 225 9.05 -6.56 -19.55
N LEU C 226 8.56 -7.79 -19.58
CA LEU C 226 8.96 -8.77 -20.58
C LEU C 226 7.72 -9.23 -21.33
N TRP C 227 7.55 -8.73 -22.55
CA TRP C 227 6.33 -8.95 -23.32
C TRP C 227 6.47 -10.16 -24.22
N PHE C 228 5.40 -10.96 -24.30
CA PHE C 228 5.29 -12.04 -25.27
C PHE C 228 3.82 -12.29 -25.54
N SER C 229 3.52 -12.75 -26.76
CA SER C 229 2.16 -12.97 -27.21
C SER C 229 1.91 -14.45 -27.39
N PHE C 230 0.71 -14.89 -27.01
CA PHE C 230 0.33 -16.29 -27.12
C PHE C 230 -1.12 -16.39 -27.51
N GLU C 231 -1.50 -17.54 -28.06
CA GLU C 231 -2.86 -17.74 -28.53
C GLU C 231 -3.83 -17.82 -27.36
N LYS C 232 -4.96 -17.16 -27.49
CA LYS C 232 -5.93 -17.05 -26.42
C LYS C 232 -6.41 -18.44 -26.00
N PRO C 233 -6.30 -18.82 -24.72
CA PRO C 233 -6.84 -20.11 -24.28
C PRO C 233 -8.36 -20.13 -24.42
N GLU C 234 -8.91 -21.34 -24.32
CA GLU C 234 -10.34 -21.52 -24.59
C GLU C 234 -11.21 -20.77 -23.60
N SER C 235 -10.89 -20.83 -22.31
CA SER C 235 -11.75 -20.25 -21.29
C SER C 235 -11.64 -18.73 -21.20
N TRP C 236 -10.47 -18.18 -21.49
CA TRP C 236 -10.27 -16.75 -21.32
C TRP C 236 -10.99 -15.96 -22.41
N ASP C 237 -11.58 -14.83 -22.01
CA ASP C 237 -12.17 -13.92 -22.97
C ASP C 237 -11.07 -13.18 -23.73
N TYR C 238 -11.47 -12.23 -24.57
CA TYR C 238 -10.54 -11.44 -25.35
C TYR C 238 -10.33 -10.05 -24.78
N ASN C 239 -11.40 -9.33 -24.48
CA ASN C 239 -11.30 -7.95 -24.01
C ASN C 239 -11.07 -7.90 -22.50
N ILE C 240 -9.92 -8.42 -22.10
CA ILE C 240 -9.55 -8.50 -20.68
C ILE C 240 -8.49 -7.46 -20.37
N TYR C 241 -8.44 -7.06 -19.10
CA TYR C 241 -7.38 -6.21 -18.57
C TYR C 241 -7.12 -6.73 -17.16
N HIS C 242 -6.18 -7.67 -17.05
CA HIS C 242 -6.00 -8.46 -15.85
C HIS C 242 -4.59 -8.28 -15.30
N PHE C 243 -4.47 -8.38 -13.97
CA PHE C 243 -3.18 -8.35 -13.30
C PHE C 243 -3.14 -9.45 -12.26
N TYR C 244 -2.04 -10.17 -12.20
CA TYR C 244 -1.88 -11.34 -11.33
C TYR C 244 -0.74 -11.09 -10.35
N PHE C 245 -1.01 -11.33 -9.07
CA PHE C 245 0.03 -11.42 -8.05
C PHE C 245 0.33 -12.91 -7.83
N GLN C 246 1.44 -13.38 -8.35
CA GLN C 246 1.76 -14.80 -8.25
C GLN C 246 2.99 -15.05 -7.42
N LYS C 247 3.31 -16.31 -7.18
CA LYS C 247 4.44 -16.65 -6.33
C LYS C 247 5.78 -16.16 -6.83
N ASN C 248 6.11 -16.48 -8.07
CA ASN C 248 7.40 -16.09 -8.61
C ASN C 248 7.39 -14.69 -9.18
N TYR C 249 6.56 -14.43 -10.18
CA TYR C 249 6.52 -13.12 -10.85
C TYR C 249 5.14 -12.49 -10.89
N ASN C 250 5.05 -11.26 -11.36
CA ASN C 250 3.75 -10.57 -11.50
C ASN C 250 3.40 -10.49 -12.97
N TYR C 251 2.16 -10.84 -13.35
CA TYR C 251 1.78 -10.95 -14.76
C TYR C 251 0.66 -9.98 -15.09
N LEU C 252 0.79 -9.34 -16.26
CA LEU C 252 -0.22 -8.45 -16.81
C LEU C 252 -0.66 -9.01 -18.15
N PHE C 253 -1.97 -9.18 -18.32
CA PHE C 253 -2.54 -9.76 -19.53
C PHE C 253 -3.44 -8.74 -20.21
N LEU C 254 -3.19 -8.50 -21.49
CA LEU C 254 -3.90 -7.52 -22.29
C LEU C 254 -4.26 -8.14 -23.62
N PRO C 255 -5.24 -7.57 -24.33
CA PRO C 255 -5.57 -8.10 -25.66
C PRO C 255 -4.61 -7.63 -26.73
N LYS C 256 -4.42 -8.47 -27.74
CA LYS C 256 -3.56 -8.18 -28.86
C LYS C 256 -4.37 -8.27 -30.15
N LEU C 257 -3.89 -7.58 -31.18
CA LEU C 257 -4.59 -7.55 -32.47
C LEU C 257 -4.52 -8.92 -33.14
N GLY C 258 -5.66 -9.57 -33.29
CA GLY C 258 -5.72 -10.83 -34.02
C GLY C 258 -6.18 -12.00 -33.18
N GLY C 259 -6.89 -11.74 -32.09
CA GLY C 259 -7.34 -12.81 -31.23
C GLY C 259 -6.27 -13.42 -30.36
N TYR C 260 -5.12 -12.75 -30.23
CA TYR C 260 -4.05 -13.20 -29.36
C TYR C 260 -4.13 -12.47 -28.03
N ILE C 261 -3.25 -12.84 -27.12
CA ILE C 261 -3.12 -12.21 -25.80
C ILE C 261 -1.66 -11.89 -25.58
N GLN C 262 -1.37 -10.66 -25.16
CA GLN C 262 -0.02 -10.25 -24.85
C GLN C 262 0.16 -10.19 -23.34
N CYS C 263 1.26 -10.74 -22.85
CA CYS C 263 1.53 -10.85 -21.42
C CYS C 263 2.85 -10.18 -21.09
N GLY C 264 2.86 -9.38 -20.02
CA GLY C 264 4.09 -8.74 -19.57
C GLY C 264 4.49 -9.20 -18.18
N ILE C 265 5.74 -9.62 -18.03
CA ILE C 265 6.26 -10.09 -16.74
C ILE C 265 7.10 -8.98 -16.14
N SER C 266 6.80 -8.61 -14.90
CA SER C 266 7.47 -7.51 -14.23
C SER C 266 8.76 -8.01 -13.58
N LEU C 267 9.85 -7.33 -13.86
CA LEU C 267 11.15 -7.68 -13.32
C LEU C 267 11.86 -6.42 -12.83
N THR C 268 12.85 -6.61 -11.96
CA THR C 268 13.65 -5.50 -11.48
C THR C 268 14.65 -5.07 -12.54
N LYS C 269 15.22 -3.88 -12.34
CA LYS C 269 16.24 -3.39 -13.25
C LYS C 269 17.49 -4.23 -13.12
N GLY C 270 17.96 -4.77 -14.24
CA GLY C 270 19.16 -5.58 -14.26
C GLY C 270 18.96 -7.04 -13.93
N GLU C 271 17.75 -7.45 -13.56
CA GLU C 271 17.51 -8.86 -13.26
C GLU C 271 17.38 -9.71 -14.51
N TYR C 272 17.13 -9.12 -15.67
CA TYR C 272 16.96 -9.92 -16.88
C TYR C 272 18.27 -10.56 -17.32
N GLN C 273 19.39 -9.87 -17.11
CA GLN C 273 20.68 -10.45 -17.48
C GLN C 273 20.96 -11.71 -16.68
N LYS C 274 20.63 -11.69 -15.39
CA LYS C 274 20.83 -12.87 -14.56
C LYS C 274 19.88 -14.00 -14.98
N ILE C 275 18.66 -13.65 -15.38
CA ILE C 275 17.69 -14.68 -15.77
C ILE C 275 18.21 -15.45 -16.99
N LYS C 276 18.75 -14.72 -17.97
CA LYS C 276 19.27 -15.39 -19.16
C LYS C 276 20.46 -16.28 -18.82
N LYS C 277 21.27 -15.86 -17.84
CA LYS C 277 22.42 -16.67 -17.44
C LYS C 277 21.98 -18.01 -16.88
N GLU C 278 20.92 -18.02 -16.06
CA GLU C 278 20.47 -19.27 -15.46
C GLU C 278 20.05 -20.27 -16.53
N GLY C 279 19.33 -19.82 -17.55
CA GLY C 279 18.93 -20.64 -18.66
C GLY C 279 17.46 -20.47 -18.99
N ILE C 280 17.11 -20.79 -20.23
CA ILE C 280 15.72 -20.74 -20.66
C ILE C 280 14.91 -21.83 -19.95
N GLU C 281 15.51 -23.00 -19.74
CA GLU C 281 14.77 -24.10 -19.13
C GLU C 281 14.34 -23.75 -17.72
N SER C 282 15.19 -23.06 -16.96
CA SER C 282 14.83 -22.65 -15.61
C SER C 282 13.75 -21.56 -15.62
N PHE C 283 13.84 -20.62 -16.56
CA PHE C 283 12.82 -19.58 -16.66
C PHE C 283 11.46 -20.18 -17.01
N LYS C 284 11.43 -21.13 -17.94
CA LYS C 284 10.16 -21.77 -18.29
C LYS C 284 9.55 -22.47 -17.09
N GLU C 285 10.39 -23.14 -16.29
CA GLU C 285 9.87 -23.91 -15.16
C GLU C 285 9.13 -23.00 -14.18
N LYS C 286 9.71 -21.84 -13.87
CA LYS C 286 9.09 -20.94 -12.90
C LYS C 286 7.81 -20.33 -13.45
N ILE C 287 7.79 -19.99 -14.74
CA ILE C 287 6.60 -19.37 -15.32
C ILE C 287 5.44 -20.36 -15.31
N LEU C 288 5.67 -21.60 -15.72
CA LEU C 288 4.59 -22.58 -15.75
C LEU C 288 4.05 -22.85 -14.36
N GLU C 289 4.89 -22.76 -13.33
CA GLU C 289 4.41 -22.89 -11.96
C GLU C 289 3.39 -21.80 -11.63
N ASP C 290 3.68 -20.56 -12.02
CA ASP C 290 2.80 -19.45 -11.71
C ASP C 290 1.52 -19.50 -12.54
N MET C 291 1.68 -19.74 -13.84
CA MET C 291 0.57 -19.71 -14.80
C MET C 291 0.61 -21.01 -15.59
N PRO C 292 0.08 -22.11 -15.03
CA PRO C 292 0.10 -23.38 -15.77
C PRO C 292 -0.69 -23.34 -17.05
N ILE C 293 -1.60 -22.37 -17.21
CA ILE C 293 -2.38 -22.26 -18.43
C ILE C 293 -1.49 -21.99 -19.64
N LEU C 294 -0.26 -21.54 -19.41
CA LEU C 294 0.66 -21.23 -20.50
C LEU C 294 1.47 -22.43 -20.96
N LYS C 295 1.16 -23.64 -20.46
CA LYS C 295 1.95 -24.81 -20.82
C LYS C 295 1.94 -25.05 -22.33
N GLN C 296 0.77 -24.96 -22.95
CA GLN C 296 0.67 -25.25 -24.38
C GLN C 296 1.53 -24.30 -25.21
N HIS C 297 1.68 -23.06 -24.77
CA HIS C 297 2.45 -22.10 -25.55
C HIS C 297 3.95 -22.31 -25.42
N PHE C 298 4.42 -22.78 -24.28
CA PHE C 298 5.85 -22.84 -24.01
C PHE C 298 6.53 -24.07 -24.59
N ASP C 299 5.77 -24.96 -25.24
CA ASP C 299 6.40 -26.10 -25.91
C ASP C 299 7.25 -25.64 -27.07
N THR C 300 6.83 -24.58 -27.76
CA THR C 300 7.53 -24.05 -28.93
C THR C 300 8.56 -22.98 -28.58
N VAL C 301 8.76 -22.72 -27.28
CA VAL C 301 9.71 -21.71 -26.83
C VAL C 301 11.00 -22.42 -26.42
N THR C 302 12.08 -22.15 -27.15
CA THR C 302 13.38 -22.73 -26.84
C THR C 302 14.48 -21.69 -26.74
N ASP C 303 14.14 -20.41 -26.61
CA ASP C 303 15.13 -19.35 -26.47
C ASP C 303 14.42 -18.09 -26.00
N PHE C 304 15.15 -16.98 -25.97
CA PHE C 304 14.63 -15.70 -25.53
C PHE C 304 14.34 -14.75 -26.68
N LYS C 305 14.32 -15.24 -27.91
CA LYS C 305 14.09 -14.37 -29.06
C LYS C 305 12.68 -13.80 -29.06
N SER C 306 11.71 -14.55 -28.55
CA SER C 306 10.32 -14.11 -28.57
C SER C 306 10.10 -12.92 -27.63
N PHE C 307 10.75 -12.93 -26.48
CA PHE C 307 10.50 -11.91 -25.46
C PHE C 307 11.05 -10.54 -25.90
N VAL C 308 10.38 -9.49 -25.45
CA VAL C 308 10.79 -8.11 -25.72
C VAL C 308 10.89 -7.37 -24.39
N GLN C 309 11.92 -6.53 -24.26
CA GLN C 309 12.23 -5.86 -23.02
C GLN C 309 11.78 -4.40 -23.06
N LEU C 310 10.99 -3.99 -22.07
CA LEU C 310 10.51 -2.62 -21.94
C LEU C 310 11.01 -2.06 -20.61
N LEU C 311 11.53 -0.83 -20.66
CA LEU C 311 12.08 -0.15 -19.48
C LEU C 311 11.10 0.92 -19.01
N CYS C 312 10.70 0.84 -17.75
CA CYS C 312 9.71 1.75 -17.18
C CYS C 312 10.41 3.05 -16.77
N ARG C 313 10.39 4.03 -17.65
CA ARG C 313 11.07 5.30 -17.45
C ARG C 313 10.06 6.44 -17.32
N MET C 314 10.32 7.33 -16.36
CA MET C 314 9.47 8.47 -16.08
C MET C 314 10.33 9.73 -16.08
N ARG C 315 9.80 10.82 -16.63
CA ARG C 315 10.57 12.04 -16.83
C ARG C 315 9.71 13.25 -16.47
N TYR C 316 10.39 14.39 -16.28
CA TYR C 316 9.69 15.67 -16.13
C TYR C 316 10.68 16.77 -16.45
N ILE C 317 10.45 17.47 -17.56
CA ILE C 317 11.34 18.54 -17.98
C ILE C 317 11.14 19.74 -17.07
N LYS C 318 12.25 20.31 -16.58
CA LYS C 318 12.18 21.38 -15.60
C LYS C 318 11.35 22.55 -16.11
N ASP C 319 11.80 23.20 -17.18
CA ASP C 319 11.12 24.34 -17.79
C ASP C 319 10.78 23.97 -19.22
N TRP C 320 9.52 23.63 -19.47
CA TRP C 320 9.13 23.10 -20.77
C TRP C 320 9.41 24.09 -21.89
N ALA C 321 9.38 25.40 -21.59
CA ALA C 321 9.72 26.43 -22.55
C ALA C 321 10.84 27.27 -21.97
N LYS C 322 11.97 27.35 -22.68
CA LYS C 322 13.14 28.07 -22.21
C LYS C 322 13.72 29.06 -23.20
N GLU C 323 13.51 28.88 -24.51
CA GLU C 323 14.07 29.76 -25.52
C GLU C 323 12.95 30.32 -26.39
N GLU C 324 13.07 31.59 -26.75
CA GLU C 324 12.03 32.26 -27.51
C GLU C 324 11.75 31.51 -28.80
N GLY C 325 10.46 31.31 -29.09
CA GLY C 325 10.08 30.54 -30.25
C GLY C 325 10.32 29.05 -30.11
N CYS C 326 10.36 28.53 -28.89
CA CYS C 326 10.63 27.12 -28.65
C CYS C 326 9.69 26.61 -27.57
N MET C 327 9.48 25.30 -27.56
CA MET C 327 8.56 24.66 -26.64
C MET C 327 8.89 23.18 -26.56
N LEU C 328 8.34 22.52 -25.54
CA LEU C 328 8.44 21.07 -25.41
C LEU C 328 7.12 20.54 -24.85
N ILE C 329 6.69 19.39 -25.35
CA ILE C 329 5.43 18.78 -24.94
C ILE C 329 5.51 17.27 -25.18
N GLY C 330 4.60 16.54 -24.55
CA GLY C 330 4.50 15.10 -24.75
C GLY C 330 5.46 14.29 -23.91
N ASP C 331 5.78 13.07 -24.33
CA ASP C 331 6.72 12.25 -23.57
C ASP C 331 8.13 12.80 -23.57
N ALA C 332 8.48 13.66 -24.52
CA ALA C 332 9.71 14.42 -24.43
C ALA C 332 9.66 15.45 -23.32
N ALA C 333 8.51 15.61 -22.67
CA ALA C 333 8.35 16.52 -21.55
C ALA C 333 7.95 15.80 -20.27
N HIS C 334 6.96 14.91 -20.33
CA HIS C 334 6.32 14.38 -19.12
C HIS C 334 6.02 12.89 -19.25
N CYS C 335 6.99 12.11 -19.68
CA CYS C 335 6.78 10.68 -19.82
C CYS C 335 6.27 10.07 -18.51
N VAL C 336 5.73 8.85 -18.58
CA VAL C 336 5.14 8.18 -17.42
C VAL C 336 5.23 6.67 -17.64
N THR C 337 5.10 5.92 -16.55
CA THR C 337 5.19 4.46 -16.58
C THR C 337 3.93 3.83 -17.15
N PRO C 338 3.99 2.56 -17.56
CA PRO C 338 2.86 1.93 -18.25
C PRO C 338 1.85 1.28 -17.31
N TRP C 339 1.30 2.07 -16.39
CA TRP C 339 0.31 1.59 -15.44
C TRP C 339 -0.90 2.49 -15.50
N GLY C 340 -2.05 1.89 -15.84
CA GLY C 340 -3.26 2.64 -16.10
C GLY C 340 -3.42 3.10 -17.53
N ALA C 341 -2.48 2.79 -18.41
CA ALA C 341 -2.56 3.13 -19.82
C ALA C 341 -2.81 4.63 -20.01
N VAL C 342 -2.03 5.43 -19.29
CA VAL C 342 -2.21 6.89 -19.28
C VAL C 342 -1.30 7.59 -20.27
N GLY C 343 -0.26 6.93 -20.77
CA GLY C 343 0.78 7.65 -21.48
C GLY C 343 0.30 8.32 -22.74
N SER C 344 -0.45 7.59 -23.57
CA SER C 344 -0.88 8.15 -24.86
C SER C 344 -1.85 9.30 -24.66
N THR C 345 -2.81 9.12 -23.76
CA THR C 345 -3.83 10.15 -23.54
C THR C 345 -3.22 11.37 -22.87
N LEU C 346 -2.25 11.17 -21.99
CA LEU C 346 -1.65 12.29 -21.28
C LEU C 346 -0.94 13.24 -22.25
N ALA C 347 -0.31 12.69 -23.30
CA ALA C 347 0.34 13.53 -24.29
C ALA C 347 -0.66 14.31 -25.11
N MET C 348 -1.76 13.66 -25.52
CA MET C 348 -2.77 14.36 -26.31
C MET C 348 -3.41 15.49 -25.51
N GLY C 349 -3.52 15.34 -24.19
CA GLY C 349 -3.97 16.44 -23.36
C GLY C 349 -3.04 17.63 -23.44
N THR C 350 -1.73 17.38 -23.51
CA THR C 350 -0.78 18.48 -23.61
C THR C 350 -0.85 19.13 -24.98
N ALA C 351 -1.02 18.33 -26.03
CA ALA C 351 -1.14 18.89 -27.37
C ALA C 351 -2.37 19.78 -27.49
N VAL C 352 -3.51 19.34 -26.95
CA VAL C 352 -4.74 20.12 -27.04
C VAL C 352 -4.58 21.46 -26.36
N ILE C 353 -3.95 21.48 -25.18
CA ILE C 353 -3.71 22.74 -24.50
C ILE C 353 -2.70 23.56 -25.28
N ALA C 354 -1.74 22.91 -25.93
CA ALA C 354 -0.75 23.62 -26.72
C ALA C 354 -1.40 24.32 -27.91
N ALA C 355 -2.38 23.67 -28.54
CA ALA C 355 -3.07 24.29 -29.66
C ALA C 355 -3.80 25.55 -29.21
N ASP C 356 -4.42 25.51 -28.04
CA ASP C 356 -5.04 26.72 -27.49
C ASP C 356 -4.01 27.79 -27.19
N VAL C 357 -2.82 27.38 -26.73
CA VAL C 357 -1.78 28.35 -26.44
C VAL C 357 -1.36 29.08 -27.71
N ILE C 358 -1.04 28.34 -28.76
CA ILE C 358 -0.58 28.94 -30.01
C ILE C 358 -1.70 29.77 -30.63
N TYR C 359 -2.94 29.27 -30.56
CA TYR C 359 -4.07 29.99 -31.16
C TYR C 359 -4.22 31.37 -30.54
N LYS C 360 -4.13 31.45 -29.21
CA LYS C 360 -4.31 32.74 -28.54
C LYS C 360 -3.18 33.70 -28.88
N GLY C 361 -1.95 33.20 -28.98
CA GLY C 361 -0.84 34.08 -29.31
C GLY C 361 -0.95 34.65 -30.70
N PHE C 362 -1.34 33.82 -31.67
CA PHE C 362 -1.44 34.30 -33.05
C PHE C 362 -2.53 35.36 -33.19
N LYS C 363 -3.66 35.18 -32.51
CA LYS C 363 -4.73 36.18 -32.55
C LYS C 363 -4.40 37.41 -31.72
N ASN C 364 -3.37 37.36 -30.89
CA ASN C 364 -2.99 38.49 -30.05
C ASN C 364 -1.63 39.06 -30.40
N ASN C 365 -0.94 38.49 -31.38
CA ASN C 365 0.41 38.92 -31.70
C ASN C 365 1.24 38.85 -30.44
N ASP C 366 1.28 37.67 -29.82
CA ASP C 366 2.03 37.49 -28.60
C ASP C 366 2.59 36.09 -28.51
N LEU C 367 3.66 35.83 -29.26
CA LEU C 367 4.29 34.52 -29.22
C LEU C 367 5.63 34.62 -28.51
N SER C 368 5.66 35.36 -27.40
CA SER C 368 6.89 35.49 -26.63
C SER C 368 7.07 34.30 -25.71
N LEU C 369 8.11 34.33 -24.88
CA LEU C 369 8.31 33.24 -23.93
C LEU C 369 7.28 33.27 -22.82
N GLU C 370 6.82 34.47 -22.44
CA GLU C 370 5.85 34.57 -21.35
C GLU C 370 4.55 33.85 -21.69
N THR C 371 4.04 34.05 -22.91
CA THR C 371 2.82 33.35 -23.31
C THR C 371 3.05 31.87 -23.48
N LEU C 372 4.19 31.48 -24.06
CA LEU C 372 4.44 30.08 -24.33
C LEU C 372 4.53 29.25 -23.06
N LYS C 373 5.01 29.85 -21.97
CA LYS C 373 5.14 29.11 -20.72
C LYS C 373 3.80 28.73 -20.12
N GLN C 374 2.69 29.28 -20.64
CA GLN C 374 1.38 28.95 -20.09
C GLN C 374 1.01 27.49 -20.34
N VAL C 375 1.69 26.83 -21.28
CA VAL C 375 1.37 25.43 -21.56
C VAL C 375 1.64 24.57 -20.33
N GLN C 376 2.78 24.77 -19.69
CA GLN C 376 3.08 24.00 -18.49
C GLN C 376 2.30 24.54 -17.28
N SER C 377 2.07 25.84 -17.23
CA SER C 377 1.34 26.40 -16.10
C SER C 377 -0.05 25.77 -15.97
N ARG C 378 -0.62 25.30 -17.07
CA ARG C 378 -1.92 24.64 -17.04
C ARG C 378 -1.82 23.12 -17.02
N ARG C 379 -0.87 22.55 -17.75
CA ARG C 379 -0.68 21.12 -17.77
C ARG C 379 0.00 20.60 -16.51
N LYS C 380 0.78 21.46 -15.84
CA LYS C 380 1.63 21.02 -14.74
C LYS C 380 0.86 20.20 -13.71
N GLU C 381 -0.36 20.62 -13.37
CA GLU C 381 -1.08 20.02 -12.25
C GLU C 381 -1.37 18.55 -12.51
N GLU C 382 -1.99 18.24 -13.64
CA GLU C 382 -2.37 16.85 -13.90
C GLU C 382 -1.15 15.98 -14.09
N VAL C 383 -0.12 16.48 -14.78
CA VAL C 383 1.06 15.67 -15.05
C VAL C 383 1.69 15.20 -13.75
N LYS C 384 1.89 16.11 -12.79
CA LYS C 384 2.57 15.75 -11.55
C LYS C 384 1.66 14.93 -10.64
N MET C 385 0.35 15.19 -10.66
CA MET C 385 -0.57 14.34 -9.93
C MET C 385 -0.48 12.91 -10.42
N ILE C 386 -0.33 12.73 -11.74
CA ILE C 386 -0.23 11.39 -12.31
C ILE C 386 1.11 10.76 -11.94
N GLN C 387 2.20 11.52 -12.04
CA GLN C 387 3.51 10.96 -11.75
C GLN C 387 3.60 10.46 -10.32
N ASN C 388 3.00 11.17 -9.38
CA ASN C 388 3.00 10.72 -7.99
C ASN C 388 2.21 9.44 -7.82
N LEU C 389 1.06 9.33 -8.49
CA LEU C 389 0.27 8.11 -8.42
C LEU C 389 1.03 6.93 -9.00
N GLN C 390 1.92 7.20 -9.95
CA GLN C 390 2.66 6.12 -10.59
C GLN C 390 3.80 5.62 -9.72
N LEU C 391 4.42 6.53 -8.95
CA LEU C 391 5.48 6.12 -8.02
C LEU C 391 4.88 5.34 -6.85
N THR C 392 3.69 5.72 -6.40
CA THR C 392 3.00 4.95 -5.37
C THR C 392 2.67 3.55 -5.87
N ILE C 393 2.19 3.44 -7.11
CA ILE C 393 1.81 2.15 -7.66
C ILE C 393 3.04 1.28 -7.90
N GLU C 394 4.15 1.89 -8.30
CA GLU C 394 5.36 1.13 -8.56
C GLU C 394 6.00 0.60 -7.29
N LYS C 395 5.53 1.04 -6.12
CA LYS C 395 6.00 0.49 -4.86
C LYS C 395 5.39 -0.87 -4.55
N PHE C 396 4.32 -1.26 -5.25
CA PHE C 396 3.68 -2.54 -5.02
C PHE C 396 4.35 -3.67 -5.79
N LEU C 397 5.29 -3.36 -6.67
CA LEU C 397 5.96 -4.34 -7.52
C LEU C 397 7.31 -4.77 -6.97
N THR C 398 7.60 -4.46 -5.71
CA THR C 398 8.90 -4.78 -5.13
C THR C 398 9.13 -6.29 -5.14
N ARG C 399 10.38 -6.67 -5.35
CA ARG C 399 10.81 -8.06 -5.33
C ARG C 399 11.83 -8.31 -4.22
N GLU C 400 11.75 -7.54 -3.14
CA GLU C 400 12.64 -7.73 -2.00
C GLU C 400 12.25 -8.98 -1.21
N PRO C 401 13.18 -9.52 -0.42
CA PRO C 401 12.91 -10.83 0.22
C PRO C 401 11.65 -10.88 1.06
N ILE C 402 11.34 -9.82 1.82
CA ILE C 402 10.20 -9.85 2.73
C ILE C 402 9.09 -8.89 2.31
N LYS C 403 9.40 -7.84 1.56
CA LYS C 403 8.37 -6.91 1.13
C LYS C 403 7.46 -7.53 0.09
N LYS C 404 8.02 -8.29 -0.85
CA LYS C 404 7.22 -8.80 -1.95
C LYS C 404 6.12 -9.73 -1.49
N GLU C 405 6.21 -10.26 -0.27
CA GLU C 405 5.20 -11.17 0.24
C GLU C 405 4.04 -10.46 0.94
N ILE C 406 4.16 -9.16 1.18
CA ILE C 406 3.08 -8.39 1.80
C ILE C 406 2.47 -7.36 0.85
N ALA C 407 3.08 -7.10 -0.29
CA ALA C 407 2.49 -6.15 -1.24
C ALA C 407 1.12 -6.57 -1.71
N PRO C 408 0.87 -7.83 -2.08
CA PRO C 408 -0.50 -8.22 -2.45
C PRO C 408 -1.50 -8.04 -1.32
N LEU C 409 -1.06 -8.17 -0.07
CA LEU C 409 -1.96 -7.96 1.06
C LEU C 409 -2.22 -6.47 1.28
N MET C 410 -1.22 -5.63 1.07
CA MET C 410 -1.41 -4.19 1.22
C MET C 410 -2.30 -3.63 0.11
N PHE C 411 -2.20 -4.20 -1.09
CA PHE C 411 -3.08 -3.78 -2.18
C PHE C 411 -4.53 -4.05 -1.84
N SER C 412 -4.80 -5.21 -1.23
CA SER C 412 -6.16 -5.56 -0.85
C SER C 412 -6.69 -4.62 0.24
N ILE C 413 -5.83 -4.22 1.18
CA ILE C 413 -6.26 -3.31 2.24
C ILE C 413 -6.59 -1.94 1.67
N ALA C 414 -5.74 -1.44 0.77
CA ALA C 414 -5.95 -0.10 0.24
C ALA C 414 -7.23 0.01 -0.56
N THR C 415 -7.52 -1.00 -1.39
CA THR C 415 -8.66 -0.91 -2.30
C THR C 415 -9.98 -1.00 -1.56
N LYS C 416 -10.00 -1.47 -0.32
CA LYS C 416 -11.21 -1.56 0.46
C LYS C 416 -11.44 -0.33 1.34
N MET C 417 -10.57 0.68 1.24
CA MET C 417 -10.78 1.91 1.98
C MET C 417 -12.05 2.60 1.50
N PRO C 418 -12.74 3.33 2.39
CA PRO C 418 -14.00 3.96 2.00
C PRO C 418 -13.84 5.04 0.94
N ASP C 419 -12.63 5.57 0.74
CA ASP C 419 -12.40 6.70 -0.15
C ASP C 419 -11.46 6.33 -1.30
N ILE C 420 -11.60 5.12 -1.82
CA ILE C 420 -10.76 4.67 -2.93
C ILE C 420 -11.28 5.13 -4.29
N THR C 421 -12.58 5.38 -4.42
CA THR C 421 -13.12 5.78 -5.71
C THR C 421 -12.55 7.11 -6.17
N ASN C 422 -12.15 7.97 -5.25
CA ASN C 422 -11.51 9.22 -5.63
C ASN C 422 -10.21 8.97 -6.37
N LEU C 423 -9.42 8.00 -5.90
CA LEU C 423 -8.20 7.64 -6.61
C LEU C 423 -8.51 7.06 -7.98
N TYR C 424 -9.51 6.18 -8.05
CA TYR C 424 -9.93 5.64 -9.35
C TYR C 424 -10.31 6.76 -10.30
N LYS C 425 -11.15 7.69 -9.84
CA LYS C 425 -11.59 8.78 -10.70
C LYS C 425 -10.41 9.62 -11.16
N LYS C 426 -9.44 9.86 -10.29
CA LYS C 426 -8.29 10.66 -10.66
C LYS C 426 -7.32 9.90 -11.56
N LEU C 427 -7.38 8.58 -11.59
CA LEU C 427 -6.46 7.79 -12.38
C LEU C 427 -6.98 7.48 -13.77
N PHE C 428 -8.28 7.53 -13.97
CA PHE C 428 -8.88 7.15 -15.24
C PHE C 428 -9.67 8.25 -15.91
N THR C 429 -10.45 9.02 -15.15
CA THR C 429 -11.34 10.03 -15.70
C THR C 429 -10.82 11.43 -15.39
N ARG C 430 -11.22 12.37 -16.23
CA ARG C 430 -10.95 13.79 -16.01
C ARG C 430 -12.22 14.43 -15.46
N GLU C 431 -12.09 15.15 -14.35
CA GLU C 431 -13.26 15.69 -13.67
C GLU C 431 -14.01 16.69 -14.54
N PHE C 432 -13.29 17.54 -15.26
CA PHE C 432 -13.85 18.62 -16.06
C PHE C 432 -13.28 18.57 -17.47
N PRO C 433 -13.95 19.19 -18.43
CA PRO C 433 -13.37 19.28 -19.78
C PRO C 433 -12.32 20.37 -19.86
N LEU C 434 -11.35 20.15 -20.75
CA LEU C 434 -10.29 21.13 -20.95
C LEU C 434 -10.89 22.43 -21.49
N ASP C 435 -10.48 23.55 -20.89
CA ASP C 435 -11.05 24.85 -21.21
C ASP C 435 -10.36 25.40 -22.46
N ILE C 436 -10.75 24.85 -23.61
CA ILE C 436 -10.29 25.34 -24.91
C ILE C 436 -11.48 25.92 -25.64
N ASP C 437 -11.20 26.86 -26.55
CA ASP C 437 -12.24 27.64 -27.18
C ASP C 437 -13.17 26.77 -28.02
N GLU C 438 -14.24 27.36 -28.55
CA GLU C 438 -15.20 26.61 -29.36
C GLU C 438 -14.67 26.30 -30.75
N SER C 439 -13.75 27.11 -31.27
CA SER C 439 -13.29 26.95 -32.64
C SER C 439 -12.67 25.58 -32.88
N PHE C 440 -12.21 24.90 -31.83
CA PHE C 440 -11.52 23.63 -31.96
C PHE C 440 -12.45 22.43 -32.03
N ILE C 441 -13.76 22.64 -31.96
CA ILE C 441 -14.73 21.56 -32.02
C ILE C 441 -15.08 21.29 -33.48
N PHE C 442 -14.96 20.04 -33.89
CA PHE C 442 -15.29 19.64 -35.26
C PHE C 442 -16.80 19.53 -35.42
PA FAD D . -15.63 -39.58 12.17
O1A FAD D . -14.73 -38.79 13.04
O2A FAD D . -16.92 -39.98 12.85
O5B FAD D . -14.91 -40.84 11.58
C5B FAD D . -14.49 -41.93 12.42
C4B FAD D . -15.64 -42.90 12.60
O4B FAD D . -15.63 -43.87 11.53
C3B FAD D . -15.59 -43.70 13.90
O3B FAD D . -16.88 -43.84 14.48
C2B FAD D . -15.00 -45.05 13.46
O2B FAD D . -15.45 -46.11 14.29
C1B FAD D . -15.58 -45.18 12.06
N9A FAD D . -14.78 -46.00 11.17
C8A FAD D . -13.46 -45.82 10.84
N7A FAD D . -12.97 -46.72 10.02
C5A FAD D . -14.05 -47.57 9.79
C6A FAD D . -14.20 -48.73 9.02
N6A FAD D . -13.22 -49.26 8.29
N1A FAD D . -15.40 -49.34 9.02
C2A FAD D . -16.39 -48.82 9.75
N3A FAD D . -16.37 -47.72 10.52
C4A FAD D . -15.16 -47.14 10.50
N1 FAD D . -14.90 -31.15 15.25
C2 FAD D . -15.54 -30.19 15.97
O2 FAD D . -16.55 -29.62 15.55
N3 FAD D . -15.07 -29.85 17.22
C4 FAD D . -13.96 -30.38 17.84
O4 FAD D . -13.63 -29.99 18.96
C4X FAD D . -13.29 -31.39 17.07
N5 FAD D . -12.24 -31.95 17.57
C5X FAD D . -11.59 -32.92 16.83
C6 FAD D . -10.46 -33.52 17.38
C7 FAD D . -9.77 -34.50 16.67
C7M FAD D . -8.55 -35.13 17.30
C8 FAD D . -10.21 -34.89 15.40
C8M FAD D . -9.49 -35.95 14.61
C9 FAD D . -11.34 -34.29 14.86
C9A FAD D . -12.04 -33.30 15.56
N10 FAD D . -13.18 -32.67 15.04
C10 FAD D . -13.84 -31.71 15.77
C1' FAD D . -13.71 -33.04 13.73
C2' FAD D . -14.66 -34.22 13.78
O2' FAD D . -13.95 -35.43 14.03
C3' FAD D . -15.40 -34.34 12.46
O3' FAD D . -16.18 -33.17 12.25
C4' FAD D . -16.31 -35.55 12.42
O4' FAD D . -15.63 -36.65 13.01
C5' FAD D . -16.74 -35.91 11.01
O5' FAD D . -17.70 -36.99 11.07
P FAD D . -17.43 -38.36 10.35
O1P FAD D . -18.40 -39.38 10.73
O2P FAD D . -17.34 -38.10 8.84
O3P FAD D . -16.00 -38.75 10.86
C02 WTQ E . -10.31 -29.26 19.04
C03 WTQ E . -10.09 -29.76 17.75
C04 WTQ E . -10.68 -29.11 16.67
C05 WTQ E . -11.48 -27.98 16.86
C06 WTQ E . -11.68 -27.51 18.18
N08 WTQ E . -11.09 -28.16 19.22
O01 WTQ E . -9.72 -29.88 20.14
O07 WTQ E . -12.47 -26.40 18.41
PA FAD F . 14.00 32.43 11.01
O1A FAD F . 13.46 32.48 9.64
O2A FAD F . 13.00 32.05 12.09
O5B FAD F . 14.68 33.79 11.36
C5B FAD F . 14.16 35.05 10.86
C4B FAD F . 13.14 35.61 11.81
O4B FAD F . 12.84 36.98 11.43
C3B FAD F . 11.79 34.88 11.82
O3B FAD F . 11.23 34.81 13.13
C2B FAD F . 10.94 35.72 10.88
O2B FAD F . 9.56 35.58 11.16
C1B FAD F . 11.46 37.11 11.20
N9A FAD F . 11.26 38.08 10.12
C8A FAD F . 10.22 38.11 9.22
N7A FAD F . 10.29 39.10 8.37
C5A FAD F . 11.45 39.77 8.73
C6A FAD F . 12.09 40.91 8.21
N6A FAD F . 11.63 41.62 7.17
N1A FAD F . 13.23 41.31 8.81
C2A FAD F . 13.70 40.62 9.84
N3A FAD F . 13.19 39.53 10.41
C4A FAD F . 12.06 39.15 9.80
N1 FAD F . 12.94 23.46 14.37
C2 FAD F . 13.64 22.44 14.95
O2 FAD F . 14.64 21.96 14.42
N3 FAD F . 13.23 21.93 16.16
C4 FAD F . 12.14 22.35 16.88
O4 FAD F . 11.88 21.81 17.97
C4X FAD F . 11.40 23.42 16.26
N5 FAD F . 10.35 23.87 16.88
C5X FAD F . 9.64 24.89 16.29
C6 FAD F . 8.51 25.39 16.95
C7 FAD F . 7.76 26.42 16.40
C7M FAD F . 6.55 26.92 17.14
C8 FAD F . 8.13 26.97 15.16
C8M FAD F . 7.34 28.08 14.53
C9 FAD F . 9.26 26.48 14.51
C9A FAD F . 10.01 25.45 15.06
N10 FAD F . 11.15 24.92 14.43
C10 FAD F . 11.87 23.90 15.00
C1' FAD F . 11.60 25.45 13.13
C2' FAD F . 12.70 26.50 13.28
O2' FAD F . 12.15 27.76 13.65
C3' FAD F . 13.42 26.63 11.93
O3' FAD F . 14.02 25.39 11.62
C4' FAD F . 14.49 27.72 11.92
O4' FAD F . 14.00 28.82 12.70
C5' FAD F . 14.80 28.18 10.51
O5' FAD F . 15.89 29.11 10.55
P FAD F . 15.75 30.53 9.89
O1P FAD F . 17.07 31.02 9.50
O2P FAD F . 14.71 30.48 8.77
O3P FAD F . 15.19 31.39 11.09
C02 WTQ G . 8.88 21.52 19.29
C03 WTQ G . 7.89 21.92 18.38
C04 WTQ G . 7.79 21.25 17.16
C05 WTQ G . 8.65 20.20 16.86
C06 WTQ G . 9.64 19.83 17.80
N08 WTQ G . 9.72 20.50 18.98
O01 WTQ G . 9.00 22.18 20.51
O07 WTQ G . 10.53 18.80 17.52
CBX DR9 H . 5.01 -11.04 6.40
CBV DR9 H . 3.88 -11.77 5.72
CBS DR9 H . 3.24 -12.80 6.58
CBH DR9 H . 2.79 -12.25 7.91
CAQ DR9 H . 1.33 -11.91 7.97
CAP DR9 H . 0.41 -13.10 7.97
CAO DR9 H . -0.88 -12.88 7.21
CAN DR9 H . -0.96 -13.58 5.90
CAM DR9 H . -2.27 -13.38 5.21
CAL DR9 H . -3.13 -12.45 5.48
CAK DR9 H . -4.57 -12.46 5.09
CAJ DR9 H . -5.34 -11.29 5.63
CAI DR9 H . -4.49 -10.06 5.94
CAH DR9 H . -5.10 -8.77 5.48
CAG DR9 H . -4.96 -8.51 4.00
CAF DR9 H . -6.27 -8.37 3.26
CAE DR9 H . -7.29 -7.59 4.03
CAD DR9 H . -8.60 -8.32 4.18
OAA DR9 H . -9.52 -8.25 3.41
OAC DR9 H . -8.61 -9.06 5.28
CAB DR9 H . -9.69 -10.02 5.39
CBE DR9 H . -9.10 -11.39 5.58
CBK DR9 H . -8.95 -12.15 4.28
OBL DR9 H . -10.07 -13.06 4.10
PBM DR9 H . -10.76 -13.19 2.66
OBU DR9 H . -11.29 -11.82 2.30
OBF DR9 H . -11.69 -14.37 2.69
OBN DR9 H . -9.54 -13.53 1.69
CBO DR9 H . -9.36 -12.76 0.47
CBP DR9 H . -7.99 -12.13 0.46
OBG DR9 H . -7.14 -12.81 1.39
CBQ DR9 H . -8.01 -10.64 0.76
OBR DR9 H . -9.17 -10.27 1.51
OBD DR9 H . -9.91 -12.16 6.49
CBC DR9 H . -9.30 -13.02 7.32
OBJ DR9 H . -8.91 -14.10 6.96
CBB DR9 H . -9.19 -12.50 8.72
CBA DR9 H . -10.47 -12.56 9.47
CAZ DR9 H . -10.30 -13.11 10.88
CAY DR9 H . -10.94 -14.45 11.11
CAX DR9 H . -11.92 -14.49 12.26
CAW DR9 H . -11.38 -15.17 13.50
CAV DR9 H . -11.99 -16.50 13.80
CAU DR9 H . -11.81 -16.93 15.22
CAT DR9 H . -11.29 -18.06 15.62
CAS DR9 H . -9.84 -18.39 15.62
CAR DR9 H . -8.96 -17.20 15.87
CBI DR9 H . -7.75 -17.13 14.96
CBT DR9 H . -7.27 -18.47 14.47
CBW DR9 H . -5.83 -18.49 14.04
CBY DR9 H . -5.32 -17.15 13.56
CBX DR9 I . -0.06 0.50 2.26
CBV DR9 I . -1.41 0.64 1.64
CBS DR9 I . -2.32 1.60 2.38
CBH DR9 I . -3.17 0.93 3.44
CAQ DR9 I . -4.41 1.71 3.81
CAP DR9 I . -4.16 3.16 4.15
CAO DR9 I . -4.44 3.51 5.60
CAN DR9 I . -3.85 4.82 6.04
CAM DR9 I . -3.12 4.74 7.33
CAL DR9 I . -1.82 4.88 7.47
CAK DR9 I . -0.78 4.38 6.52
CAJ DR9 I . 0.05 5.47 5.92
CAI DR9 I . 0.31 5.31 4.44
CAH DR9 I . 1.41 4.33 4.11
CAG DR9 I . 2.79 4.93 4.08
CAF DR9 I . 3.63 4.47 2.91
CAE DR9 I . 4.27 3.14 3.15
CAD DR9 I . 5.60 2.98 2.46
OAA DR9 I . 5.80 3.22 1.30
OAC DR9 I . 6.54 2.50 3.27
CAB DR9 I . 6.35 2.74 4.69
CBE DR9 I . 7.34 3.78 5.15
CBK DR9 I . 8.57 3.86 4.29
OBL DR9 I . 8.57 5.12 3.57
PBM DR9 I . 8.80 5.11 1.98
OBU DR9 I . 10.16 5.66 1.70
OBF DR9 I . 7.59 5.72 1.32
OBN DR9 I . 8.80 3.54 1.67
CBO DR9 I . 9.43 3.05 0.45
CBP DR9 I . 9.56 1.54 0.56
OBG DR9 I . 8.35 0.92 0.13
CBQ DR9 I . 9.90 1.08 1.97
OBR DR9 I . 8.73 0.84 2.74
OBD DR9 I . 7.76 3.51 6.51
CBC DR9 I . 7.80 4.55 7.37
OBJ DR9 I . 7.53 5.67 7.03
CBB DR9 I . 8.20 4.15 8.76
CBA DR9 I . 8.03 5.24 9.76
CAZ DR9 I . 9.34 5.96 10.08
CAY DR9 I . 9.23 7.00 11.17
CAX DR9 I . 10.45 7.12 12.04
CAW DR9 I . 10.17 7.42 13.50
CAV DR9 I . 10.65 8.77 13.96
CAU DR9 I . 9.91 9.29 15.15
CAT DR9 I . 9.37 10.46 15.26
CAS DR9 I . 7.90 10.73 15.37
CAR DR9 I . 7.11 9.49 15.61
CBI DR9 I . 5.96 9.28 14.63
CBT DR9 I . 5.51 10.53 13.94
CBW DR9 I . 4.15 10.43 13.31
CBY DR9 I . 3.65 9.02 13.12
PA FAD J . 6.19 9.88 -30.18
O1A FAD J . 7.11 10.69 -29.36
O2A FAD J . 6.35 8.36 -30.04
O5B FAD J . 6.31 10.29 -31.68
C5B FAD J . 7.56 10.71 -32.25
C4B FAD J . 8.31 9.52 -32.80
O4B FAD J . 9.42 9.98 -33.60
C3B FAD J . 8.91 8.59 -31.74
O3B FAD J . 8.84 7.22 -32.12
C2B FAD J . 10.36 9.08 -31.65
O2B FAD J . 11.23 8.06 -31.18
C1B FAD J . 10.62 9.44 -33.11
N9A FAD J . 11.69 10.42 -33.28
C8A FAD J . 12.80 10.58 -32.51
N7A FAD J . 13.60 11.54 -32.91
C5A FAD J . 12.96 12.05 -34.03
C6A FAD J . 13.30 13.09 -34.92
N6A FAD J . 14.41 13.84 -34.81
N1A FAD J . 12.45 13.34 -35.94
C2A FAD J . 11.34 12.60 -36.05
N3A FAD J . 10.92 11.61 -35.27
C4A FAD J . 11.78 11.38 -34.27
N1 FAD J . 0.85 4.45 -24.25
C2 FAD J . -0.44 4.13 -23.98
O2 FAD J . -1.28 5.00 -23.70
N3 FAD J . -0.85 2.81 -24.01
C4 FAD J . -0.05 1.73 -24.30
O4 FAD J . -0.54 0.61 -24.31
C4X FAD J . 1.32 2.08 -24.60
N5 FAD J . 2.14 1.12 -24.87
C5X FAD J . 3.45 1.44 -25.16
C6 FAD J . 4.34 0.41 -25.48
C7 FAD J . 5.68 0.69 -25.76
C7M FAD J . 6.61 -0.45 -26.10
C8 FAD J . 6.13 2.02 -25.74
C8M FAD J . 7.56 2.35 -26.05
C9 FAD J . 5.25 3.04 -25.43
C9A FAD J . 3.91 2.77 -25.14
N10 FAD J . 2.99 3.78 -24.82
C10 FAD J . 1.68 3.46 -24.54
C1' FAD J . 3.39 5.18 -24.77
C2' FAD J . 3.09 5.93 -26.07
O2' FAD J . 4.08 5.63 -27.06
C3' FAD J . 3.10 7.43 -25.79
O3' FAD J . 2.08 7.71 -24.85
C4' FAD J . 2.91 8.29 -27.03
O4' FAD J . 3.60 7.66 -28.11
C5' FAD J . 3.42 9.69 -26.82
O5' FAD J . 3.10 10.48 -27.98
P FAD J . 4.21 11.28 -28.74
O1P FAD J . 3.63 12.44 -29.41
O2P FAD J . 5.37 11.58 -27.78
O3P FAD J . 4.69 10.22 -29.81
CBX DR9 K . 2.67 0.55 5.69
CBV DR9 K . 3.49 -0.25 4.70
CBS DR9 K . 4.30 -1.36 5.32
CBH DR9 K . 5.59 -1.67 4.60
CAQ DR9 K . 5.69 -1.05 3.22
CAP DR9 K . 6.51 -1.85 2.25
CAO DR9 K . 5.78 -3.05 1.66
CAN DR9 K . 6.00 -3.25 0.19
CAM DR9 K . 4.92 -2.64 -0.64
CAL DR9 K . 3.67 -2.49 -0.29
CAK DR9 K . 2.97 -1.18 -0.09
CAJ DR9 K . 3.44 -0.15 -1.05
CAI DR9 K . 3.67 1.22 -0.42
CAH DR9 K . 2.45 2.12 -0.43
CAG DR9 K . 2.77 3.57 -0.66
CAF DR9 K . 1.70 4.53 -0.19
CAE DR9 K . 0.51 3.82 0.36
CAD DR9 K . -0.69 4.71 0.55
OAA DR9 K . -0.65 5.87 0.85
OAC DR9 K . -1.83 4.05 0.35
CAB DR9 K . -2.83 4.72 -0.44
CBE DR9 K . -2.53 4.48 -1.91
CBK DR9 K . -2.38 5.75 -2.70
OBL DR9 K . -2.07 6.83 -1.79
PBM DR9 K . -1.62 8.26 -2.40
OBU DR9 K . -0.54 8.03 -3.43
OBF DR9 K . -1.38 9.20 -1.25
OBN DR9 K . -2.94 8.74 -3.16
CBO DR9 K . -4.13 9.08 -2.39
CBP DR9 K . -4.80 10.26 -3.04
OBG DR9 K . -5.34 9.87 -4.30
CBQ DR9 K . -3.89 11.46 -3.20
OBR DR9 K . -2.87 11.48 -2.21
OBD DR9 K . -3.60 3.68 -2.48
CBC DR9 K . -3.32 2.86 -3.50
OBJ DR9 K . -2.26 2.85 -4.07
CBB DR9 K . -4.47 1.97 -3.87
CBA DR9 K . -4.17 1.04 -5.00
CAZ DR9 K . -5.15 1.19 -6.15
CAY DR9 K . -4.51 1.34 -7.51
CAX DR9 K . -5.47 1.27 -8.67
CAW DR9 K . -5.30 0.04 -9.55
CAV DR9 K . -5.92 0.16 -10.90
CAU DR9 K . -4.96 -0.08 -12.02
CAT DR9 K . -4.45 -1.24 -12.35
CAS DR9 K . -3.06 -1.48 -12.85
CAR DR9 K . -2.53 -2.83 -12.51
CBI DR9 K . -1.81 -2.89 -11.18
CBT DR9 K . -0.56 -2.06 -11.12
CBW DR9 K . 0.49 -2.56 -10.17
CBY DR9 K . -0.05 -3.49 -9.11
C02 WTQ L . 1.30 -2.39 -23.31
C03 WTQ L . 2.42 -1.55 -23.19
C04 WTQ L . 2.41 -0.54 -22.24
C05 WTQ L . 1.30 -0.37 -21.41
C06 WTQ L . 0.20 -1.23 -21.55
N08 WTQ L . 0.23 -2.20 -22.49
O01 WTQ L . 1.29 -3.40 -24.26
O07 WTQ L . -0.92 -1.08 -20.74
#